data_7BPL
#
_entry.id   7BPL
#
_entity_poly.entity_id   1
_entity_poly.type   'polypeptide(L)'
_entity_poly.pdbx_seq_one_letter_code
;GDADKIMEQAKRQDPNAQVYKVTTPDEIEEAVRRIEKYGAQVVLIIYTSSGIVILVAVRDPSQADQILKEAKKQNPSATF
VRLEGVSPDDLRRQVEDVWRGSLEHHHHHH
;
_entity_poly.pdbx_strand_id   A
#
# COMPACT_ATOMS: atom_id res chain seq x y z
N GLY A 1 10.55 -7.96 10.85
CA GLY A 1 10.80 -6.50 10.92
C GLY A 1 9.53 -5.69 10.71
N ASP A 2 9.66 -4.39 10.53
CA ASP A 2 8.53 -3.44 10.46
C ASP A 2 7.59 -3.73 9.27
N ALA A 3 8.13 -4.11 8.12
CA ALA A 3 7.35 -4.52 6.95
C ALA A 3 6.45 -5.73 7.23
N ASP A 4 6.98 -6.75 7.92
CA ASP A 4 6.25 -7.97 8.28
C ASP A 4 5.14 -7.71 9.31
N LYS A 5 5.39 -6.77 10.24
CA LYS A 5 4.39 -6.30 11.21
C LYS A 5 3.26 -5.57 10.50
N ILE A 6 3.59 -4.64 9.60
CA ILE A 6 2.59 -3.80 8.94
C ILE A 6 1.68 -4.62 8.03
N MET A 7 2.21 -5.64 7.35
CA MET A 7 1.40 -6.48 6.47
C MET A 7 0.44 -7.37 7.29
N GLU A 8 0.89 -7.82 8.45
CA GLU A 8 0.08 -8.62 9.38
C GLU A 8 -0.98 -7.77 10.10
N GLN A 9 -0.75 -6.47 10.31
CA GLN A 9 -1.76 -5.57 10.86
C GLN A 9 -3.03 -5.48 10.01
N ALA A 10 -2.91 -5.68 8.69
CA ALA A 10 -4.08 -5.83 7.84
C ALA A 10 -4.77 -7.19 8.04
N LYS A 11 -3.99 -8.28 8.05
CA LYS A 11 -4.51 -9.66 8.18
C LYS A 11 -5.12 -9.96 9.54
N ARG A 12 -4.63 -9.31 10.62
CA ARG A 12 -5.15 -9.48 11.99
C ARG A 12 -6.54 -8.89 12.18
N GLN A 13 -6.86 -7.86 11.39
CA GLN A 13 -8.15 -7.18 11.36
C GLN A 13 -9.10 -7.82 10.34
N ASP A 14 -8.59 -8.12 9.15
CA ASP A 14 -9.32 -8.80 8.08
C ASP A 14 -8.39 -9.77 7.30
N PRO A 15 -8.43 -11.09 7.56
CA PRO A 15 -7.53 -12.07 6.96
C PRO A 15 -7.79 -12.28 5.46
N ASN A 16 -8.95 -11.84 4.97
CA ASN A 16 -9.33 -11.86 3.56
C ASN A 16 -8.60 -10.78 2.74
N ALA A 17 -8.16 -9.68 3.37
CA ALA A 17 -7.43 -8.60 2.70
C ALA A 17 -6.17 -9.13 2.02
N GLN A 18 -5.93 -8.68 0.79
CA GLN A 18 -4.76 -9.10 0.02
C GLN A 18 -3.62 -8.11 0.25
N VAL A 19 -2.47 -8.60 0.73
CA VAL A 19 -1.28 -7.77 1.00
C VAL A 19 -0.03 -8.38 0.37
N TYR A 20 0.77 -7.53 -0.29
CA TYR A 20 2.02 -7.90 -0.94
C TYR A 20 3.12 -6.88 -0.69
N LYS A 21 4.36 -7.33 -0.57
CA LYS A 21 5.54 -6.49 -0.36
C LYS A 21 6.52 -6.63 -1.53
N VAL A 22 6.89 -5.50 -2.13
CA VAL A 22 7.77 -5.43 -3.28
C VAL A 22 8.92 -4.46 -3.06
N THR A 23 10.07 -4.75 -3.67
CA THR A 23 11.28 -3.94 -3.61
C THR A 23 11.69 -3.32 -4.95
N THR A 24 11.00 -3.67 -6.05
CA THR A 24 11.31 -3.26 -7.43
C THR A 24 10.07 -2.82 -8.22
N PRO A 25 10.22 -2.02 -9.31
CA PRO A 25 9.11 -1.69 -10.22
C PRO A 25 8.62 -2.91 -11.02
N ASP A 26 9.50 -3.87 -11.31
CA ASP A 26 9.15 -5.10 -12.02
C ASP A 26 8.30 -6.04 -11.15
N GLU A 27 8.45 -5.97 -9.82
CA GLU A 27 7.57 -6.64 -8.87
C GLU A 27 6.22 -5.92 -8.70
N ILE A 28 6.20 -4.58 -8.78
CA ILE A 28 4.96 -3.78 -8.68
C ILE A 28 3.95 -4.17 -9.75
N GLU A 29 4.37 -4.30 -11.01
CA GLU A 29 3.48 -4.73 -12.10
C GLU A 29 2.88 -6.14 -11.92
N GLU A 30 3.46 -7.00 -11.07
CA GLU A 30 2.83 -8.25 -10.63
C GLU A 30 1.81 -8.02 -9.50
N ALA A 31 2.14 -7.18 -8.50
CA ALA A 31 1.30 -6.93 -7.33
C ALA A 31 -0.01 -6.24 -7.72
N VAL A 32 0.06 -5.19 -8.52
CA VAL A 32 -1.09 -4.46 -9.07
C VAL A 32 -1.97 -5.34 -9.95
N ARG A 33 -1.40 -6.33 -10.64
CA ARG A 33 -2.11 -7.22 -11.57
C ARG A 33 -3.02 -8.23 -10.87
N ARG A 34 -2.63 -8.73 -9.69
CA ARG A 34 -3.44 -9.61 -8.84
C ARG A 34 -4.36 -8.83 -7.93
N ILE A 35 -3.91 -7.66 -7.44
CA ILE A 35 -4.78 -6.73 -6.71
C ILE A 35 -5.86 -6.14 -7.61
N GLU A 36 -5.63 -5.96 -8.91
CA GLU A 36 -6.58 -5.30 -9.82
C GLU A 36 -8.02 -5.85 -9.68
N LYS A 37 -8.16 -7.16 -9.44
CA LYS A 37 -9.48 -7.80 -9.25
C LYS A 37 -10.15 -7.40 -7.92
N TYR A 38 -9.38 -7.38 -6.83
CA TYR A 38 -9.79 -7.16 -5.44
C TYR A 38 -9.86 -5.67 -5.05
N GLY A 39 -8.78 -4.94 -5.34
CA GLY A 39 -8.59 -3.49 -5.20
C GLY A 39 -9.52 -2.65 -6.09
N ALA A 40 -10.23 -3.30 -7.00
CA ALA A 40 -11.35 -2.68 -7.74
C ALA A 40 -12.39 -2.02 -6.78
N GLN A 41 -12.45 -2.45 -5.52
CA GLN A 41 -13.20 -1.80 -4.44
C GLN A 41 -12.36 -0.72 -3.73
N VAL A 42 -11.35 -1.11 -2.94
CA VAL A 42 -10.56 -0.21 -2.07
C VAL A 42 -9.10 -0.69 -1.98
N VAL A 43 -8.15 0.24 -2.02
CA VAL A 43 -6.69 -0.01 -1.99
C VAL A 43 -6.00 0.94 -1.01
N LEU A 44 -4.89 0.49 -0.44
CA LEU A 44 -3.96 1.28 0.36
C LEU A 44 -2.51 1.02 -0.06
N ILE A 45 -1.73 2.08 -0.21
CA ILE A 45 -0.28 2.03 -0.48
C ILE A 45 0.47 2.39 0.81
N ILE A 46 1.43 1.56 1.22
CA ILE A 46 2.25 1.73 2.40
C ILE A 46 3.74 1.79 2.02
N TYR A 47 4.48 2.76 2.57
CA TYR A 47 5.88 3.05 2.22
C TYR A 47 6.78 3.03 3.46
N THR A 48 7.51 1.91 3.60
CA THR A 48 8.39 1.64 4.75
C THR A 48 9.88 1.58 4.37
N SER A 49 10.75 2.01 5.30
CA SER A 49 12.22 2.06 5.13
C SER A 49 12.67 2.81 3.86
N SER A 50 13.83 2.45 3.30
CA SER A 50 14.53 3.18 2.21
C SER A 50 14.00 2.94 0.79
N GLY A 51 12.94 2.14 0.60
CA GLY A 51 12.41 1.81 -0.73
C GLY A 51 11.44 0.64 -0.82
N ILE A 52 11.18 -0.08 0.28
CA ILE A 52 10.18 -1.15 0.32
C ILE A 52 8.76 -0.56 0.25
N VAL A 53 7.98 -1.03 -0.72
CA VAL A 53 6.59 -0.63 -0.91
C VAL A 53 5.71 -1.85 -0.63
N ILE A 54 4.70 -1.67 0.22
CA ILE A 54 3.73 -2.70 0.58
C ILE A 54 2.36 -2.25 0.07
N LEU A 55 1.70 -3.11 -0.70
CA LEU A 55 0.42 -2.84 -1.36
C LEU A 55 -0.65 -3.70 -0.69
N VAL A 56 -1.66 -3.06 -0.11
CA VAL A 56 -2.79 -3.76 0.54
C VAL A 56 -4.13 -3.41 -0.11
N ALA A 57 -5.05 -4.37 -0.22
CA ALA A 57 -6.39 -4.16 -0.78
C ALA A 57 -7.50 -4.90 -0.04
N VAL A 58 -8.69 -4.30 -0.06
CA VAL A 58 -9.90 -4.69 0.68
C VAL A 58 -11.17 -4.48 -0.16
N ARG A 59 -12.25 -5.23 0.15
CA ARG A 59 -13.56 -5.10 -0.51
C ARG A 59 -14.54 -4.16 0.20
N ASP A 60 -14.21 -3.67 1.39
CA ASP A 60 -15.00 -2.71 2.16
C ASP A 60 -14.11 -1.56 2.68
N PRO A 61 -14.52 -0.28 2.52
CA PRO A 61 -13.77 0.88 3.01
C PRO A 61 -13.56 0.92 4.54
N SER A 62 -14.48 0.37 5.32
CA SER A 62 -14.38 0.32 6.79
C SER A 62 -13.16 -0.49 7.26
N GLN A 63 -12.86 -1.60 6.58
CA GLN A 63 -11.69 -2.44 6.83
C GLN A 63 -10.39 -1.66 6.59
N ALA A 64 -10.29 -0.93 5.47
CA ALA A 64 -9.14 -0.06 5.20
C ALA A 64 -8.97 1.04 6.25
N ASP A 65 -10.05 1.73 6.64
CA ASP A 65 -10.01 2.79 7.65
C ASP A 65 -9.56 2.25 9.01
N GLN A 66 -10.13 1.13 9.46
CA GLN A 66 -9.75 0.47 10.71
C GLN A 66 -8.29 0.01 10.69
N ILE A 67 -7.86 -0.68 9.62
CA ILE A 67 -6.49 -1.19 9.50
C ILE A 67 -5.50 -0.02 9.48
N LEU A 68 -5.80 1.04 8.74
CA LEU A 68 -4.99 2.25 8.66
C LEU A 68 -4.85 2.91 10.03
N LYS A 69 -5.93 3.05 10.80
CA LYS A 69 -5.93 3.63 12.15
C LYS A 69 -5.00 2.87 13.10
N GLU A 70 -5.03 1.53 13.12
CA GLU A 70 -4.07 0.74 13.92
C GLU A 70 -2.64 0.89 13.39
N ALA A 71 -2.46 0.86 12.08
CA ALA A 71 -1.15 0.91 11.45
C ALA A 71 -0.46 2.27 11.63
N LYS A 72 -1.22 3.38 11.62
CA LYS A 72 -0.73 4.73 11.96
C LYS A 72 -0.27 4.85 13.40
N LYS A 73 -1.09 4.35 14.34
CA LYS A 73 -0.84 4.42 15.79
C LYS A 73 0.37 3.59 16.20
N GLN A 74 0.59 2.45 15.54
CA GLN A 74 1.77 1.61 15.73
C GLN A 74 3.02 2.13 14.97
N ASN A 75 2.84 2.68 13.76
CA ASN A 75 3.91 3.10 12.85
C ASN A 75 3.60 4.49 12.24
N PRO A 76 4.01 5.61 12.87
CA PRO A 76 3.57 6.95 12.47
C PRO A 76 4.17 7.45 11.14
N SER A 77 5.37 7.00 10.79
CA SER A 77 6.14 7.40 9.59
C SER A 77 5.91 6.51 8.35
N ALA A 78 5.07 5.47 8.46
CA ALA A 78 4.85 4.45 7.44
C ALA A 78 4.13 4.92 6.15
N THR A 79 3.61 6.15 6.15
CA THR A 79 3.03 6.88 5.01
C THR A 79 1.99 6.08 4.20
N PHE A 80 0.73 6.27 4.59
CA PHE A 80 -0.44 5.59 4.04
C PHE A 80 -1.11 6.42 2.94
N VAL A 81 -1.51 5.79 1.84
CA VAL A 81 -2.26 6.47 0.75
C VAL A 81 -3.48 5.64 0.37
N ARG A 82 -4.68 6.14 0.69
CA ARG A 82 -5.96 5.49 0.40
C ARG A 82 -6.39 5.73 -1.05
N LEU A 83 -6.83 4.68 -1.72
CA LEU A 83 -7.25 4.66 -3.12
C LEU A 83 -8.70 4.15 -3.26
N GLU A 84 -9.49 4.94 -3.98
CA GLU A 84 -10.91 4.65 -4.29
C GLU A 84 -11.32 5.24 -5.64
N GLY A 85 -11.03 6.52 -5.89
CA GLY A 85 -11.41 7.25 -7.11
C GLY A 85 -10.54 6.98 -8.34
N VAL A 86 -9.33 6.41 -8.15
CA VAL A 86 -8.41 6.01 -9.23
C VAL A 86 -8.69 4.56 -9.64
N SER A 87 -8.73 4.30 -10.95
CA SER A 87 -8.90 2.96 -11.52
C SER A 87 -7.82 1.96 -11.06
N PRO A 88 -8.13 0.65 -10.97
CA PRO A 88 -7.20 -0.38 -10.49
C PRO A 88 -5.96 -0.56 -11.38
N ASP A 89 -6.05 -0.22 -12.67
CA ASP A 89 -4.87 -0.15 -13.55
C ASP A 89 -4.11 1.19 -13.45
N ASP A 90 -4.78 2.29 -13.13
CA ASP A 90 -4.15 3.62 -12.95
C ASP A 90 -3.40 3.72 -11.62
N LEU A 91 -3.80 2.92 -10.63
CA LEU A 91 -3.10 2.67 -9.36
C LEU A 91 -1.59 2.42 -9.56
N ARG A 92 -1.19 1.82 -10.70
CA ARG A 92 0.21 1.60 -11.06
C ARG A 92 1.01 2.88 -10.95
N ARG A 93 0.51 3.98 -11.50
CA ARG A 93 1.19 5.28 -11.53
C ARG A 93 1.39 5.86 -10.13
N GLN A 94 0.42 5.66 -9.24
CA GLN A 94 0.47 6.08 -7.83
C GLN A 94 1.47 5.25 -7.02
N VAL A 95 1.51 3.94 -7.23
CA VAL A 95 2.45 3.01 -6.58
C VAL A 95 3.87 3.24 -7.08
N GLU A 96 4.06 3.35 -8.38
CA GLU A 96 5.36 3.55 -9.00
C GLU A 96 5.96 4.91 -8.63
N ASP A 97 5.17 5.99 -8.55
CA ASP A 97 5.66 7.30 -8.08
C ASP A 97 6.16 7.26 -6.62
N VAL A 98 5.55 6.41 -5.78
CA VAL A 98 5.99 6.14 -4.40
C VAL A 98 7.27 5.32 -4.37
N TRP A 99 7.44 4.36 -5.30
CA TRP A 99 8.70 3.63 -5.48
C TRP A 99 9.84 4.56 -5.90
N ARG A 100 9.62 5.38 -6.94
CA ARG A 100 10.60 6.35 -7.47
C ARG A 100 10.97 7.41 -6.44
N GLY A 101 10.01 7.92 -5.68
CA GLY A 101 10.22 8.96 -4.66
C GLY A 101 11.25 8.59 -3.58
N SER A 102 11.41 7.29 -3.31
CA SER A 102 12.42 6.77 -2.39
C SER A 102 13.88 6.92 -2.88
N LEU A 103 14.09 6.91 -4.21
CA LEU A 103 15.41 7.01 -4.85
C LEU A 103 15.69 8.41 -5.41
N GLU A 104 14.66 8.98 -6.06
CA GLU A 104 14.66 10.25 -6.79
C GLU A 104 13.70 11.21 -6.08
N HIS A 105 14.21 11.98 -5.12
CA HIS A 105 13.41 12.84 -4.26
C HIS A 105 12.85 14.05 -5.02
N HIS A 106 11.54 14.32 -4.88
CA HIS A 106 10.83 15.44 -5.48
C HIS A 106 9.64 15.85 -4.59
N HIS A 107 9.28 17.14 -4.62
CA HIS A 107 8.21 17.70 -3.77
C HIS A 107 6.80 17.24 -4.20
N HIS A 108 6.58 17.05 -5.51
CA HIS A 108 5.32 16.61 -6.14
C HIS A 108 4.05 17.30 -5.59
N HIS A 109 4.13 18.61 -5.34
CA HIS A 109 3.00 19.43 -4.88
C HIS A 109 1.94 19.66 -5.98
N HIS A 110 0.70 19.98 -5.56
CA HIS A 110 -0.46 20.19 -6.43
C HIS A 110 -0.31 21.41 -7.37
N GLY A 1 10.72 -7.02 12.25
CA GLY A 1 10.66 -6.26 10.99
C GLY A 1 9.36 -5.49 10.86
N ASP A 2 9.43 -4.17 10.68
CA ASP A 2 8.26 -3.28 10.57
C ASP A 2 7.35 -3.64 9.38
N ALA A 3 7.93 -3.93 8.21
CA ALA A 3 7.20 -4.32 7.00
C ALA A 3 6.39 -5.60 7.22
N ASP A 4 7.00 -6.59 7.87
CA ASP A 4 6.40 -7.90 8.16
C ASP A 4 5.29 -7.83 9.21
N LYS A 5 5.37 -6.88 10.15
CA LYS A 5 4.29 -6.60 11.09
C LYS A 5 3.14 -5.89 10.40
N ILE A 6 3.43 -4.86 9.61
CA ILE A 6 2.38 -4.02 9.03
C ILE A 6 1.49 -4.82 8.07
N MET A 7 2.06 -5.80 7.36
CA MET A 7 1.29 -6.66 6.47
C MET A 7 0.33 -7.56 7.25
N GLU A 8 0.77 -8.05 8.41
CA GLU A 8 -0.03 -8.86 9.32
C GLU A 8 -1.12 -8.04 10.02
N GLN A 9 -0.90 -6.74 10.27
CA GLN A 9 -1.92 -5.84 10.84
C GLN A 9 -3.18 -5.77 9.95
N ALA A 10 -3.03 -5.90 8.62
CA ALA A 10 -4.17 -6.03 7.73
C ALA A 10 -4.86 -7.38 7.87
N LYS A 11 -4.09 -8.48 7.89
CA LYS A 11 -4.60 -9.86 7.96
C LYS A 11 -5.24 -10.21 9.31
N ARG A 12 -4.79 -9.59 10.41
CA ARG A 12 -5.34 -9.77 11.77
C ARG A 12 -6.75 -9.19 11.88
N GLN A 13 -7.01 -8.14 11.11
CA GLN A 13 -8.26 -7.37 11.10
C GLN A 13 -9.23 -7.92 10.05
N ASP A 14 -8.73 -8.24 8.86
CA ASP A 14 -9.48 -8.83 7.76
C ASP A 14 -8.60 -9.86 7.00
N PRO A 15 -8.76 -11.18 7.24
CA PRO A 15 -7.91 -12.21 6.64
C PRO A 15 -8.16 -12.39 5.13
N ASN A 16 -9.28 -11.86 4.60
CA ASN A 16 -9.62 -11.86 3.20
C ASN A 16 -9.01 -10.67 2.41
N ALA A 17 -8.46 -9.66 3.09
CA ALA A 17 -7.66 -8.59 2.46
C ALA A 17 -6.43 -9.17 1.74
N GLN A 18 -6.04 -8.57 0.63
CA GLN A 18 -4.83 -8.95 -0.10
C GLN A 18 -3.71 -7.95 0.22
N VAL A 19 -2.55 -8.45 0.63
CA VAL A 19 -1.38 -7.62 0.97
C VAL A 19 -0.09 -8.21 0.38
N TYR A 20 0.74 -7.35 -0.22
CA TYR A 20 2.03 -7.71 -0.82
C TYR A 20 3.09 -6.66 -0.54
N LYS A 21 4.34 -7.10 -0.37
CA LYS A 21 5.51 -6.25 -0.14
C LYS A 21 6.50 -6.40 -1.30
N VAL A 22 6.85 -5.28 -1.92
CA VAL A 22 7.74 -5.20 -3.06
C VAL A 22 8.88 -4.22 -2.83
N THR A 23 10.05 -4.55 -3.39
CA THR A 23 11.27 -3.76 -3.29
C THR A 23 11.73 -3.18 -4.64
N THR A 24 11.04 -3.52 -5.74
CA THR A 24 11.41 -3.19 -7.12
C THR A 24 10.19 -2.83 -7.99
N PRO A 25 10.36 -2.10 -9.12
CA PRO A 25 9.28 -1.84 -10.07
C PRO A 25 8.81 -3.10 -10.80
N ASP A 26 9.72 -4.07 -11.01
CA ASP A 26 9.40 -5.35 -11.66
C ASP A 26 8.56 -6.26 -10.73
N GLU A 27 8.69 -6.11 -9.42
CA GLU A 27 7.83 -6.78 -8.44
C GLU A 27 6.46 -6.08 -8.30
N ILE A 28 6.39 -4.75 -8.43
CA ILE A 28 5.13 -3.98 -8.38
C ILE A 28 4.11 -4.50 -9.40
N GLU A 29 4.52 -4.70 -10.66
CA GLU A 29 3.64 -5.17 -11.73
C GLU A 29 2.98 -6.56 -11.47
N GLU A 30 3.49 -7.36 -10.52
CA GLU A 30 2.76 -8.57 -10.05
C GLU A 30 1.73 -8.22 -8.97
N ALA A 31 2.08 -7.38 -8.00
CA ALA A 31 1.21 -7.04 -6.87
C ALA A 31 -0.06 -6.32 -7.34
N VAL A 32 0.10 -5.34 -8.23
CA VAL A 32 -1.01 -4.61 -8.85
C VAL A 32 -1.91 -5.49 -9.72
N ARG A 33 -1.34 -6.52 -10.35
CA ARG A 33 -2.05 -7.41 -11.29
C ARG A 33 -3.06 -8.32 -10.59
N ARG A 34 -2.71 -8.81 -9.40
CA ARG A 34 -3.55 -9.66 -8.55
C ARG A 34 -4.45 -8.84 -7.63
N ILE A 35 -3.96 -7.68 -7.18
CA ILE A 35 -4.80 -6.72 -6.47
C ILE A 35 -5.86 -6.11 -7.38
N GLU A 36 -5.61 -5.93 -8.68
CA GLU A 36 -6.55 -5.28 -9.62
C GLU A 36 -7.99 -5.72 -9.40
N LYS A 37 -8.20 -7.02 -9.17
CA LYS A 37 -9.53 -7.64 -9.02
C LYS A 37 -10.25 -7.24 -7.71
N TYR A 38 -9.46 -7.05 -6.65
CA TYR A 38 -9.88 -6.72 -5.28
C TYR A 38 -9.86 -5.21 -4.95
N GLY A 39 -8.75 -4.56 -5.29
CA GLY A 39 -8.52 -3.12 -5.27
C GLY A 39 -9.49 -2.32 -6.15
N ALA A 40 -10.20 -3.02 -7.04
CA ALA A 40 -11.35 -2.48 -7.76
C ALA A 40 -12.38 -1.80 -6.83
N GLN A 41 -12.45 -2.21 -5.55
CA GLN A 41 -13.21 -1.55 -4.49
C GLN A 41 -12.37 -0.49 -3.75
N VAL A 42 -11.39 -0.90 -2.94
CA VAL A 42 -10.61 -0.03 -2.04
C VAL A 42 -9.16 -0.51 -1.93
N VAL A 43 -8.22 0.44 -1.94
CA VAL A 43 -6.76 0.21 -1.91
C VAL A 43 -6.10 1.15 -0.91
N LEU A 44 -4.98 0.72 -0.34
CA LEU A 44 -4.06 1.52 0.47
C LEU A 44 -2.62 1.27 0.00
N ILE A 45 -1.88 2.36 -0.23
CA ILE A 45 -0.44 2.34 -0.50
C ILE A 45 0.29 2.65 0.81
N ILE A 46 1.23 1.77 1.19
CA ILE A 46 2.11 1.94 2.35
C ILE A 46 3.56 2.04 1.87
N TYR A 47 4.30 3.05 2.36
CA TYR A 47 5.69 3.33 1.98
C TYR A 47 6.59 3.42 3.22
N THR A 48 7.25 2.32 3.54
CA THR A 48 8.11 2.17 4.73
C THR A 48 9.61 2.18 4.39
N SER A 49 10.43 2.77 5.26
CA SER A 49 11.89 2.92 5.11
C SER A 49 12.31 3.56 3.77
N SER A 50 13.54 3.31 3.30
CA SER A 50 14.18 4.00 2.17
C SER A 50 13.69 3.61 0.77
N GLY A 51 12.72 2.71 0.63
CA GLY A 51 12.23 2.26 -0.68
C GLY A 51 11.29 1.04 -0.73
N ILE A 52 11.02 0.38 0.40
CA ILE A 52 10.06 -0.73 0.46
C ILE A 52 8.63 -0.20 0.36
N VAL A 53 7.87 -0.72 -0.60
CA VAL A 53 6.47 -0.37 -0.83
C VAL A 53 5.61 -1.59 -0.52
N ILE A 54 4.63 -1.43 0.35
CA ILE A 54 3.64 -2.47 0.68
C ILE A 54 2.29 -2.03 0.11
N LEU A 55 1.65 -2.91 -0.65
CA LEU A 55 0.37 -2.66 -1.32
C LEU A 55 -0.69 -3.52 -0.64
N VAL A 56 -1.71 -2.88 -0.06
CA VAL A 56 -2.85 -3.58 0.58
C VAL A 56 -4.18 -3.20 -0.07
N ALA A 57 -5.09 -4.16 -0.23
CA ALA A 57 -6.43 -3.93 -0.76
C ALA A 57 -7.52 -4.72 -0.03
N VAL A 58 -8.72 -4.13 -0.06
CA VAL A 58 -9.92 -4.53 0.68
C VAL A 58 -11.19 -4.34 -0.18
N ARG A 59 -12.22 -5.14 0.08
CA ARG A 59 -13.51 -5.03 -0.63
C ARG A 59 -14.53 -4.09 0.03
N ASP A 60 -14.24 -3.58 1.23
CA ASP A 60 -15.02 -2.52 1.89
C ASP A 60 -14.10 -1.45 2.55
N PRO A 61 -14.52 -0.18 2.62
CA PRO A 61 -13.70 0.93 3.13
C PRO A 61 -13.50 0.92 4.66
N SER A 62 -14.44 0.38 5.42
CA SER A 62 -14.36 0.30 6.89
C SER A 62 -13.19 -0.58 7.37
N GLN A 63 -12.80 -1.57 6.57
CA GLN A 63 -11.67 -2.45 6.80
C GLN A 63 -10.36 -1.68 6.60
N ALA A 64 -10.22 -0.94 5.50
CA ALA A 64 -9.07 -0.07 5.24
C ALA A 64 -8.87 0.96 6.37
N ASP A 65 -9.95 1.62 6.81
CA ASP A 65 -9.87 2.64 7.87
C ASP A 65 -9.43 2.03 9.21
N GLN A 66 -10.04 0.92 9.62
CA GLN A 66 -9.67 0.23 10.86
C GLN A 66 -8.24 -0.29 10.84
N ILE A 67 -7.78 -0.85 9.71
CA ILE A 67 -6.41 -1.35 9.57
C ILE A 67 -5.42 -0.17 9.62
N LEU A 68 -5.74 0.94 8.95
CA LEU A 68 -4.89 2.14 8.92
C LEU A 68 -4.75 2.76 10.32
N LYS A 69 -5.83 2.84 11.08
CA LYS A 69 -5.85 3.37 12.46
C LYS A 69 -4.84 2.67 13.38
N GLU A 70 -4.80 1.34 13.38
CA GLU A 70 -3.80 0.60 14.17
C GLU A 70 -2.40 0.64 13.56
N ALA A 71 -2.28 0.62 12.23
CA ALA A 71 -0.99 0.59 11.54
C ALA A 71 -0.22 1.92 11.68
N LYS A 72 -0.92 3.07 11.62
CA LYS A 72 -0.36 4.40 11.93
C LYS A 72 0.13 4.49 13.37
N LYS A 73 -0.65 3.98 14.32
CA LYS A 73 -0.31 4.02 15.76
C LYS A 73 0.94 3.19 16.07
N GLN A 74 1.05 2.00 15.45
CA GLN A 74 2.19 1.11 15.63
C GLN A 74 3.44 1.59 14.88
N ASN A 75 3.28 2.08 13.65
CA ASN A 75 4.35 2.53 12.75
C ASN A 75 4.01 3.90 12.10
N PRO A 76 4.37 5.04 12.71
CA PRO A 76 3.98 6.37 12.22
C PRO A 76 4.71 6.79 10.93
N SER A 77 5.93 6.29 10.71
CA SER A 77 6.77 6.62 9.53
C SER A 77 6.42 5.83 8.26
N ALA A 78 5.45 4.91 8.34
CA ALA A 78 5.09 3.97 7.27
C ALA A 78 4.28 4.58 6.10
N THR A 79 3.82 5.83 6.25
CA THR A 79 3.20 6.68 5.20
C THR A 79 2.08 6.00 4.41
N PHE A 80 0.84 6.23 4.84
CA PHE A 80 -0.37 5.59 4.32
C PHE A 80 -1.11 6.50 3.33
N VAL A 81 -1.53 5.96 2.18
CA VAL A 81 -2.36 6.67 1.19
C VAL A 81 -3.55 5.85 0.76
N ARG A 82 -4.77 6.27 1.15
CA ARG A 82 -6.03 5.65 0.72
C ARG A 82 -6.30 6.00 -0.74
N LEU A 83 -6.59 4.98 -1.55
CA LEU A 83 -6.87 5.12 -2.98
C LEU A 83 -8.37 5.14 -3.25
N GLU A 84 -8.81 6.14 -4.00
CA GLU A 84 -10.22 6.41 -4.28
C GLU A 84 -10.37 7.25 -5.56
N GLY A 85 -11.09 6.71 -6.55
CA GLY A 85 -11.40 7.37 -7.82
C GLY A 85 -10.37 7.15 -8.94
N VAL A 86 -9.22 6.56 -8.61
CA VAL A 86 -8.21 6.08 -9.58
C VAL A 86 -8.55 4.64 -9.97
N SER A 87 -8.48 4.34 -11.27
CA SER A 87 -8.68 2.98 -11.80
C SER A 87 -7.65 1.98 -11.25
N PRO A 88 -7.99 0.68 -11.11
CA PRO A 88 -7.09 -0.34 -10.56
C PRO A 88 -5.87 -0.60 -11.47
N ASP A 89 -5.96 -0.29 -12.77
CA ASP A 89 -4.79 -0.26 -13.67
C ASP A 89 -3.95 1.03 -13.54
N ASP A 90 -4.58 2.17 -13.20
CA ASP A 90 -3.89 3.44 -12.97
C ASP A 90 -3.17 3.49 -11.63
N LEU A 91 -3.62 2.68 -10.67
CA LEU A 91 -2.91 2.42 -9.42
C LEU A 91 -1.45 2.03 -9.67
N ARG A 92 -1.13 1.36 -10.79
CA ARG A 92 0.26 1.05 -11.21
C ARG A 92 1.11 2.33 -11.29
N ARG A 93 0.58 3.34 -11.97
CA ARG A 93 1.24 4.64 -12.18
C ARG A 93 1.39 5.42 -10.87
N GLN A 94 0.43 5.30 -9.94
CA GLN A 94 0.52 5.86 -8.58
C GLN A 94 1.57 5.14 -7.70
N VAL A 95 1.59 3.80 -7.71
CA VAL A 95 2.51 2.98 -6.91
C VAL A 95 3.94 3.11 -7.41
N GLU A 96 4.15 3.07 -8.72
CA GLU A 96 5.49 3.21 -9.30
C GLU A 96 6.05 4.63 -9.10
N ASP A 97 5.23 5.69 -9.19
CA ASP A 97 5.64 7.06 -8.84
C ASP A 97 6.07 7.20 -7.36
N VAL A 98 5.47 6.41 -6.45
CA VAL A 98 5.87 6.32 -5.03
C VAL A 98 7.20 5.55 -4.90
N TRP A 99 7.40 4.48 -5.68
CA TRP A 99 8.68 3.76 -5.73
C TRP A 99 9.83 4.66 -6.20
N ARG A 100 9.64 5.40 -7.30
CA ARG A 100 10.62 6.35 -7.84
C ARG A 100 10.86 7.54 -6.91
N GLY A 101 9.79 8.04 -6.27
CA GLY A 101 9.82 9.12 -5.28
C GLY A 101 10.64 8.81 -4.02
N SER A 102 10.87 7.52 -3.70
CA SER A 102 11.76 7.11 -2.61
C SER A 102 13.25 7.38 -2.90
N LEU A 103 13.64 7.35 -4.19
CA LEU A 103 15.03 7.49 -4.64
C LEU A 103 15.41 8.94 -4.96
N GLU A 104 14.49 9.66 -5.63
CA GLU A 104 14.70 11.00 -6.18
C GLU A 104 14.11 12.10 -5.28
N HIS A 105 14.92 13.10 -4.93
CA HIS A 105 14.55 14.22 -4.04
C HIS A 105 13.76 15.33 -4.76
N HIS A 106 12.74 14.93 -5.55
CA HIS A 106 11.99 15.77 -6.49
C HIS A 106 10.53 15.99 -6.01
N HIS A 107 10.34 16.30 -4.73
CA HIS A 107 9.04 16.57 -4.12
C HIS A 107 9.12 17.65 -3.01
N HIS A 108 8.02 18.40 -2.83
CA HIS A 108 7.93 19.51 -1.85
C HIS A 108 6.53 19.67 -1.20
N HIS A 109 5.46 19.17 -1.83
CA HIS A 109 4.08 19.46 -1.43
C HIS A 109 3.72 18.89 -0.04
N HIS A 110 2.98 19.67 0.74
CA HIS A 110 2.60 19.39 2.14
C HIS A 110 1.28 20.08 2.55
N GLY A 1 10.96 -7.50 11.97
CA GLY A 1 10.79 -6.74 10.71
C GLY A 1 9.50 -5.94 10.72
N ASP A 2 9.58 -4.61 10.57
CA ASP A 2 8.41 -3.72 10.64
C ASP A 2 7.44 -3.92 9.46
N ALA A 3 7.98 -4.18 8.26
CA ALA A 3 7.22 -4.54 7.07
C ALA A 3 6.37 -5.82 7.29
N ASP A 4 6.94 -6.82 7.95
CA ASP A 4 6.27 -8.10 8.25
C ASP A 4 5.16 -7.96 9.30
N LYS A 5 5.32 -7.02 10.24
CA LYS A 5 4.28 -6.68 11.22
C LYS A 5 3.13 -5.96 10.54
N ILE A 6 3.43 -4.96 9.70
CA ILE A 6 2.40 -4.13 9.06
C ILE A 6 1.51 -4.94 8.11
N MET A 7 2.07 -5.93 7.41
CA MET A 7 1.28 -6.76 6.49
C MET A 7 0.31 -7.65 7.27
N GLU A 8 0.73 -8.14 8.44
CA GLU A 8 -0.12 -8.94 9.34
C GLU A 8 -1.16 -8.09 10.06
N GLN A 9 -0.91 -6.79 10.31
CA GLN A 9 -1.93 -5.88 10.85
C GLN A 9 -3.16 -5.76 9.94
N ALA A 10 -2.98 -5.86 8.62
CA ALA A 10 -4.12 -5.94 7.71
C ALA A 10 -4.88 -7.26 7.88
N LYS A 11 -4.16 -8.38 7.96
CA LYS A 11 -4.74 -9.73 8.13
C LYS A 11 -5.41 -9.97 9.49
N ARG A 12 -4.91 -9.33 10.55
CA ARG A 12 -5.46 -9.44 11.92
C ARG A 12 -6.87 -8.84 11.99
N GLN A 13 -7.11 -7.79 11.19
CA GLN A 13 -8.35 -7.03 11.09
C GLN A 13 -9.29 -7.65 10.04
N ASP A 14 -8.75 -7.96 8.86
CA ASP A 14 -9.45 -8.62 7.76
C ASP A 14 -8.54 -9.61 7.01
N PRO A 15 -8.63 -10.93 7.27
CA PRO A 15 -7.77 -11.94 6.65
C PRO A 15 -8.07 -12.16 5.16
N ASN A 16 -9.24 -11.67 4.68
CA ASN A 16 -9.63 -11.68 3.28
C ASN A 16 -8.86 -10.65 2.44
N ALA A 17 -8.36 -9.57 3.05
CA ALA A 17 -7.57 -8.52 2.41
C ALA A 17 -6.33 -9.10 1.74
N GLN A 18 -5.98 -8.58 0.57
CA GLN A 18 -4.78 -8.99 -0.14
C GLN A 18 -3.65 -8.01 0.15
N VAL A 19 -2.50 -8.51 0.59
CA VAL A 19 -1.32 -7.70 0.94
C VAL A 19 -0.04 -8.29 0.38
N TYR A 20 0.79 -7.44 -0.23
CA TYR A 20 2.08 -7.81 -0.83
C TYR A 20 3.16 -6.76 -0.57
N LYS A 21 4.41 -7.21 -0.41
CA LYS A 21 5.57 -6.35 -0.18
C LYS A 21 6.55 -6.46 -1.35
N VAL A 22 6.89 -5.31 -1.93
CA VAL A 22 7.77 -5.19 -3.09
C VAL A 22 8.91 -4.20 -2.83
N THR A 23 10.06 -4.47 -3.43
CA THR A 23 11.28 -3.67 -3.32
C THR A 23 11.71 -3.04 -4.65
N THR A 24 11.01 -3.37 -5.76
CA THR A 24 11.38 -3.01 -7.14
C THR A 24 10.15 -2.67 -8.00
N PRO A 25 10.31 -1.93 -9.12
CA PRO A 25 9.22 -1.69 -10.07
C PRO A 25 8.79 -2.96 -10.82
N ASP A 26 9.70 -3.90 -11.04
CA ASP A 26 9.41 -5.19 -11.69
C ASP A 26 8.59 -6.12 -10.79
N GLU A 27 8.72 -5.99 -9.46
CA GLU A 27 7.87 -6.68 -8.49
C GLU A 27 6.49 -6.00 -8.34
N ILE A 28 6.42 -4.66 -8.45
CA ILE A 28 5.15 -3.91 -8.41
C ILE A 28 4.15 -4.40 -9.45
N GLU A 29 4.57 -4.56 -10.71
CA GLU A 29 3.67 -5.00 -11.80
C GLU A 29 3.03 -6.38 -11.57
N GLU A 30 3.58 -7.24 -10.70
CA GLU A 30 2.90 -8.45 -10.24
C GLU A 30 1.86 -8.13 -9.15
N ALA A 31 2.21 -7.34 -8.14
CA ALA A 31 1.35 -7.00 -7.01
C ALA A 31 0.05 -6.31 -7.44
N VAL A 32 0.17 -5.30 -8.32
CA VAL A 32 -0.98 -4.58 -8.89
C VAL A 32 -1.88 -5.46 -9.74
N ARG A 33 -1.33 -6.48 -10.41
CA ARG A 33 -2.05 -7.38 -11.33
C ARG A 33 -2.95 -8.38 -10.62
N ARG A 34 -2.54 -8.85 -9.45
CA ARG A 34 -3.29 -9.78 -8.57
C ARG A 34 -4.19 -9.01 -7.61
N ILE A 35 -3.76 -7.83 -7.18
CA ILE A 35 -4.62 -6.90 -6.44
C ILE A 35 -5.71 -6.35 -7.32
N GLU A 36 -5.49 -6.14 -8.62
CA GLU A 36 -6.43 -5.50 -9.57
C GLU A 36 -7.89 -5.86 -9.27
N LYS A 37 -8.13 -7.16 -9.10
CA LYS A 37 -9.49 -7.73 -8.97
C LYS A 37 -10.14 -7.45 -7.60
N TYR A 38 -9.32 -7.23 -6.58
CA TYR A 38 -9.69 -6.87 -5.20
C TYR A 38 -9.70 -5.34 -4.95
N GLY A 39 -8.61 -4.68 -5.34
CA GLY A 39 -8.41 -3.23 -5.33
C GLY A 39 -9.40 -2.45 -6.19
N ALA A 40 -10.13 -3.17 -7.05
CA ALA A 40 -11.31 -2.67 -7.77
C ALA A 40 -12.33 -1.97 -6.85
N GLN A 41 -12.38 -2.31 -5.56
CA GLN A 41 -13.13 -1.58 -4.52
C GLN A 41 -12.26 -0.50 -3.85
N VAL A 42 -11.28 -0.91 -3.02
CA VAL A 42 -10.46 0.00 -2.20
C VAL A 42 -9.03 -0.54 -2.05
N VAL A 43 -8.06 0.36 -2.02
CA VAL A 43 -6.61 0.09 -1.96
C VAL A 43 -5.95 1.01 -0.95
N LEU A 44 -4.84 0.58 -0.39
CA LEU A 44 -3.93 1.38 0.42
C LEU A 44 -2.48 1.14 -0.03
N ILE A 45 -1.73 2.23 -0.21
CA ILE A 45 -0.29 2.20 -0.48
C ILE A 45 0.44 2.56 0.82
N ILE A 46 1.35 1.67 1.25
CA ILE A 46 2.19 1.85 2.44
C ILE A 46 3.67 1.96 2.01
N TYR A 47 4.38 2.96 2.55
CA TYR A 47 5.78 3.26 2.24
C TYR A 47 6.64 3.24 3.50
N THR A 48 7.35 2.13 3.72
CA THR A 48 8.18 1.87 4.90
C THR A 48 9.69 1.84 4.58
N SER A 49 10.51 2.34 5.52
CA SER A 49 11.96 2.53 5.34
C SER A 49 12.31 3.35 4.07
N SER A 50 13.48 3.13 3.47
CA SER A 50 14.05 3.93 2.38
C SER A 50 13.57 3.59 0.96
N GLY A 51 12.67 2.61 0.80
CA GLY A 51 12.21 2.18 -0.54
C GLY A 51 11.30 0.95 -0.59
N ILE A 52 11.04 0.25 0.52
CA ILE A 52 10.09 -0.86 0.56
C ILE A 52 8.66 -0.33 0.48
N VAL A 53 7.92 -0.79 -0.53
CA VAL A 53 6.51 -0.45 -0.73
C VAL A 53 5.68 -1.69 -0.41
N ILE A 54 4.65 -1.52 0.41
CA ILE A 54 3.68 -2.58 0.73
C ILE A 54 2.33 -2.14 0.17
N LEU A 55 1.70 -3.00 -0.62
CA LEU A 55 0.45 -2.76 -1.32
C LEU A 55 -0.63 -3.61 -0.68
N VAL A 56 -1.66 -2.98 -0.12
CA VAL A 56 -2.80 -3.68 0.51
C VAL A 56 -4.14 -3.31 -0.15
N ALA A 57 -5.06 -4.26 -0.28
CA ALA A 57 -6.38 -4.01 -0.85
C ALA A 57 -7.52 -4.74 -0.12
N VAL A 58 -8.71 -4.12 -0.18
CA VAL A 58 -9.90 -4.45 0.61
C VAL A 58 -11.20 -4.26 -0.17
N ARG A 59 -12.25 -5.00 0.23
CA ARG A 59 -13.60 -4.91 -0.36
C ARG A 59 -14.42 -3.70 0.15
N ASP A 60 -14.09 -3.10 1.31
CA ASP A 60 -14.74 -1.86 1.77
C ASP A 60 -13.74 -0.83 2.34
N PRO A 61 -14.07 0.48 2.30
CA PRO A 61 -13.24 1.54 2.87
C PRO A 61 -13.11 1.44 4.39
N SER A 62 -14.10 0.85 5.08
CA SER A 62 -14.04 0.62 6.54
C SER A 62 -12.93 -0.35 6.93
N GLN A 63 -12.65 -1.39 6.12
CA GLN A 63 -11.50 -2.29 6.33
C GLN A 63 -10.18 -1.53 6.20
N ALA A 64 -10.01 -0.76 5.12
CA ALA A 64 -8.80 0.05 4.90
C ALA A 64 -8.58 1.07 6.02
N ASP A 65 -9.60 1.85 6.38
CA ASP A 65 -9.46 2.92 7.36
C ASP A 65 -9.16 2.38 8.76
N GLN A 66 -9.82 1.29 9.16
CA GLN A 66 -9.54 0.61 10.43
C GLN A 66 -8.13 0.02 10.46
N ILE A 67 -7.67 -0.60 9.36
CA ILE A 67 -6.32 -1.17 9.29
C ILE A 67 -5.27 -0.06 9.36
N LEU A 68 -5.49 1.06 8.66
CA LEU A 68 -4.53 2.17 8.64
C LEU A 68 -4.42 2.84 10.01
N LYS A 69 -5.55 3.00 10.72
CA LYS A 69 -5.59 3.57 12.08
C LYS A 69 -4.67 2.82 13.06
N GLU A 70 -4.74 1.50 13.12
CA GLU A 70 -3.86 0.70 13.97
C GLU A 70 -2.42 0.63 13.43
N ALA A 71 -2.23 0.58 12.11
CA ALA A 71 -0.90 0.50 11.53
C ALA A 71 -0.09 1.80 11.71
N LYS A 72 -0.75 2.97 11.63
CA LYS A 72 -0.19 4.28 11.93
C LYS A 72 0.15 4.44 13.39
N LYS A 73 -0.71 3.92 14.29
CA LYS A 73 -0.47 3.92 15.73
C LYS A 73 0.84 3.20 16.07
N GLN A 74 1.02 2.01 15.49
CA GLN A 74 2.18 1.15 15.73
C GLN A 74 3.43 1.62 14.97
N ASN A 75 3.27 2.15 13.74
CA ASN A 75 4.34 2.58 12.84
C ASN A 75 4.01 3.98 12.25
N PRO A 76 4.42 5.09 12.90
CA PRO A 76 4.03 6.45 12.49
C PRO A 76 4.74 6.92 11.19
N SER A 77 5.87 6.33 10.84
CA SER A 77 6.67 6.65 9.64
C SER A 77 6.24 5.90 8.36
N ALA A 78 5.31 4.93 8.48
CA ALA A 78 4.95 4.00 7.40
C ALA A 78 4.12 4.60 6.24
N THR A 79 3.64 5.83 6.38
CA THR A 79 3.02 6.68 5.34
C THR A 79 1.95 5.98 4.48
N PHE A 80 0.69 6.16 4.87
CA PHE A 80 -0.48 5.48 4.30
C PHE A 80 -1.21 6.36 3.28
N VAL A 81 -1.58 5.80 2.12
CA VAL A 81 -2.32 6.52 1.06
C VAL A 81 -3.52 5.70 0.59
N ARG A 82 -4.73 6.13 0.97
CA ARG A 82 -6.01 5.50 0.59
C ARG A 82 -6.34 5.78 -0.88
N LEU A 83 -6.69 4.74 -1.62
CA LEU A 83 -7.07 4.75 -3.04
C LEU A 83 -8.52 4.29 -3.22
N GLU A 84 -9.30 5.12 -3.90
CA GLU A 84 -10.76 4.97 -4.09
C GLU A 84 -11.22 5.59 -5.42
N GLY A 85 -10.77 6.83 -5.73
CA GLY A 85 -11.15 7.58 -6.93
C GLY A 85 -10.39 7.21 -8.21
N VAL A 86 -9.45 6.27 -8.15
CA VAL A 86 -8.59 5.82 -9.26
C VAL A 86 -8.86 4.35 -9.58
N SER A 87 -8.93 4.03 -10.88
CA SER A 87 -9.10 2.66 -11.39
C SER A 87 -7.94 1.72 -10.97
N PRO A 88 -8.19 0.40 -10.81
CA PRO A 88 -7.15 -0.56 -10.40
C PRO A 88 -6.05 -0.75 -11.46
N ASP A 89 -6.36 -0.47 -12.73
CA ASP A 89 -5.37 -0.40 -13.82
C ASP A 89 -4.52 0.89 -13.77
N ASP A 90 -5.10 2.00 -13.32
CA ASP A 90 -4.43 3.30 -13.17
C ASP A 90 -3.55 3.37 -11.90
N LEU A 91 -3.94 2.64 -10.84
CA LEU A 91 -3.20 2.50 -9.58
C LEU A 91 -1.70 2.19 -9.80
N ARG A 92 -1.33 1.50 -10.88
CA ARG A 92 0.08 1.24 -11.22
C ARG A 92 0.92 2.52 -11.24
N ARG A 93 0.38 3.60 -11.81
CA ARG A 93 0.99 4.92 -11.91
C ARG A 93 1.25 5.51 -10.52
N GLN A 94 0.24 5.42 -9.63
CA GLN A 94 0.30 5.92 -8.25
C GLN A 94 1.29 5.13 -7.39
N VAL A 95 1.36 3.80 -7.55
CA VAL A 95 2.30 2.93 -6.83
C VAL A 95 3.74 3.17 -7.30
N GLU A 96 3.95 3.20 -8.61
CA GLU A 96 5.29 3.42 -9.17
C GLU A 96 5.80 4.83 -8.89
N ASP A 97 4.96 5.88 -8.91
CA ASP A 97 5.33 7.23 -8.49
C ASP A 97 5.78 7.30 -7.01
N VAL A 98 5.26 6.43 -6.14
CA VAL A 98 5.74 6.29 -4.75
C VAL A 98 7.09 5.55 -4.71
N TRP A 99 7.26 4.50 -5.52
CA TRP A 99 8.54 3.80 -5.63
C TRP A 99 9.67 4.71 -6.15
N ARG A 100 9.39 5.51 -7.19
CA ARG A 100 10.30 6.52 -7.75
C ARG A 100 10.55 7.66 -6.76
N GLY A 101 9.49 8.16 -6.12
CA GLY A 101 9.55 9.20 -5.08
C GLY A 101 10.43 8.85 -3.87
N SER A 102 10.65 7.55 -3.62
CA SER A 102 11.59 7.05 -2.60
C SER A 102 13.06 7.37 -2.93
N LEU A 103 13.42 7.41 -4.22
CA LEU A 103 14.79 7.59 -4.72
C LEU A 103 15.06 9.01 -5.22
N GLU A 104 14.07 9.60 -5.90
CA GLU A 104 14.21 10.89 -6.57
C GLU A 104 14.22 12.05 -5.55
N HIS A 105 15.30 12.83 -5.53
CA HIS A 105 15.55 13.89 -4.55
C HIS A 105 14.78 15.18 -4.88
N HIS A 106 13.47 15.16 -4.62
CA HIS A 106 12.53 16.27 -4.87
C HIS A 106 12.84 17.56 -4.08
N HIS A 107 13.71 17.49 -3.05
CA HIS A 107 14.25 18.65 -2.35
C HIS A 107 15.06 19.57 -3.28
N HIS A 108 15.79 18.99 -4.25
CA HIS A 108 16.75 19.68 -5.13
C HIS A 108 17.77 20.52 -4.32
N HIS A 109 18.30 21.61 -4.90
CA HIS A 109 19.25 22.55 -4.28
C HIS A 109 20.59 21.91 -3.84
N HIS A 110 21.46 22.74 -3.24
CA HIS A 110 22.71 22.35 -2.55
C HIS A 110 22.54 22.47 -1.02
N GLY A 1 10.53 -7.95 10.79
CA GLY A 1 10.77 -6.50 10.87
C GLY A 1 9.50 -5.69 10.64
N ASP A 2 9.65 -4.38 10.44
CA ASP A 2 8.54 -3.40 10.31
C ASP A 2 7.56 -3.78 9.19
N ALA A 3 8.08 -4.13 8.01
CA ALA A 3 7.29 -4.55 6.85
C ALA A 3 6.42 -5.78 7.14
N ASP A 4 6.97 -6.78 7.84
CA ASP A 4 6.28 -8.02 8.19
C ASP A 4 5.17 -7.81 9.23
N LYS A 5 5.40 -6.88 10.17
CA LYS A 5 4.39 -6.46 11.16
C LYS A 5 3.24 -5.76 10.45
N ILE A 6 3.54 -4.81 9.56
CA ILE A 6 2.52 -3.99 8.91
C ILE A 6 1.62 -4.82 7.98
N MET A 7 2.17 -5.83 7.30
CA MET A 7 1.36 -6.67 6.42
C MET A 7 0.41 -7.55 7.24
N GLU A 8 0.87 -8.01 8.41
CA GLU A 8 0.06 -8.80 9.34
C GLU A 8 -0.98 -7.95 10.08
N GLN A 9 -0.74 -6.65 10.29
CA GLN A 9 -1.75 -5.72 10.84
C GLN A 9 -3.01 -5.62 9.98
N ALA A 10 -2.90 -5.81 8.67
CA ALA A 10 -4.09 -5.93 7.81
C ALA A 10 -4.79 -7.28 8.02
N LYS A 11 -4.03 -8.38 8.09
CA LYS A 11 -4.55 -9.74 8.28
C LYS A 11 -5.18 -9.98 9.67
N ARG A 12 -4.69 -9.28 10.71
CA ARG A 12 -5.21 -9.40 12.09
C ARG A 12 -6.63 -8.84 12.22
N GLN A 13 -6.95 -7.87 11.36
CA GLN A 13 -8.25 -7.20 11.27
C GLN A 13 -9.17 -7.91 10.27
N ASP A 14 -8.63 -8.24 9.08
CA ASP A 14 -9.32 -9.00 8.03
C ASP A 14 -8.33 -9.88 7.25
N PRO A 15 -8.28 -11.21 7.50
CA PRO A 15 -7.42 -12.16 6.79
C PRO A 15 -7.65 -12.22 5.28
N ASN A 16 -8.82 -11.78 4.82
CA ASN A 16 -9.21 -11.76 3.42
C ASN A 16 -8.54 -10.61 2.64
N ALA A 17 -8.11 -9.54 3.33
CA ALA A 17 -7.37 -8.42 2.73
C ALA A 17 -6.11 -8.93 2.01
N GLN A 18 -5.97 -8.53 0.75
CA GLN A 18 -4.84 -8.94 -0.08
C GLN A 18 -3.69 -7.96 0.15
N VAL A 19 -2.57 -8.47 0.65
CA VAL A 19 -1.41 -7.64 1.02
C VAL A 19 -0.10 -8.24 0.51
N TYR A 20 0.72 -7.41 -0.14
CA TYR A 20 1.98 -7.81 -0.77
C TYR A 20 3.08 -6.77 -0.55
N LYS A 21 4.32 -7.22 -0.42
CA LYS A 21 5.50 -6.37 -0.24
C LYS A 21 6.46 -6.50 -1.42
N VAL A 22 6.84 -5.36 -1.98
CA VAL A 22 7.72 -5.25 -3.15
C VAL A 22 8.87 -4.29 -2.90
N THR A 23 10.02 -4.60 -3.51
CA THR A 23 11.25 -3.83 -3.40
C THR A 23 11.68 -3.20 -4.73
N THR A 24 10.96 -3.47 -5.82
CA THR A 24 11.31 -3.11 -7.21
C THR A 24 10.06 -2.75 -8.05
N PRO A 25 10.19 -2.00 -9.16
CA PRO A 25 9.09 -1.74 -10.07
C PRO A 25 8.63 -3.00 -10.84
N ASP A 26 9.55 -3.93 -11.09
CA ASP A 26 9.24 -5.21 -11.74
C ASP A 26 8.44 -6.15 -10.82
N GLU A 27 8.60 -6.02 -9.50
CA GLU A 27 7.77 -6.70 -8.51
C GLU A 27 6.41 -6.00 -8.33
N ILE A 28 6.34 -4.67 -8.43
CA ILE A 28 5.07 -3.90 -8.40
C ILE A 28 4.08 -4.40 -9.44
N GLU A 29 4.49 -4.54 -10.71
CA GLU A 29 3.61 -4.99 -11.79
C GLU A 29 3.02 -6.40 -11.58
N GLU A 30 3.60 -7.22 -10.71
CA GLU A 30 2.99 -8.49 -10.27
C GLU A 30 1.93 -8.29 -9.17
N ALA A 31 2.20 -7.43 -8.17
CA ALA A 31 1.30 -7.17 -7.04
C ALA A 31 0.00 -6.47 -7.47
N VAL A 32 0.13 -5.41 -8.28
CA VAL A 32 -1.00 -4.66 -8.85
C VAL A 32 -1.89 -5.52 -9.73
N ARG A 33 -1.32 -6.52 -10.40
CA ARG A 33 -2.04 -7.39 -11.36
C ARG A 33 -3.02 -8.35 -10.68
N ARG A 34 -2.67 -8.87 -9.49
CA ARG A 34 -3.55 -9.70 -8.66
C ARG A 34 -4.46 -8.85 -7.76
N ILE A 35 -3.95 -7.73 -7.26
CA ILE A 35 -4.78 -6.74 -6.56
C ILE A 35 -5.82 -6.11 -7.48
N GLU A 36 -5.57 -5.96 -8.77
CA GLU A 36 -6.48 -5.29 -9.72
C GLU A 36 -7.93 -5.75 -9.55
N LYS A 37 -8.12 -7.05 -9.29
CA LYS A 37 -9.46 -7.65 -9.15
C LYS A 37 -10.18 -7.22 -7.86
N TYR A 38 -9.43 -7.15 -6.76
CA TYR A 38 -9.85 -6.83 -5.39
C TYR A 38 -9.86 -5.33 -5.05
N GLY A 39 -8.74 -4.66 -5.34
CA GLY A 39 -8.50 -3.22 -5.27
C GLY A 39 -9.43 -2.41 -6.15
N ALA A 40 -10.13 -3.07 -7.07
CA ALA A 40 -11.25 -2.47 -7.82
C ALA A 40 -12.30 -1.81 -6.88
N GLN A 41 -12.40 -2.26 -5.61
CA GLN A 41 -13.20 -1.59 -4.57
C GLN A 41 -12.40 -0.53 -3.79
N VAL A 42 -11.40 -0.94 -3.00
CA VAL A 42 -10.65 -0.08 -2.05
C VAL A 42 -9.19 -0.54 -1.95
N VAL A 43 -8.26 0.43 -1.89
CA VAL A 43 -6.79 0.22 -1.89
C VAL A 43 -6.11 1.17 -0.90
N LEU A 44 -4.98 0.72 -0.35
CA LEU A 44 -4.04 1.50 0.43
C LEU A 44 -2.60 1.23 -0.03
N ILE A 45 -1.81 2.29 -0.22
CA ILE A 45 -0.37 2.22 -0.50
C ILE A 45 0.39 2.53 0.78
N ILE A 46 1.30 1.65 1.20
CA ILE A 46 2.17 1.83 2.38
C ILE A 46 3.64 1.92 1.94
N TYR A 47 4.40 2.85 2.52
CA TYR A 47 5.76 3.21 2.10
C TYR A 47 6.73 3.27 3.29
N THR A 48 7.36 2.13 3.57
CA THR A 48 8.24 1.91 4.74
C THR A 48 9.73 1.91 4.38
N SER A 49 10.57 2.45 5.28
CA SER A 49 12.04 2.51 5.14
C SER A 49 12.52 3.17 3.83
N SER A 50 13.73 2.83 3.36
CA SER A 50 14.44 3.51 2.25
C SER A 50 13.89 3.26 0.83
N GLY A 51 12.81 2.49 0.67
CA GLY A 51 12.25 2.17 -0.66
C GLY A 51 11.29 0.98 -0.74
N ILE A 52 11.06 0.25 0.36
CA ILE A 52 10.10 -0.86 0.39
C ILE A 52 8.67 -0.31 0.33
N VAL A 53 7.90 -0.83 -0.64
CA VAL A 53 6.49 -0.48 -0.83
C VAL A 53 5.65 -1.71 -0.51
N ILE A 54 4.60 -1.53 0.28
CA ILE A 54 3.63 -2.59 0.62
C ILE A 54 2.27 -2.17 0.08
N LEU A 55 1.65 -3.01 -0.74
CA LEU A 55 0.35 -2.77 -1.36
C LEU A 55 -0.69 -3.59 -0.61
N VAL A 56 -1.70 -2.92 -0.04
CA VAL A 56 -2.86 -3.60 0.57
C VAL A 56 -4.16 -3.20 -0.12
N ALA A 57 -5.05 -4.16 -0.32
CA ALA A 57 -6.39 -3.91 -0.84
C ALA A 57 -7.47 -4.67 -0.05
N VAL A 58 -8.69 -4.12 -0.08
CA VAL A 58 -9.85 -4.58 0.69
C VAL A 58 -11.14 -4.48 -0.11
N ARG A 59 -12.06 -5.37 0.24
CA ARG A 59 -13.43 -5.47 -0.32
C ARG A 59 -14.43 -4.43 0.20
N ASP A 60 -14.12 -3.71 1.28
CA ASP A 60 -14.96 -2.66 1.87
C ASP A 60 -14.13 -1.51 2.47
N PRO A 61 -14.66 -0.27 2.53
CA PRO A 61 -13.93 0.90 3.03
C PRO A 61 -13.73 0.93 4.55
N SER A 62 -14.63 0.31 5.33
CA SER A 62 -14.51 0.23 6.79
C SER A 62 -13.27 -0.57 7.22
N GLN A 63 -12.96 -1.65 6.49
CA GLN A 63 -11.78 -2.49 6.69
C GLN A 63 -10.49 -1.68 6.48
N ALA A 64 -10.41 -0.87 5.41
CA ALA A 64 -9.28 0.04 5.19
C ALA A 64 -9.18 1.11 6.28
N ASP A 65 -10.31 1.74 6.65
CA ASP A 65 -10.34 2.80 7.66
C ASP A 65 -9.85 2.30 9.02
N GLN A 66 -10.24 1.10 9.42
CA GLN A 66 -9.79 0.43 10.64
C GLN A 66 -8.36 -0.09 10.56
N ILE A 67 -7.94 -0.74 9.46
CA ILE A 67 -6.58 -1.29 9.35
C ILE A 67 -5.55 -0.14 9.37
N LEU A 68 -5.86 0.96 8.67
CA LEU A 68 -5.09 2.21 8.69
C LEU A 68 -4.94 2.74 10.12
N LYS A 69 -6.03 2.76 10.88
CA LYS A 69 -6.11 3.31 12.24
C LYS A 69 -5.12 2.62 13.19
N GLU A 70 -5.03 1.29 13.10
CA GLU A 70 -4.04 0.50 13.85
C GLU A 70 -2.63 0.70 13.31
N ALA A 71 -2.46 0.67 11.98
CA ALA A 71 -1.14 0.67 11.35
C ALA A 71 -0.42 2.01 11.51
N LYS A 72 -1.14 3.14 11.46
CA LYS A 72 -0.64 4.47 11.75
C LYS A 72 -0.27 4.65 13.22
N LYS A 73 -1.12 4.14 14.13
CA LYS A 73 -0.89 4.27 15.58
C LYS A 73 0.35 3.50 16.02
N GLN A 74 0.54 2.31 15.43
CA GLN A 74 1.69 1.45 15.70
C GLN A 74 2.97 1.95 15.01
N ASN A 75 2.87 2.48 13.78
CA ASN A 75 4.01 2.83 12.92
C ASN A 75 3.81 4.22 12.27
N PRO A 76 4.18 5.33 12.95
CA PRO A 76 3.88 6.68 12.47
C PRO A 76 4.71 7.10 11.23
N SER A 77 5.88 6.50 11.03
CA SER A 77 6.82 6.80 9.93
C SER A 77 6.60 5.92 8.67
N ALA A 78 5.58 5.07 8.65
CA ALA A 78 5.32 4.07 7.61
C ALA A 78 4.53 4.59 6.37
N THR A 79 3.99 5.81 6.45
CA THR A 79 3.37 6.60 5.36
C THR A 79 2.31 5.84 4.55
N PHE A 80 1.04 6.11 4.89
CA PHE A 80 -0.15 5.47 4.32
C PHE A 80 -0.88 6.39 3.35
N VAL A 81 -1.33 5.86 2.20
CA VAL A 81 -2.11 6.60 1.20
C VAL A 81 -3.34 5.79 0.78
N ARG A 82 -4.54 6.21 1.22
CA ARG A 82 -5.81 5.63 0.77
C ARG A 82 -6.09 6.00 -0.70
N LEU A 83 -6.63 5.06 -1.46
CA LEU A 83 -7.00 5.23 -2.85
C LEU A 83 -8.53 5.29 -3.04
N GLU A 84 -8.97 6.25 -3.85
CA GLU A 84 -10.39 6.48 -4.18
C GLU A 84 -10.52 7.18 -5.54
N GLY A 85 -11.28 6.58 -6.45
CA GLY A 85 -11.66 7.17 -7.75
C GLY A 85 -10.65 6.97 -8.89
N VAL A 86 -9.45 6.47 -8.57
CA VAL A 86 -8.44 6.03 -9.54
C VAL A 86 -8.70 4.56 -9.89
N SER A 87 -8.68 4.25 -11.19
CA SER A 87 -8.86 2.88 -11.71
C SER A 87 -7.78 1.90 -11.20
N PRO A 88 -8.08 0.59 -11.08
CA PRO A 88 -7.13 -0.40 -10.57
C PRO A 88 -5.90 -0.61 -11.48
N ASP A 89 -6.01 -0.28 -12.77
CA ASP A 89 -4.87 -0.19 -13.69
C ASP A 89 -4.09 1.14 -13.55
N ASP A 90 -4.76 2.24 -13.26
CA ASP A 90 -4.16 3.57 -13.07
C ASP A 90 -3.36 3.64 -11.76
N LEU A 91 -3.79 2.88 -10.75
CA LEU A 91 -3.07 2.63 -9.49
C LEU A 91 -1.60 2.27 -9.73
N ARG A 92 -1.25 1.61 -10.83
CA ARG A 92 0.14 1.26 -11.17
C ARG A 92 1.05 2.48 -11.21
N ARG A 93 0.56 3.60 -11.76
CA ARG A 93 1.27 4.88 -11.86
C ARG A 93 1.42 5.54 -10.48
N GLN A 94 0.38 5.47 -9.65
CA GLN A 94 0.39 5.99 -8.27
C GLN A 94 1.36 5.21 -7.36
N VAL A 95 1.41 3.89 -7.51
CA VAL A 95 2.32 3.00 -6.78
C VAL A 95 3.76 3.21 -7.22
N GLU A 96 4.01 3.22 -8.53
CA GLU A 96 5.35 3.44 -9.04
C GLU A 96 5.87 4.84 -8.71
N ASP A 97 5.06 5.89 -8.73
CA ASP A 97 5.49 7.24 -8.31
C ASP A 97 5.98 7.29 -6.86
N VAL A 98 5.40 6.46 -5.97
CA VAL A 98 5.88 6.27 -4.59
C VAL A 98 7.21 5.49 -4.58
N TRP A 99 7.39 4.50 -5.47
CA TRP A 99 8.65 3.77 -5.61
C TRP A 99 9.80 4.67 -6.15
N ARG A 100 9.57 5.40 -7.24
CA ARG A 100 10.55 6.31 -7.86
C ARG A 100 10.89 7.47 -6.93
N GLY A 101 9.91 7.96 -6.17
CA GLY A 101 10.07 9.00 -5.15
C GLY A 101 11.06 8.65 -4.03
N SER A 102 11.33 7.37 -3.77
CA SER A 102 12.36 6.92 -2.82
C SER A 102 13.80 7.12 -3.33
N LEU A 103 13.99 7.13 -4.66
CA LEU A 103 15.31 7.25 -5.31
C LEU A 103 15.59 8.66 -5.85
N GLU A 104 14.58 9.31 -6.44
CA GLU A 104 14.71 10.61 -7.09
C GLU A 104 14.71 11.78 -6.09
N HIS A 105 15.68 12.70 -6.22
CA HIS A 105 15.77 13.91 -5.41
C HIS A 105 14.79 14.99 -5.92
N HIS A 106 13.90 15.46 -5.05
CA HIS A 106 12.95 16.55 -5.35
C HIS A 106 13.58 17.94 -5.10
N HIS A 107 12.94 19.00 -5.59
CA HIS A 107 13.33 20.39 -5.38
C HIS A 107 13.26 20.79 -3.89
N HIS A 108 14.05 21.80 -3.49
CA HIS A 108 14.15 22.34 -2.13
C HIS A 108 12.97 23.28 -1.75
N HIS A 109 11.73 22.88 -2.09
CA HIS A 109 10.50 23.69 -2.03
C HIS A 109 10.61 25.01 -2.85
N HIS A 110 9.66 25.94 -2.63
CA HIS A 110 9.51 27.21 -3.36
C HIS A 110 9.40 27.01 -4.90
N GLY A 1 10.55 -7.95 10.75
CA GLY A 1 10.72 -6.48 10.81
C GLY A 1 9.41 -5.73 10.69
N ASP A 2 9.47 -4.40 10.62
CA ASP A 2 8.28 -3.53 10.63
C ASP A 2 7.35 -3.75 9.42
N ALA A 3 7.92 -4.01 8.25
CA ALA A 3 7.18 -4.40 7.03
C ALA A 3 6.33 -5.66 7.25
N ASP A 4 6.88 -6.67 7.94
CA ASP A 4 6.21 -7.94 8.23
C ASP A 4 5.12 -7.80 9.29
N LYS A 5 5.29 -6.87 10.24
CA LYS A 5 4.27 -6.48 11.22
C LYS A 5 3.11 -5.79 10.52
N ILE A 6 3.40 -4.81 9.66
CA ILE A 6 2.37 -3.99 9.02
C ILE A 6 1.48 -4.80 8.08
N MET A 7 2.05 -5.79 7.39
CA MET A 7 1.24 -6.63 6.50
C MET A 7 0.29 -7.52 7.31
N GLU A 8 0.72 -8.01 8.47
CA GLU A 8 -0.12 -8.79 9.37
C GLU A 8 -1.15 -7.94 10.11
N GLN A 9 -0.88 -6.65 10.37
CA GLN A 9 -1.88 -5.71 10.92
C GLN A 9 -3.12 -5.58 10.02
N ALA A 10 -2.98 -5.78 8.70
CA ALA A 10 -4.12 -5.88 7.81
C ALA A 10 -4.84 -7.22 7.94
N LYS A 11 -4.10 -8.33 7.93
CA LYS A 11 -4.63 -9.72 7.99
C LYS A 11 -5.31 -10.03 9.33
N ARG A 12 -4.85 -9.43 10.43
CA ARG A 12 -5.42 -9.61 11.78
C ARG A 12 -6.81 -8.99 11.93
N GLN A 13 -7.05 -7.92 11.15
CA GLN A 13 -8.29 -7.16 11.11
C GLN A 13 -9.26 -7.73 10.07
N ASP A 14 -8.74 -8.10 8.90
CA ASP A 14 -9.47 -8.73 7.81
C ASP A 14 -8.59 -9.78 7.08
N PRO A 15 -8.75 -11.09 7.37
CA PRO A 15 -7.94 -12.14 6.77
C PRO A 15 -8.23 -12.36 5.28
N ASN A 16 -9.36 -11.85 4.77
CA ASN A 16 -9.72 -11.87 3.36
C ASN A 16 -8.99 -10.80 2.52
N ALA A 17 -8.43 -9.75 3.14
CA ALA A 17 -7.64 -8.71 2.49
C ALA A 17 -6.41 -9.31 1.79
N GLN A 18 -6.00 -8.70 0.68
CA GLN A 18 -4.78 -9.08 -0.03
C GLN A 18 -3.66 -8.09 0.29
N VAL A 19 -2.49 -8.58 0.67
CA VAL A 19 -1.31 -7.76 0.98
C VAL A 19 -0.03 -8.34 0.37
N TYR A 20 0.79 -7.48 -0.24
CA TYR A 20 2.07 -7.84 -0.85
C TYR A 20 3.15 -6.79 -0.58
N LYS A 21 4.40 -7.22 -0.42
CA LYS A 21 5.57 -6.36 -0.19
C LYS A 21 6.55 -6.48 -1.35
N VAL A 22 6.92 -5.34 -1.93
CA VAL A 22 7.83 -5.24 -3.08
C VAL A 22 8.97 -4.25 -2.83
N THR A 23 10.11 -4.50 -3.47
CA THR A 23 11.32 -3.69 -3.40
C THR A 23 11.71 -3.04 -4.73
N THR A 24 11.04 -3.39 -5.84
CA THR A 24 11.38 -2.99 -7.21
C THR A 24 10.14 -2.60 -8.05
N PRO A 25 10.29 -1.84 -9.16
CA PRO A 25 9.19 -1.57 -10.09
C PRO A 25 8.74 -2.82 -10.85
N ASP A 26 9.65 -3.77 -11.09
CA ASP A 26 9.34 -5.04 -11.75
C ASP A 26 8.52 -5.98 -10.86
N GLU A 27 8.66 -5.86 -9.53
CA GLU A 27 7.80 -6.55 -8.56
C GLU A 27 6.43 -5.86 -8.43
N ILE A 28 6.37 -4.52 -8.51
CA ILE A 28 5.11 -3.75 -8.42
C ILE A 28 4.09 -4.20 -9.47
N GLU A 29 4.50 -4.34 -10.74
CA GLU A 29 3.61 -4.80 -11.82
C GLU A 29 3.01 -6.21 -11.60
N GLU A 30 3.58 -7.03 -10.71
CA GLU A 30 2.92 -8.27 -10.27
C GLU A 30 1.87 -8.00 -9.17
N ALA A 31 2.22 -7.20 -8.15
CA ALA A 31 1.36 -6.90 -7.01
C ALA A 31 0.04 -6.22 -7.43
N VAL A 32 0.14 -5.19 -8.28
CA VAL A 32 -1.00 -4.49 -8.86
C VAL A 32 -1.88 -5.38 -9.74
N ARG A 33 -1.30 -6.37 -10.41
CA ARG A 33 -1.99 -7.26 -11.36
C ARG A 33 -2.88 -8.30 -10.68
N ARG A 34 -2.48 -8.80 -9.51
CA ARG A 34 -3.25 -9.73 -8.67
C ARG A 34 -4.19 -8.99 -7.72
N ILE A 35 -3.78 -7.80 -7.27
CA ILE A 35 -4.68 -6.89 -6.54
C ILE A 35 -5.75 -6.31 -7.45
N GLU A 36 -5.50 -6.11 -8.75
CA GLU A 36 -6.44 -5.46 -9.68
C GLU A 36 -7.89 -5.96 -9.53
N LYS A 37 -8.06 -7.28 -9.30
CA LYS A 37 -9.39 -7.88 -9.10
C LYS A 37 -10.07 -7.44 -7.78
N TYR A 38 -9.31 -7.42 -6.69
CA TYR A 38 -9.76 -7.13 -5.32
C TYR A 38 -9.77 -5.62 -4.97
N GLY A 39 -8.68 -4.93 -5.29
CA GLY A 39 -8.48 -3.48 -5.19
C GLY A 39 -9.44 -2.66 -6.07
N ALA A 40 -10.16 -3.34 -6.96
CA ALA A 40 -11.30 -2.76 -7.70
C ALA A 40 -12.33 -2.07 -6.77
N GLN A 41 -12.40 -2.48 -5.49
CA GLN A 41 -13.15 -1.79 -4.44
C GLN A 41 -12.29 -0.69 -3.76
N VAL A 42 -11.29 -1.07 -2.96
CA VAL A 42 -10.50 -0.16 -2.11
C VAL A 42 -9.05 -0.66 -1.99
N VAL A 43 -8.09 0.27 -2.04
CA VAL A 43 -6.65 0.02 -1.98
C VAL A 43 -5.99 0.99 -0.99
N LEU A 44 -4.87 0.56 -0.42
CA LEU A 44 -3.95 1.38 0.38
C LEU A 44 -2.50 1.11 -0.07
N ILE A 45 -1.75 2.19 -0.27
CA ILE A 45 -0.30 2.17 -0.54
C ILE A 45 0.43 2.51 0.75
N ILE A 46 1.34 1.64 1.17
CA ILE A 46 2.20 1.83 2.35
C ILE A 46 3.66 1.92 1.92
N TYR A 47 4.37 2.96 2.38
CA TYR A 47 5.78 3.20 2.05
C TYR A 47 6.64 3.26 3.32
N THR A 48 7.39 2.17 3.56
CA THR A 48 8.23 1.96 4.74
C THR A 48 9.73 1.89 4.42
N SER A 49 10.56 2.39 5.34
CA SER A 49 12.02 2.29 5.31
C SER A 49 12.67 2.85 4.02
N SER A 50 13.79 2.28 3.57
CA SER A 50 14.66 2.82 2.50
C SER A 50 14.11 2.76 1.06
N GLY A 51 12.90 2.23 0.83
CA GLY A 51 12.32 2.03 -0.51
C GLY A 51 11.33 0.87 -0.63
N ILE A 52 11.05 0.15 0.46
CA ILE A 52 10.07 -0.95 0.48
C ILE A 52 8.65 -0.39 0.39
N VAL A 53 7.90 -0.86 -0.60
CA VAL A 53 6.50 -0.48 -0.82
C VAL A 53 5.64 -1.72 -0.53
N ILE A 54 4.59 -1.55 0.27
CA ILE A 54 3.63 -2.60 0.60
C ILE A 54 2.27 -2.18 0.05
N LEU A 55 1.66 -3.06 -0.74
CA LEU A 55 0.35 -2.83 -1.36
C LEU A 55 -0.68 -3.67 -0.65
N VAL A 56 -1.68 -3.03 -0.04
CA VAL A 56 -2.81 -3.73 0.61
C VAL A 56 -4.15 -3.35 -0.02
N ALA A 57 -5.05 -4.32 -0.17
CA ALA A 57 -6.36 -4.10 -0.77
C ALA A 57 -7.50 -4.85 -0.06
N VAL A 58 -8.68 -4.23 -0.09
CA VAL A 58 -9.88 -4.61 0.67
C VAL A 58 -11.17 -4.42 -0.14
N ARG A 59 -12.21 -5.21 0.17
CA ARG A 59 -13.55 -5.08 -0.41
C ARG A 59 -14.44 -4.02 0.26
N ASP A 60 -14.02 -3.45 1.39
CA ASP A 60 -14.77 -2.40 2.11
C ASP A 60 -13.86 -1.23 2.56
N PRO A 61 -14.33 0.03 2.50
CA PRO A 61 -13.58 1.20 2.97
C PRO A 61 -13.42 1.25 4.49
N SER A 62 -14.37 0.70 5.26
CA SER A 62 -14.30 0.61 6.73
C SER A 62 -13.14 -0.27 7.20
N GLN A 63 -12.83 -1.33 6.45
CA GLN A 63 -11.69 -2.23 6.70
C GLN A 63 -10.36 -1.51 6.47
N ALA A 64 -10.22 -0.78 5.35
CA ALA A 64 -9.04 0.06 5.10
C ALA A 64 -8.84 1.12 6.19
N ASP A 65 -9.91 1.82 6.59
CA ASP A 65 -9.87 2.84 7.63
C ASP A 65 -9.46 2.24 9.00
N GLN A 66 -10.07 1.13 9.41
CA GLN A 66 -9.73 0.45 10.65
C GLN A 66 -8.31 -0.10 10.67
N ILE A 67 -7.83 -0.66 9.56
CA ILE A 67 -6.45 -1.17 9.47
C ILE A 67 -5.45 0.00 9.52
N LEU A 68 -5.75 1.09 8.81
CA LEU A 68 -4.91 2.31 8.77
C LEU A 68 -4.80 2.96 10.15
N LYS A 69 -5.90 3.04 10.90
CA LYS A 69 -5.96 3.56 12.28
C LYS A 69 -4.95 2.89 13.20
N GLU A 70 -4.91 1.55 13.23
CA GLU A 70 -3.93 0.82 14.05
C GLU A 70 -2.51 0.83 13.46
N ALA A 71 -2.38 0.77 12.14
CA ALA A 71 -1.08 0.71 11.47
C ALA A 71 -0.31 2.04 11.60
N LYS A 72 -0.98 3.20 11.52
CA LYS A 72 -0.44 4.52 11.79
C LYS A 72 0.00 4.67 13.24
N LYS A 73 -0.84 4.20 14.18
CA LYS A 73 -0.59 4.29 15.61
C LYS A 73 0.65 3.48 16.02
N GLN A 74 0.82 2.30 15.42
CA GLN A 74 1.95 1.42 15.65
C GLN A 74 3.23 1.87 14.89
N ASN A 75 3.09 2.46 13.70
CA ASN A 75 4.20 2.78 12.79
C ASN A 75 4.05 4.22 12.22
N PRO A 76 4.74 5.24 12.79
CA PRO A 76 4.58 6.63 12.34
C PRO A 76 5.26 6.94 11.00
N SER A 77 6.31 6.18 10.63
CA SER A 77 7.13 6.40 9.42
C SER A 77 6.65 5.62 8.18
N ALA A 78 5.51 4.93 8.28
CA ALA A 78 5.01 3.97 7.28
C ALA A 78 4.24 4.56 6.09
N THR A 79 3.88 5.85 6.14
CA THR A 79 3.30 6.67 5.04
C THR A 79 2.20 5.99 4.22
N PHE A 80 0.95 6.26 4.61
CA PHE A 80 -0.27 5.62 4.08
C PHE A 80 -0.97 6.49 3.04
N VAL A 81 -1.41 5.90 1.92
CA VAL A 81 -2.20 6.60 0.88
C VAL A 81 -3.39 5.76 0.42
N ARG A 82 -4.61 6.28 0.66
CA ARG A 82 -5.88 5.59 0.37
C ARG A 82 -6.33 5.80 -1.07
N LEU A 83 -6.74 4.72 -1.73
CA LEU A 83 -7.21 4.67 -3.11
C LEU A 83 -8.63 4.10 -3.18
N GLU A 84 -9.48 4.78 -3.96
CA GLU A 84 -10.87 4.38 -4.20
C GLU A 84 -11.42 4.98 -5.51
N GLY A 85 -11.16 6.27 -5.77
CA GLY A 85 -11.61 6.98 -6.97
C GLY A 85 -10.78 6.72 -8.25
N VAL A 86 -9.57 6.14 -8.11
CA VAL A 86 -8.68 5.77 -9.23
C VAL A 86 -8.92 4.31 -9.62
N SER A 87 -8.95 4.04 -10.93
CA SER A 87 -9.08 2.70 -11.50
C SER A 87 -7.93 1.75 -11.06
N PRO A 88 -8.17 0.43 -10.94
CA PRO A 88 -7.19 -0.54 -10.46
C PRO A 88 -5.98 -0.72 -11.39
N ASP A 89 -6.13 -0.41 -12.68
CA ASP A 89 -5.01 -0.33 -13.64
C ASP A 89 -4.25 1.01 -13.56
N ASP A 90 -4.93 2.11 -13.21
CA ASP A 90 -4.34 3.45 -13.05
C ASP A 90 -3.53 3.59 -11.76
N LEU A 91 -3.89 2.81 -10.73
CA LEU A 91 -3.16 2.62 -9.49
C LEU A 91 -1.66 2.37 -9.72
N ARG A 92 -1.28 1.72 -10.84
CA ARG A 92 0.14 1.46 -11.19
C ARG A 92 0.99 2.72 -11.19
N ARG A 93 0.46 3.82 -11.75
CA ARG A 93 1.13 5.13 -11.77
C ARG A 93 1.31 5.69 -10.35
N GLN A 94 0.29 5.58 -9.50
CA GLN A 94 0.31 6.05 -8.11
C GLN A 94 1.29 5.25 -7.24
N VAL A 95 1.39 3.93 -7.44
CA VAL A 95 2.34 3.05 -6.73
C VAL A 95 3.76 3.28 -7.20
N GLU A 96 3.99 3.30 -8.51
CA GLU A 96 5.33 3.49 -9.05
C GLU A 96 5.88 4.89 -8.79
N ASP A 97 5.06 5.95 -8.81
CA ASP A 97 5.48 7.31 -8.42
C ASP A 97 5.98 7.37 -6.97
N VAL A 98 5.40 6.58 -6.06
CA VAL A 98 5.90 6.40 -4.68
C VAL A 98 7.24 5.65 -4.66
N TRP A 99 7.41 4.63 -5.51
CA TRP A 99 8.69 3.92 -5.65
C TRP A 99 9.81 4.82 -6.19
N ARG A 100 9.53 5.62 -7.23
CA ARG A 100 10.50 6.60 -7.78
C ARG A 100 10.80 7.71 -6.77
N GLY A 101 9.78 8.22 -6.07
CA GLY A 101 9.89 9.21 -4.99
C GLY A 101 10.71 8.75 -3.78
N SER A 102 10.83 7.44 -3.57
CA SER A 102 11.72 6.85 -2.56
C SER A 102 13.20 7.11 -2.87
N LEU A 103 13.56 7.15 -4.17
CA LEU A 103 14.93 7.40 -4.65
C LEU A 103 15.18 8.89 -4.93
N GLU A 104 14.23 9.57 -5.58
CA GLU A 104 14.35 10.97 -5.99
C GLU A 104 14.04 11.92 -4.81
N HIS A 105 15.10 12.46 -4.20
CA HIS A 105 15.03 13.33 -3.02
C HIS A 105 14.69 14.80 -3.42
N HIS A 106 13.49 14.96 -3.96
CA HIS A 106 12.89 16.22 -4.42
C HIS A 106 11.59 16.53 -3.65
N HIS A 107 11.13 17.79 -3.66
CA HIS A 107 9.82 18.13 -3.08
C HIS A 107 8.66 17.50 -3.86
N HIS A 108 7.59 17.15 -3.16
CA HIS A 108 6.38 16.49 -3.70
C HIS A 108 5.12 17.28 -3.32
N HIS A 109 4.11 17.27 -4.19
CA HIS A 109 2.92 18.13 -4.10
C HIS A 109 2.05 17.86 -2.85
N HIS A 110 1.89 16.59 -2.47
CA HIS A 110 0.95 16.11 -1.45
C HIS A 110 -0.49 16.63 -1.68
N GLY A 1 10.59 -7.62 10.81
CA GLY A 1 10.74 -6.14 10.85
C GLY A 1 9.41 -5.42 10.72
N ASP A 2 9.45 -4.09 10.60
CA ASP A 2 8.25 -3.24 10.58
C ASP A 2 7.34 -3.52 9.38
N ALA A 3 7.91 -3.84 8.22
CA ALA A 3 7.19 -4.27 7.01
C ALA A 3 6.34 -5.54 7.27
N ASP A 4 6.91 -6.54 7.95
CA ASP A 4 6.26 -7.82 8.25
C ASP A 4 5.12 -7.64 9.27
N LYS A 5 5.30 -6.74 10.24
CA LYS A 5 4.28 -6.34 11.20
C LYS A 5 3.12 -5.64 10.49
N ILE A 6 3.42 -4.66 9.65
CA ILE A 6 2.39 -3.86 8.96
C ILE A 6 1.52 -4.71 8.02
N MET A 7 2.13 -5.69 7.33
CA MET A 7 1.35 -6.54 6.43
C MET A 7 0.42 -7.47 7.22
N GLU A 8 0.87 -7.95 8.37
CA GLU A 8 0.05 -8.77 9.27
C GLU A 8 -1.02 -7.96 10.01
N GLN A 9 -0.80 -6.67 10.28
CA GLN A 9 -1.83 -5.79 10.86
C GLN A 9 -3.09 -5.70 9.99
N ALA A 10 -2.95 -5.80 8.66
CA ALA A 10 -4.10 -5.91 7.77
C ALA A 10 -4.80 -7.27 7.90
N LYS A 11 -4.03 -8.37 7.92
CA LYS A 11 -4.55 -9.75 8.02
C LYS A 11 -5.16 -10.08 9.38
N ARG A 12 -4.70 -9.43 10.46
CA ARG A 12 -5.24 -9.59 11.83
C ARG A 12 -6.66 -9.04 11.95
N GLN A 13 -6.97 -8.01 11.15
CA GLN A 13 -8.24 -7.29 11.12
C GLN A 13 -9.19 -7.92 10.08
N ASP A 14 -8.67 -8.25 8.90
CA ASP A 14 -9.38 -8.91 7.82
C ASP A 14 -8.45 -9.89 7.07
N PRO A 15 -8.49 -11.20 7.35
CA PRO A 15 -7.58 -12.18 6.76
C PRO A 15 -7.86 -12.43 5.26
N ASN A 16 -9.03 -12.02 4.77
CA ASN A 16 -9.39 -12.04 3.36
C ASN A 16 -8.67 -10.96 2.52
N ALA A 17 -8.24 -9.85 3.14
CA ALA A 17 -7.53 -8.76 2.49
C ALA A 17 -6.25 -9.24 1.80
N GLN A 18 -5.92 -8.64 0.66
CA GLN A 18 -4.71 -8.99 -0.08
C GLN A 18 -3.60 -7.98 0.21
N VAL A 19 -2.44 -8.46 0.64
CA VAL A 19 -1.26 -7.63 0.93
C VAL A 19 0.01 -8.22 0.31
N TYR A 20 0.80 -7.35 -0.34
CA TYR A 20 2.07 -7.72 -0.97
C TYR A 20 3.14 -6.67 -0.72
N LYS A 21 4.40 -7.11 -0.58
CA LYS A 21 5.57 -6.27 -0.32
C LYS A 21 6.59 -6.42 -1.44
N VAL A 22 6.94 -5.31 -2.09
CA VAL A 22 7.86 -5.28 -3.22
C VAL A 22 9.02 -4.32 -2.98
N THR A 23 10.17 -4.66 -3.57
CA THR A 23 11.42 -3.88 -3.49
C THR A 23 11.90 -3.37 -4.85
N THR A 24 11.29 -3.81 -5.95
CA THR A 24 11.67 -3.46 -7.34
C THR A 24 10.48 -2.90 -8.14
N PRO A 25 10.72 -2.16 -9.25
CA PRO A 25 9.64 -1.70 -10.13
C PRO A 25 8.97 -2.85 -10.89
N ASP A 26 9.71 -3.91 -11.22
CA ASP A 26 9.20 -5.08 -11.94
C ASP A 26 8.25 -5.92 -11.06
N GLU A 27 8.49 -5.95 -9.75
CA GLU A 27 7.61 -6.64 -8.78
C GLU A 27 6.25 -5.94 -8.60
N ILE A 28 6.19 -4.61 -8.75
CA ILE A 28 4.94 -3.84 -8.61
C ILE A 28 3.88 -4.29 -9.63
N GLU A 29 4.28 -4.52 -10.88
CA GLU A 29 3.41 -4.99 -11.98
C GLU A 29 2.75 -6.34 -11.67
N GLU A 30 3.42 -7.18 -10.88
CA GLU A 30 2.80 -8.40 -10.33
C GLU A 30 1.77 -8.09 -9.24
N ALA A 31 2.11 -7.24 -8.25
CA ALA A 31 1.25 -6.90 -7.12
C ALA A 31 -0.06 -6.23 -7.57
N VAL A 32 0.04 -5.23 -8.45
CA VAL A 32 -1.12 -4.51 -9.02
C VAL A 32 -2.01 -5.42 -9.87
N ARG A 33 -1.43 -6.43 -10.53
CA ARG A 33 -2.16 -7.34 -11.44
C ARG A 33 -3.06 -8.33 -10.70
N ARG A 34 -2.63 -8.81 -9.52
CA ARG A 34 -3.39 -9.71 -8.64
C ARG A 34 -4.30 -8.95 -7.68
N ILE A 35 -3.86 -7.76 -7.26
CA ILE A 35 -4.74 -6.84 -6.53
C ILE A 35 -5.83 -6.27 -7.43
N GLU A 36 -5.62 -6.06 -8.73
CA GLU A 36 -6.57 -5.39 -9.64
C GLU A 36 -8.01 -5.88 -9.45
N LYS A 37 -8.18 -7.20 -9.29
CA LYS A 37 -9.49 -7.83 -9.17
C LYS A 37 -10.21 -7.44 -7.86
N TYR A 38 -9.44 -7.31 -6.79
CA TYR A 38 -9.82 -7.05 -5.40
C TYR A 38 -9.86 -5.55 -5.01
N GLY A 39 -8.77 -4.84 -5.33
CA GLY A 39 -8.57 -3.40 -5.20
C GLY A 39 -9.54 -2.56 -6.05
N ALA A 40 -10.26 -3.21 -6.95
CA ALA A 40 -11.40 -2.61 -7.66
C ALA A 40 -12.43 -1.98 -6.68
N GLN A 41 -12.47 -2.42 -5.41
CA GLN A 41 -13.21 -1.78 -4.32
C GLN A 41 -12.39 -0.65 -3.66
N VAL A 42 -11.35 -1.01 -2.87
CA VAL A 42 -10.59 -0.10 -2.01
C VAL A 42 -9.12 -0.56 -1.90
N VAL A 43 -8.18 0.39 -1.93
CA VAL A 43 -6.73 0.14 -1.89
C VAL A 43 -6.04 1.09 -0.91
N LEU A 44 -4.92 0.66 -0.34
CA LEU A 44 -4.01 1.45 0.46
C LEU A 44 -2.55 1.20 0.01
N ILE A 45 -1.78 2.27 -0.18
CA ILE A 45 -0.34 2.23 -0.48
C ILE A 45 0.43 2.58 0.79
N ILE A 46 1.39 1.74 1.18
CA ILE A 46 2.24 1.93 2.35
C ILE A 46 3.72 2.01 1.93
N TYR A 47 4.46 3.02 2.41
CA TYR A 47 5.88 3.25 2.09
C TYR A 47 6.73 3.29 3.36
N THR A 48 7.38 2.16 3.66
CA THR A 48 8.16 1.93 4.89
C THR A 48 9.65 1.72 4.60
N SER A 49 10.51 2.10 5.57
CA SER A 49 11.99 2.07 5.44
C SER A 49 12.48 2.82 4.18
N SER A 50 13.68 2.48 3.68
CA SER A 50 14.37 3.27 2.63
C SER A 50 13.70 3.23 1.25
N GLY A 51 13.19 2.06 0.81
CA GLY A 51 12.60 1.86 -0.53
C GLY A 51 11.57 0.74 -0.66
N ILE A 52 11.19 0.09 0.44
CA ILE A 52 10.18 -0.97 0.45
C ILE A 52 8.78 -0.38 0.33
N VAL A 53 8.02 -0.86 -0.66
CA VAL A 53 6.63 -0.45 -0.90
C VAL A 53 5.72 -1.65 -0.65
N ILE A 54 4.71 -1.46 0.20
CA ILE A 54 3.72 -2.49 0.53
C ILE A 54 2.37 -2.04 -0.01
N LEU A 55 1.70 -2.91 -0.76
CA LEU A 55 0.42 -2.66 -1.39
C LEU A 55 -0.64 -3.53 -0.70
N VAL A 56 -1.65 -2.90 -0.10
CA VAL A 56 -2.77 -3.60 0.55
C VAL A 56 -4.12 -3.24 -0.07
N ALA A 57 -5.02 -4.22 -0.22
CA ALA A 57 -6.35 -4.00 -0.77
C ALA A 57 -7.46 -4.77 -0.04
N VAL A 58 -8.65 -4.18 -0.04
CA VAL A 58 -9.83 -4.58 0.74
C VAL A 58 -11.13 -4.43 -0.05
N ARG A 59 -12.15 -5.25 0.27
CA ARG A 59 -13.49 -5.16 -0.34
C ARG A 59 -14.43 -4.16 0.37
N ASP A 60 -14.03 -3.60 1.52
CA ASP A 60 -14.81 -2.60 2.26
C ASP A 60 -13.95 -1.38 2.67
N PRO A 61 -14.49 -0.16 2.62
CA PRO A 61 -13.79 1.04 3.11
C PRO A 61 -13.66 1.07 4.64
N SER A 62 -14.57 0.40 5.36
CA SER A 62 -14.49 0.23 6.83
C SER A 62 -13.28 -0.60 7.25
N GLN A 63 -12.93 -1.65 6.49
CA GLN A 63 -11.72 -2.43 6.69
C GLN A 63 -10.46 -1.59 6.50
N ALA A 64 -10.38 -0.80 5.43
CA ALA A 64 -9.25 0.11 5.20
C ALA A 64 -9.12 1.15 6.32
N ASP A 65 -10.24 1.76 6.74
CA ASP A 65 -10.27 2.74 7.83
C ASP A 65 -9.70 2.15 9.13
N GLN A 66 -10.19 0.97 9.52
CA GLN A 66 -9.78 0.30 10.74
C GLN A 66 -8.34 -0.21 10.69
N ILE A 67 -7.91 -0.79 9.56
CA ILE A 67 -6.54 -1.30 9.42
C ILE A 67 -5.56 -0.11 9.45
N LEU A 68 -5.89 0.98 8.76
CA LEU A 68 -5.11 2.23 8.75
C LEU A 68 -4.95 2.80 10.17
N LYS A 69 -6.06 2.86 10.91
CA LYS A 69 -6.14 3.44 12.25
C LYS A 69 -5.14 2.78 13.21
N GLU A 70 -5.07 1.46 13.21
CA GLU A 70 -4.08 0.72 14.00
C GLU A 70 -2.65 0.78 13.42
N ALA A 71 -2.52 0.73 12.10
CA ALA A 71 -1.21 0.69 11.44
C ALA A 71 -0.45 2.01 11.57
N LYS A 72 -1.13 3.16 11.48
CA LYS A 72 -0.59 4.48 11.74
C LYS A 72 -0.21 4.67 13.20
N LYS A 73 -1.06 4.20 14.12
CA LYS A 73 -0.82 4.28 15.57
C LYS A 73 0.45 3.52 15.97
N GLN A 74 0.62 2.33 15.40
CA GLN A 74 1.78 1.47 15.64
C GLN A 74 3.04 1.95 14.89
N ASN A 75 2.88 2.55 13.70
CA ASN A 75 3.98 2.93 12.79
C ASN A 75 3.73 4.34 12.19
N PRO A 76 4.18 5.43 12.86
CA PRO A 76 3.86 6.80 12.43
C PRO A 76 4.63 7.27 11.18
N SER A 77 5.76 6.63 10.86
CA SER A 77 6.62 6.94 9.70
C SER A 77 6.29 6.14 8.42
N ALA A 78 5.35 5.20 8.49
CA ALA A 78 5.06 4.21 7.44
C ALA A 78 4.31 4.75 6.20
N THR A 79 3.82 6.00 6.26
CA THR A 79 3.24 6.79 5.15
C THR A 79 2.18 6.04 4.32
N PHE A 80 0.92 6.28 4.67
CA PHE A 80 -0.27 5.61 4.11
C PHE A 80 -0.99 6.50 3.10
N VAL A 81 -1.46 5.92 1.98
CA VAL A 81 -2.26 6.63 0.97
C VAL A 81 -3.48 5.81 0.56
N ARG A 82 -4.69 6.31 0.88
CA ARG A 82 -5.97 5.65 0.55
C ARG A 82 -6.35 5.90 -0.91
N LEU A 83 -6.75 4.84 -1.60
CA LEU A 83 -7.18 4.82 -3.00
C LEU A 83 -8.63 4.37 -3.12
N GLU A 84 -9.41 5.14 -3.86
CA GLU A 84 -10.86 4.97 -3.99
C GLU A 84 -11.43 5.57 -5.28
N GLY A 85 -10.99 6.78 -5.66
CA GLY A 85 -11.41 7.49 -6.87
C GLY A 85 -10.61 7.15 -8.15
N VAL A 86 -9.60 6.28 -8.06
CA VAL A 86 -8.70 5.89 -9.17
C VAL A 86 -8.97 4.44 -9.60
N SER A 87 -8.94 4.20 -10.91
CA SER A 87 -9.05 2.86 -11.51
C SER A 87 -7.92 1.91 -11.05
N PRO A 88 -8.18 0.59 -10.93
CA PRO A 88 -7.23 -0.39 -10.38
C PRO A 88 -6.00 -0.61 -11.27
N ASP A 89 -6.09 -0.33 -12.58
CA ASP A 89 -4.91 -0.28 -13.47
C ASP A 89 -4.16 1.07 -13.43
N ASP A 90 -4.86 2.18 -13.14
CA ASP A 90 -4.23 3.52 -13.05
C ASP A 90 -3.43 3.68 -11.74
N LEU A 91 -3.83 2.94 -10.70
CA LEU A 91 -3.10 2.75 -9.44
C LEU A 91 -1.60 2.45 -9.64
N ARG A 92 -1.21 1.83 -10.77
CA ARG A 92 0.21 1.60 -11.13
C ARG A 92 1.03 2.89 -11.07
N ARG A 93 0.49 4.00 -11.59
CA ARG A 93 1.14 5.32 -11.54
C ARG A 93 1.38 5.79 -10.11
N GLN A 94 0.35 5.69 -9.25
CA GLN A 94 0.42 6.07 -7.83
C GLN A 94 1.40 5.20 -7.04
N VAL A 95 1.50 3.90 -7.32
CA VAL A 95 2.43 2.97 -6.64
C VAL A 95 3.86 3.18 -7.14
N GLU A 96 4.06 3.22 -8.46
CA GLU A 96 5.40 3.32 -9.05
C GLU A 96 6.04 4.69 -8.81
N ASP A 97 5.28 5.80 -8.83
CA ASP A 97 5.81 7.13 -8.48
C ASP A 97 6.28 7.20 -7.01
N VAL A 98 5.68 6.41 -6.12
CA VAL A 98 6.12 6.26 -4.72
C VAL A 98 7.40 5.42 -4.64
N TRP A 99 7.55 4.39 -5.48
CA TRP A 99 8.81 3.65 -5.62
C TRP A 99 9.95 4.53 -6.15
N ARG A 100 9.71 5.26 -7.25
CA ARG A 100 10.67 6.20 -7.84
C ARG A 100 11.05 7.31 -6.87
N GLY A 101 10.08 7.87 -6.13
CA GLY A 101 10.28 8.91 -5.12
C GLY A 101 11.28 8.55 -4.01
N SER A 102 11.48 7.26 -3.74
CA SER A 102 12.50 6.77 -2.79
C SER A 102 13.95 6.95 -3.28
N LEU A 103 14.17 6.99 -4.60
CA LEU A 103 15.48 7.19 -5.23
C LEU A 103 15.63 8.62 -5.78
N GLU A 104 14.60 9.08 -6.49
CA GLU A 104 14.55 10.28 -7.30
C GLU A 104 13.91 11.43 -6.50
N HIS A 105 14.73 12.08 -5.67
CA HIS A 105 14.29 13.06 -4.68
C HIS A 105 13.92 14.41 -5.34
N HIS A 106 12.78 14.98 -4.95
CA HIS A 106 12.25 16.25 -5.47
C HIS A 106 11.37 16.96 -4.42
N HIS A 107 11.18 18.28 -4.57
CA HIS A 107 10.48 19.13 -3.59
C HIS A 107 8.95 18.97 -3.57
N HIS A 108 8.35 18.46 -4.66
CA HIS A 108 6.91 18.29 -4.81
C HIS A 108 6.40 16.96 -4.21
N HIS A 109 5.17 16.97 -3.69
CA HIS A 109 4.44 15.81 -3.18
C HIS A 109 3.02 15.77 -3.78
N HIS A 110 2.62 14.61 -4.33
CA HIS A 110 1.34 14.41 -5.03
C HIS A 110 0.16 14.17 -4.07
N GLY A 1 10.66 -7.76 10.91
CA GLY A 1 10.78 -6.29 11.03
C GLY A 1 9.47 -5.58 10.83
N ASP A 2 9.51 -4.25 10.69
CA ASP A 2 8.32 -3.38 10.64
C ASP A 2 7.42 -3.69 9.43
N ALA A 3 8.01 -3.97 8.27
CA ALA A 3 7.31 -4.40 7.06
C ALA A 3 6.48 -5.69 7.29
N ASP A 4 7.07 -6.68 7.97
CA ASP A 4 6.43 -7.96 8.28
C ASP A 4 5.30 -7.80 9.32
N LYS A 5 5.42 -6.83 10.23
CA LYS A 5 4.36 -6.50 11.18
C LYS A 5 3.19 -5.83 10.47
N ILE A 6 3.48 -4.84 9.62
CA ILE A 6 2.44 -4.02 8.99
C ILE A 6 1.55 -4.86 8.07
N MET A 7 2.13 -5.86 7.40
CA MET A 7 1.36 -6.73 6.50
C MET A 7 0.39 -7.61 7.32
N GLU A 8 0.85 -8.08 8.48
CA GLU A 8 0.02 -8.86 9.41
C GLU A 8 -1.09 -8.01 10.05
N GLN A 9 -0.87 -6.72 10.27
CA GLN A 9 -1.91 -5.82 10.79
C GLN A 9 -3.14 -5.74 9.88
N ALA A 10 -2.99 -5.92 8.58
CA ALA A 10 -4.12 -6.04 7.67
C ALA A 10 -4.83 -7.40 7.83
N LYS A 11 -4.06 -8.49 7.91
CA LYS A 11 -4.56 -9.87 8.02
C LYS A 11 -5.23 -10.16 9.37
N ARG A 12 -4.77 -9.52 10.45
CA ARG A 12 -5.32 -9.67 11.81
C ARG A 12 -6.74 -9.09 11.89
N GLN A 13 -7.00 -8.05 11.09
CA GLN A 13 -8.24 -7.27 11.05
C GLN A 13 -9.21 -7.83 10.01
N ASP A 14 -8.71 -8.19 8.83
CA ASP A 14 -9.46 -8.79 7.74
C ASP A 14 -8.58 -9.81 6.97
N PRO A 15 -8.70 -11.12 7.25
CA PRO A 15 -7.84 -12.14 6.66
C PRO A 15 -8.09 -12.35 5.15
N ASN A 16 -9.21 -11.84 4.62
CA ASN A 16 -9.55 -11.85 3.21
C ASN A 16 -8.94 -10.66 2.43
N ALA A 17 -8.42 -9.63 3.10
CA ALA A 17 -7.64 -8.56 2.48
C ALA A 17 -6.40 -9.12 1.77
N GLN A 18 -6.03 -8.50 0.65
CA GLN A 18 -4.82 -8.88 -0.09
C GLN A 18 -3.70 -7.90 0.24
N VAL A 19 -2.55 -8.40 0.71
CA VAL A 19 -1.40 -7.58 1.11
C VAL A 19 -0.08 -8.17 0.61
N TYR A 20 0.74 -7.33 -0.02
CA TYR A 20 2.02 -7.73 -0.63
C TYR A 20 3.10 -6.69 -0.41
N LYS A 21 4.34 -7.15 -0.25
CA LYS A 21 5.52 -6.31 -0.05
C LYS A 21 6.48 -6.44 -1.23
N VAL A 22 6.84 -5.30 -1.82
CA VAL A 22 7.70 -5.22 -3.00
C VAL A 22 8.86 -4.27 -2.77
N THR A 23 9.99 -4.59 -3.37
CA THR A 23 11.25 -3.82 -3.28
C THR A 23 11.67 -3.21 -4.62
N THR A 24 10.93 -3.50 -5.71
CA THR A 24 11.27 -3.15 -7.10
C THR A 24 10.02 -2.78 -7.92
N PRO A 25 10.16 -2.04 -9.04
CA PRO A 25 9.05 -1.75 -9.96
C PRO A 25 8.58 -3.01 -10.71
N ASP A 26 9.49 -3.96 -10.96
CA ASP A 26 9.18 -5.24 -11.62
C ASP A 26 8.34 -6.16 -10.70
N GLU A 27 8.50 -6.04 -9.38
CA GLU A 27 7.64 -6.70 -8.40
C GLU A 27 6.30 -5.98 -8.24
N ILE A 28 6.25 -4.64 -8.34
CA ILE A 28 5.01 -3.85 -8.32
C ILE A 28 4.02 -4.32 -9.40
N GLU A 29 4.46 -4.46 -10.65
CA GLU A 29 3.59 -4.90 -11.76
C GLU A 29 3.00 -6.31 -11.58
N GLU A 30 3.55 -7.14 -10.69
CA GLU A 30 2.94 -8.40 -10.27
C GLU A 30 1.92 -8.23 -9.13
N ALA A 31 2.19 -7.35 -8.14
CA ALA A 31 1.30 -7.08 -7.01
C ALA A 31 -0.01 -6.41 -7.44
N VAL A 32 0.09 -5.37 -8.25
CA VAL A 32 -1.06 -4.66 -8.85
C VAL A 32 -1.93 -5.57 -9.71
N ARG A 33 -1.34 -6.57 -10.35
CA ARG A 33 -2.02 -7.49 -11.28
C ARG A 33 -3.01 -8.42 -10.58
N ARG A 34 -2.68 -8.89 -9.38
CA ARG A 34 -3.53 -9.72 -8.52
C ARG A 34 -4.44 -8.88 -7.63
N ILE A 35 -3.96 -7.72 -7.16
CA ILE A 35 -4.80 -6.74 -6.49
C ILE A 35 -5.85 -6.14 -7.42
N GLU A 36 -5.61 -6.02 -8.72
CA GLU A 36 -6.53 -5.39 -9.69
C GLU A 36 -7.98 -5.83 -9.48
N LYS A 37 -8.17 -7.13 -9.18
CA LYS A 37 -9.50 -7.72 -9.01
C LYS A 37 -10.21 -7.26 -7.73
N TYR A 38 -9.47 -7.19 -6.62
CA TYR A 38 -9.93 -6.84 -5.26
C TYR A 38 -9.91 -5.33 -4.96
N GLY A 39 -8.78 -4.69 -5.28
CA GLY A 39 -8.54 -3.24 -5.22
C GLY A 39 -9.45 -2.42 -6.13
N ALA A 40 -10.19 -3.10 -7.01
CA ALA A 40 -11.30 -2.53 -7.77
C ALA A 40 -12.31 -1.76 -6.89
N GLN A 41 -12.44 -2.09 -5.59
CA GLN A 41 -13.20 -1.31 -4.62
C GLN A 41 -12.33 -0.29 -3.85
N VAL A 42 -11.35 -0.75 -3.06
CA VAL A 42 -10.57 0.07 -2.11
C VAL A 42 -9.12 -0.43 -2.01
N VAL A 43 -8.16 0.50 -2.02
CA VAL A 43 -6.70 0.22 -1.96
C VAL A 43 -6.02 1.19 -0.99
N LEU A 44 -4.91 0.75 -0.41
CA LEU A 44 -3.99 1.56 0.38
C LEU A 44 -2.54 1.28 -0.03
N ILE A 45 -1.75 2.35 -0.18
CA ILE A 45 -0.31 2.29 -0.46
C ILE A 45 0.45 2.66 0.82
N ILE A 46 1.38 1.79 1.24
CA ILE A 46 2.22 1.96 2.42
C ILE A 46 3.70 2.04 1.98
N TYR A 47 4.44 3.01 2.52
CA TYR A 47 5.84 3.29 2.18
C TYR A 47 6.73 3.30 3.44
N THR A 48 7.44 2.19 3.64
CA THR A 48 8.27 1.91 4.83
C THR A 48 9.78 1.85 4.51
N SER A 49 10.61 2.36 5.43
CA SER A 49 12.08 2.43 5.31
C SER A 49 12.56 3.12 4.00
N SER A 50 13.75 2.77 3.50
CA SER A 50 14.46 3.47 2.42
C SER A 50 13.90 3.28 0.99
N GLY A 51 12.84 2.48 0.80
CA GLY A 51 12.28 2.19 -0.53
C GLY A 51 11.33 0.99 -0.62
N ILE A 52 11.10 0.25 0.46
CA ILE A 52 10.13 -0.84 0.48
C ILE A 52 8.70 -0.28 0.42
N VAL A 53 7.93 -0.77 -0.54
CA VAL A 53 6.52 -0.41 -0.71
C VAL A 53 5.67 -1.64 -0.38
N ILE A 54 4.63 -1.45 0.42
CA ILE A 54 3.67 -2.50 0.76
C ILE A 54 2.31 -2.06 0.20
N LEU A 55 1.70 -2.92 -0.60
CA LEU A 55 0.43 -2.68 -1.28
C LEU A 55 -0.64 -3.51 -0.58
N VAL A 56 -1.65 -2.85 0.00
CA VAL A 56 -2.80 -3.51 0.63
C VAL A 56 -4.11 -3.15 -0.05
N ALA A 57 -5.01 -4.11 -0.22
CA ALA A 57 -6.33 -3.88 -0.80
C ALA A 57 -7.44 -4.68 -0.13
N VAL A 58 -8.64 -4.12 -0.19
CA VAL A 58 -9.84 -4.56 0.54
C VAL A 58 -11.10 -4.38 -0.31
N ARG A 59 -12.11 -5.23 -0.05
CA ARG A 59 -13.43 -5.16 -0.70
C ARG A 59 -14.41 -4.16 -0.06
N ASP A 60 -14.09 -3.63 1.12
CA ASP A 60 -14.93 -2.68 1.88
C ASP A 60 -14.07 -1.53 2.49
N PRO A 61 -14.60 -0.30 2.59
CA PRO A 61 -13.84 0.88 3.03
C PRO A 61 -13.54 0.92 4.53
N SER A 62 -14.44 0.39 5.38
CA SER A 62 -14.26 0.37 6.83
C SER A 62 -13.05 -0.48 7.26
N GLN A 63 -12.77 -1.55 6.52
CA GLN A 63 -11.62 -2.43 6.70
C GLN A 63 -10.31 -1.68 6.46
N ALA A 64 -10.20 -0.95 5.35
CA ALA A 64 -9.05 -0.08 5.08
C ALA A 64 -8.85 0.96 6.19
N ASP A 65 -9.91 1.68 6.58
CA ASP A 65 -9.83 2.72 7.61
C ASP A 65 -9.35 2.16 8.96
N GLN A 66 -9.94 1.04 9.39
CA GLN A 66 -9.56 0.37 10.64
C GLN A 66 -8.11 -0.14 10.61
N ILE A 67 -7.68 -0.76 9.50
CA ILE A 67 -6.33 -1.29 9.37
C ILE A 67 -5.31 -0.14 9.38
N LEU A 68 -5.59 0.95 8.66
CA LEU A 68 -4.65 2.08 8.55
C LEU A 68 -4.48 2.78 9.91
N LYS A 69 -5.57 2.92 10.68
CA LYS A 69 -5.56 3.51 12.02
C LYS A 69 -4.60 2.79 12.97
N GLU A 70 -4.71 1.47 13.09
CA GLU A 70 -3.78 0.69 13.93
C GLU A 70 -2.36 0.63 13.36
N ALA A 71 -2.22 0.59 12.03
CA ALA A 71 -0.92 0.51 11.38
C ALA A 71 -0.11 1.81 11.55
N LYS A 72 -0.76 2.99 11.47
CA LYS A 72 -0.18 4.29 11.76
C LYS A 72 0.16 4.44 13.24
N LYS A 73 -0.73 3.96 14.13
CA LYS A 73 -0.52 4.01 15.58
C LYS A 73 0.74 3.24 15.98
N GLN A 74 0.95 2.08 15.37
CA GLN A 74 2.13 1.24 15.57
C GLN A 74 3.37 1.74 14.82
N ASN A 75 3.20 2.31 13.62
CA ASN A 75 4.27 2.71 12.70
C ASN A 75 4.01 4.14 12.15
N PRO A 76 4.46 5.22 12.82
CA PRO A 76 4.11 6.59 12.46
C PRO A 76 4.79 7.10 11.17
N SER A 77 5.91 6.48 10.77
CA SER A 77 6.69 6.82 9.56
C SER A 77 6.25 6.07 8.29
N ALA A 78 5.33 5.11 8.39
CA ALA A 78 4.96 4.17 7.33
C ALA A 78 4.16 4.77 6.16
N THR A 79 3.66 6.00 6.29
CA THR A 79 3.05 6.84 5.23
C THR A 79 1.97 6.14 4.39
N PHE A 80 0.72 6.35 4.78
CA PHE A 80 -0.46 5.67 4.23
C PHE A 80 -1.17 6.56 3.19
N VAL A 81 -1.49 6.01 2.02
CA VAL A 81 -2.18 6.74 0.93
C VAL A 81 -3.37 5.93 0.41
N ARG A 82 -4.58 6.43 0.66
CA ARG A 82 -5.85 5.76 0.30
C ARG A 82 -6.22 5.98 -1.16
N LEU A 83 -6.70 4.91 -1.80
CA LEU A 83 -7.14 4.86 -3.20
C LEU A 83 -8.58 4.36 -3.30
N GLU A 84 -9.39 5.10 -4.04
CA GLU A 84 -10.81 4.79 -4.30
C GLU A 84 -11.28 5.34 -5.66
N GLY A 85 -10.98 6.61 -5.96
CA GLY A 85 -11.41 7.29 -7.20
C GLY A 85 -10.58 6.98 -8.45
N VAL A 86 -9.43 6.30 -8.30
CA VAL A 86 -8.54 5.89 -9.40
C VAL A 86 -8.81 4.43 -9.78
N SER A 87 -8.83 4.15 -11.09
CA SER A 87 -8.96 2.79 -11.64
C SER A 87 -7.86 1.84 -11.16
N PRO A 88 -8.14 0.53 -11.02
CA PRO A 88 -7.17 -0.47 -10.54
C PRO A 88 -5.98 -0.67 -11.50
N ASP A 89 -6.17 -0.37 -12.79
CA ASP A 89 -5.08 -0.31 -13.78
C ASP A 89 -4.23 0.98 -13.66
N ASP A 90 -4.84 2.11 -13.30
CA ASP A 90 -4.16 3.40 -13.11
C ASP A 90 -3.39 3.49 -11.80
N LEU A 91 -3.82 2.73 -10.77
CA LEU A 91 -3.11 2.51 -9.51
C LEU A 91 -1.62 2.18 -9.73
N ARG A 92 -1.25 1.53 -10.85
CA ARG A 92 0.16 1.23 -11.21
C ARG A 92 1.02 2.50 -11.22
N ARG A 93 0.52 3.58 -11.79
CA ARG A 93 1.18 4.89 -11.85
C ARG A 93 1.31 5.51 -10.46
N GLN A 94 0.28 5.40 -9.62
CA GLN A 94 0.25 5.93 -8.25
C GLN A 94 1.21 5.16 -7.32
N VAL A 95 1.31 3.84 -7.47
CA VAL A 95 2.24 2.97 -6.71
C VAL A 95 3.68 3.20 -7.16
N GLU A 96 3.93 3.19 -8.47
CA GLU A 96 5.28 3.42 -8.97
C GLU A 96 5.79 4.82 -8.66
N ASP A 97 4.96 5.87 -8.68
CA ASP A 97 5.40 7.23 -8.30
C ASP A 97 5.90 7.29 -6.84
N VAL A 98 5.35 6.46 -5.94
CA VAL A 98 5.86 6.28 -4.57
C VAL A 98 7.19 5.53 -4.57
N TRP A 99 7.36 4.51 -5.43
CA TRP A 99 8.62 3.77 -5.57
C TRP A 99 9.75 4.66 -6.13
N ARG A 100 9.51 5.35 -7.25
CA ARG A 100 10.47 6.27 -7.90
C ARG A 100 10.80 7.46 -6.98
N GLY A 101 9.80 8.00 -6.29
CA GLY A 101 9.94 9.10 -5.33
C GLY A 101 10.82 8.77 -4.11
N SER A 102 10.91 7.50 -3.71
CA SER A 102 11.79 7.07 -2.60
C SER A 102 13.29 7.24 -2.91
N LEU A 103 13.67 7.19 -4.19
CA LEU A 103 15.07 7.31 -4.66
C LEU A 103 15.49 8.76 -4.98
N GLU A 104 14.53 9.66 -5.15
CA GLU A 104 14.74 11.03 -5.65
C GLU A 104 14.88 12.06 -4.53
N HIS A 105 15.86 12.97 -4.66
CA HIS A 105 16.11 14.05 -3.69
C HIS A 105 15.10 15.20 -3.83
N HIS A 106 14.74 15.84 -2.71
CA HIS A 106 13.79 16.96 -2.65
C HIS A 106 14.17 17.99 -1.57
N HIS A 107 13.55 19.17 -1.63
CA HIS A 107 13.60 20.22 -0.61
C HIS A 107 12.19 20.54 -0.10
N HIS A 108 12.03 20.64 1.22
CA HIS A 108 10.74 20.80 1.94
C HIS A 108 9.72 19.66 1.68
N HIS A 109 8.63 19.66 2.44
CA HIS A 109 7.45 18.81 2.20
C HIS A 109 6.64 19.32 1.00
N HIS A 110 6.02 18.40 0.25
CA HIS A 110 5.25 18.67 -0.98
C HIS A 110 4.02 17.75 -1.10
N GLY A 1 10.50 -8.27 10.68
CA GLY A 1 10.77 -6.82 10.73
C GLY A 1 9.51 -5.98 10.58
N ASP A 2 9.67 -4.67 10.41
CA ASP A 2 8.55 -3.71 10.40
C ASP A 2 7.57 -3.94 9.23
N ALA A 3 8.09 -4.29 8.05
CA ALA A 3 7.30 -4.67 6.88
C ALA A 3 6.38 -5.88 7.16
N ASP A 4 6.90 -6.91 7.84
CA ASP A 4 6.16 -8.13 8.19
C ASP A 4 5.07 -7.86 9.24
N LYS A 5 5.34 -6.95 10.18
CA LYS A 5 4.37 -6.48 11.17
C LYS A 5 3.23 -5.74 10.48
N ILE A 6 3.55 -4.78 9.61
CA ILE A 6 2.55 -3.93 8.96
C ILE A 6 1.62 -4.72 8.05
N MET A 7 2.14 -5.75 7.35
CA MET A 7 1.30 -6.56 6.48
C MET A 7 0.34 -7.44 7.29
N GLU A 8 0.79 -7.93 8.45
CA GLU A 8 -0.04 -8.71 9.35
C GLU A 8 -1.07 -7.86 10.11
N GLN A 9 -0.80 -6.57 10.34
CA GLN A 9 -1.81 -5.64 10.88
C GLN A 9 -3.05 -5.52 9.98
N ALA A 10 -2.91 -5.73 8.67
CA ALA A 10 -4.05 -5.84 7.78
C ALA A 10 -4.78 -7.19 7.93
N LYS A 11 -4.03 -8.30 7.95
CA LYS A 11 -4.57 -9.67 8.03
C LYS A 11 -5.23 -9.98 9.38
N ARG A 12 -4.76 -9.35 10.47
CA ARG A 12 -5.32 -9.51 11.83
C ARG A 12 -6.72 -8.89 11.96
N GLN A 13 -6.97 -7.84 11.17
CA GLN A 13 -8.22 -7.08 11.12
C GLN A 13 -9.19 -7.67 10.09
N ASP A 14 -8.68 -8.04 8.92
CA ASP A 14 -9.42 -8.68 7.83
C ASP A 14 -8.53 -9.74 7.12
N PRO A 15 -8.68 -11.04 7.43
CA PRO A 15 -7.83 -12.09 6.86
C PRO A 15 -8.11 -12.34 5.36
N ASN A 16 -9.24 -11.86 4.84
CA ASN A 16 -9.56 -11.88 3.42
C ASN A 16 -8.79 -10.84 2.58
N ALA A 17 -8.30 -9.75 3.20
CA ALA A 17 -7.54 -8.70 2.54
C ALA A 17 -6.28 -9.24 1.85
N GLN A 18 -5.96 -8.70 0.68
CA GLN A 18 -4.78 -9.10 -0.07
C GLN A 18 -3.64 -8.11 0.21
N VAL A 19 -2.48 -8.60 0.66
CA VAL A 19 -1.30 -7.77 0.95
C VAL A 19 -0.02 -8.35 0.34
N TYR A 20 0.76 -7.51 -0.31
CA TYR A 20 2.03 -7.86 -0.98
C TYR A 20 3.11 -6.81 -0.76
N LYS A 21 4.37 -7.25 -0.68
CA LYS A 21 5.54 -6.40 -0.45
C LYS A 21 6.52 -6.49 -1.62
N VAL A 22 6.87 -5.34 -2.20
CA VAL A 22 7.76 -5.22 -3.36
C VAL A 22 8.93 -4.29 -3.07
N THR A 23 10.09 -4.62 -3.66
CA THR A 23 11.35 -3.88 -3.50
C THR A 23 11.85 -3.24 -4.80
N THR A 24 11.18 -3.49 -5.93
CA THR A 24 11.59 -3.12 -7.29
C THR A 24 10.41 -2.60 -8.13
N PRO A 25 10.65 -1.86 -9.23
CA PRO A 25 9.59 -1.44 -10.14
C PRO A 25 8.95 -2.62 -10.90
N ASP A 26 9.74 -3.65 -11.21
CA ASP A 26 9.27 -4.84 -11.93
C ASP A 26 8.38 -5.74 -11.06
N GLU A 27 8.61 -5.75 -9.74
CA GLU A 27 7.79 -6.51 -8.78
C GLU A 27 6.39 -5.88 -8.55
N ILE A 28 6.27 -4.54 -8.66
CA ILE A 28 4.98 -3.83 -8.54
C ILE A 28 3.94 -4.36 -9.54
N GLU A 29 4.33 -4.63 -10.79
CA GLU A 29 3.47 -5.14 -11.87
C GLU A 29 2.82 -6.48 -11.52
N GLU A 30 3.50 -7.29 -10.71
CA GLU A 30 2.90 -8.53 -10.17
C GLU A 30 1.84 -8.24 -9.10
N ALA A 31 2.12 -7.34 -8.16
CA ALA A 31 1.21 -6.99 -7.05
C ALA A 31 -0.07 -6.32 -7.54
N VAL A 32 0.05 -5.32 -8.41
CA VAL A 32 -1.09 -4.59 -9.00
C VAL A 32 -1.97 -5.49 -9.85
N ARG A 33 -1.40 -6.51 -10.51
CA ARG A 33 -2.13 -7.41 -11.42
C ARG A 33 -3.05 -8.39 -10.70
N ARG A 34 -2.64 -8.88 -9.52
CA ARG A 34 -3.43 -9.77 -8.67
C ARG A 34 -4.35 -8.99 -7.74
N ILE A 35 -3.92 -7.81 -7.31
CA ILE A 35 -4.80 -6.88 -6.59
C ILE A 35 -5.88 -6.32 -7.50
N GLU A 36 -5.64 -6.13 -8.80
CA GLU A 36 -6.59 -5.46 -9.72
C GLU A 36 -8.03 -6.00 -9.58
N LYS A 37 -8.19 -7.31 -9.37
CA LYS A 37 -9.51 -7.94 -9.19
C LYS A 37 -10.22 -7.55 -7.88
N TYR A 38 -9.44 -7.39 -6.81
CA TYR A 38 -9.85 -7.13 -5.42
C TYR A 38 -9.88 -5.64 -5.05
N GLY A 39 -8.79 -4.93 -5.36
CA GLY A 39 -8.60 -3.48 -5.24
C GLY A 39 -9.55 -2.65 -6.10
N ALA A 40 -10.28 -3.31 -7.00
CA ALA A 40 -11.41 -2.72 -7.73
C ALA A 40 -12.43 -2.04 -6.77
N GLN A 41 -12.50 -2.45 -5.50
CA GLN A 41 -13.22 -1.77 -4.43
C GLN A 41 -12.35 -0.68 -3.78
N VAL A 42 -11.35 -1.06 -2.98
CA VAL A 42 -10.54 -0.16 -2.14
C VAL A 42 -9.10 -0.69 -2.03
N VAL A 43 -8.13 0.22 -2.03
CA VAL A 43 -6.68 -0.04 -1.99
C VAL A 43 -6.00 0.89 -0.98
N LEU A 44 -4.88 0.45 -0.42
CA LEU A 44 -3.98 1.26 0.38
C LEU A 44 -2.52 1.04 -0.05
N ILE A 45 -1.76 2.13 -0.16
CA ILE A 45 -0.32 2.11 -0.43
C ILE A 45 0.43 2.46 0.85
N ILE A 46 1.38 1.60 1.24
CA ILE A 46 2.21 1.75 2.45
C ILE A 46 3.70 1.84 2.06
N TYR A 47 4.42 2.79 2.65
CA TYR A 47 5.84 3.08 2.37
C TYR A 47 6.69 2.95 3.65
N THR A 48 7.41 1.84 3.74
CA THR A 48 8.28 1.50 4.89
C THR A 48 9.77 1.48 4.54
N SER A 49 10.62 1.90 5.48
CA SER A 49 12.07 2.05 5.31
C SER A 49 12.46 2.91 4.07
N SER A 50 13.63 2.69 3.49
CA SER A 50 14.24 3.54 2.44
C SER A 50 13.73 3.30 1.01
N GLY A 51 12.77 2.38 0.80
CA GLY A 51 12.27 2.05 -0.55
C GLY A 51 11.33 0.84 -0.67
N ILE A 52 11.09 0.08 0.40
CA ILE A 52 10.12 -1.01 0.39
C ILE A 52 8.70 -0.45 0.34
N VAL A 53 7.94 -0.88 -0.67
CA VAL A 53 6.53 -0.52 -0.85
C VAL A 53 5.67 -1.75 -0.58
N ILE A 54 4.65 -1.59 0.25
CA ILE A 54 3.68 -2.65 0.58
C ILE A 54 2.31 -2.20 0.04
N LEU A 55 1.68 -3.06 -0.74
CA LEU A 55 0.40 -2.82 -1.40
C LEU A 55 -0.65 -3.68 -0.72
N VAL A 56 -1.68 -3.05 -0.14
CA VAL A 56 -2.79 -3.76 0.50
C VAL A 56 -4.14 -3.41 -0.14
N ALA A 57 -5.06 -4.38 -0.25
CA ALA A 57 -6.40 -4.15 -0.81
C ALA A 57 -7.51 -4.87 -0.06
N VAL A 58 -8.70 -4.25 -0.10
CA VAL A 58 -9.90 -4.58 0.70
C VAL A 58 -11.20 -4.41 -0.10
N ARG A 59 -12.23 -5.17 0.28
CA ARG A 59 -13.59 -5.06 -0.30
C ARG A 59 -14.43 -3.92 0.27
N ASP A 60 -14.03 -3.31 1.39
CA ASP A 60 -14.76 -2.21 2.03
C ASP A 60 -13.82 -1.07 2.51
N PRO A 61 -14.27 0.20 2.46
CA PRO A 61 -13.48 1.35 2.91
C PRO A 61 -13.29 1.40 4.43
N SER A 62 -14.24 0.87 5.20
CA SER A 62 -14.14 0.74 6.67
C SER A 62 -12.98 -0.15 7.11
N GLN A 63 -12.72 -1.25 6.37
CA GLN A 63 -11.61 -2.17 6.62
C GLN A 63 -10.27 -1.47 6.38
N ALA A 64 -10.11 -0.77 5.25
CA ALA A 64 -8.92 0.03 4.98
C ALA A 64 -8.66 1.09 6.06
N ASP A 65 -9.69 1.88 6.41
CA ASP A 65 -9.52 2.98 7.36
C ASP A 65 -9.22 2.46 8.77
N GLN A 66 -9.85 1.38 9.20
CA GLN A 66 -9.55 0.74 10.49
C GLN A 66 -8.15 0.12 10.53
N ILE A 67 -7.72 -0.54 9.45
CA ILE A 67 -6.36 -1.10 9.38
C ILE A 67 -5.33 0.03 9.41
N LEU A 68 -5.54 1.12 8.66
CA LEU A 68 -4.59 2.23 8.58
C LEU A 68 -4.48 2.97 9.92
N LYS A 69 -5.59 3.12 10.64
CA LYS A 69 -5.65 3.71 11.98
C LYS A 69 -4.69 3.03 12.96
N GLU A 70 -4.76 1.69 13.09
CA GLU A 70 -3.84 0.94 13.96
C GLU A 70 -2.41 0.87 13.42
N ALA A 71 -2.25 0.80 12.10
CA ALA A 71 -0.95 0.74 11.46
C ALA A 71 -0.16 2.05 11.62
N LYS A 72 -0.83 3.21 11.59
CA LYS A 72 -0.27 4.52 11.90
C LYS A 72 0.07 4.65 13.38
N LYS A 73 -0.81 4.17 14.26
CA LYS A 73 -0.61 4.23 15.72
C LYS A 73 0.65 3.45 16.14
N GLN A 74 0.87 2.30 15.50
CA GLN A 74 2.07 1.46 15.68
C GLN A 74 3.29 2.00 14.91
N ASN A 75 3.11 2.57 13.72
CA ASN A 75 4.19 2.98 12.80
C ASN A 75 3.87 4.37 12.19
N PRO A 76 4.28 5.49 12.82
CA PRO A 76 3.86 6.84 12.40
C PRO A 76 4.50 7.30 11.06
N SER A 77 5.67 6.76 10.72
CA SER A 77 6.43 7.13 9.50
C SER A 77 6.04 6.31 8.25
N ALA A 78 5.14 5.32 8.38
CA ALA A 78 4.82 4.33 7.35
C ALA A 78 4.01 4.85 6.15
N THR A 79 3.48 6.08 6.24
CA THR A 79 2.83 6.87 5.18
C THR A 79 1.78 6.10 4.35
N PHE A 80 0.53 6.23 4.77
CA PHE A 80 -0.63 5.52 4.22
C PHE A 80 -1.35 6.36 3.17
N VAL A 81 -1.71 5.76 2.02
CA VAL A 81 -2.47 6.45 0.95
C VAL A 81 -3.67 5.60 0.55
N ARG A 82 -4.89 6.02 0.93
CA ARG A 82 -6.15 5.36 0.56
C ARG A 82 -6.49 5.65 -0.90
N LEU A 83 -6.77 4.59 -1.66
CA LEU A 83 -7.18 4.61 -3.06
C LEU A 83 -8.62 4.09 -3.19
N GLU A 84 -9.43 4.85 -3.93
CA GLU A 84 -10.88 4.61 -4.03
C GLU A 84 -11.49 5.19 -5.31
N GLY A 85 -11.12 6.44 -5.67
CA GLY A 85 -11.59 7.12 -6.89
C GLY A 85 -10.79 6.83 -8.17
N VAL A 86 -9.69 6.07 -8.07
CA VAL A 86 -8.78 5.73 -9.19
C VAL A 86 -9.02 4.30 -9.66
N SER A 87 -8.98 4.07 -10.97
CA SER A 87 -9.06 2.75 -11.59
C SER A 87 -7.92 1.80 -11.13
N PRO A 88 -8.19 0.48 -11.01
CA PRO A 88 -7.23 -0.49 -10.45
C PRO A 88 -5.98 -0.70 -11.33
N ASP A 89 -6.06 -0.42 -12.63
CA ASP A 89 -4.87 -0.38 -13.51
C ASP A 89 -4.12 0.97 -13.45
N ASP A 90 -4.81 2.08 -13.19
CA ASP A 90 -4.19 3.41 -13.09
C ASP A 90 -3.40 3.58 -11.78
N LEU A 91 -3.80 2.82 -10.74
CA LEU A 91 -3.08 2.62 -9.47
C LEU A 91 -1.58 2.34 -9.67
N ARG A 92 -1.17 1.71 -10.79
CA ARG A 92 0.26 1.48 -11.12
C ARG A 92 1.07 2.77 -11.07
N ARG A 93 0.55 3.85 -11.63
CA ARG A 93 1.19 5.19 -11.63
C ARG A 93 1.35 5.72 -10.20
N GLN A 94 0.32 5.56 -9.37
CA GLN A 94 0.30 6.02 -7.97
C GLN A 94 1.27 5.21 -7.07
N VAL A 95 1.39 3.90 -7.31
CA VAL A 95 2.33 3.01 -6.60
C VAL A 95 3.76 3.25 -7.04
N GLU A 96 4.02 3.30 -8.34
CA GLU A 96 5.37 3.48 -8.87
C GLU A 96 5.92 4.88 -8.56
N ASP A 97 5.09 5.93 -8.53
CA ASP A 97 5.48 7.27 -8.08
C ASP A 97 6.00 7.30 -6.63
N VAL A 98 5.52 6.40 -5.77
CA VAL A 98 6.03 6.23 -4.39
C VAL A 98 7.37 5.48 -4.41
N TRP A 99 7.51 4.45 -5.25
CA TRP A 99 8.79 3.73 -5.41
C TRP A 99 9.90 4.66 -5.93
N ARG A 100 9.59 5.48 -6.93
CA ARG A 100 10.49 6.51 -7.49
C ARG A 100 10.77 7.62 -6.49
N GLY A 101 9.73 8.15 -5.83
CA GLY A 101 9.85 9.20 -4.81
C GLY A 101 10.77 8.84 -3.64
N SER A 102 10.91 7.55 -3.34
CA SER A 102 11.87 7.03 -2.35
C SER A 102 13.34 7.31 -2.72
N LEU A 103 13.67 7.30 -4.01
CA LEU A 103 15.04 7.48 -4.54
C LEU A 103 15.28 8.89 -5.09
N GLU A 104 14.29 9.42 -5.80
CA GLU A 104 14.33 10.64 -6.61
C GLU A 104 13.95 11.87 -5.76
N HIS A 105 14.78 12.12 -4.74
CA HIS A 105 14.49 13.09 -3.68
C HIS A 105 14.48 14.54 -4.17
N HIS A 106 13.60 15.34 -3.55
CA HIS A 106 13.37 16.77 -3.79
C HIS A 106 13.24 17.52 -2.44
N HIS A 107 13.12 18.84 -2.46
CA HIS A 107 12.97 19.66 -1.24
C HIS A 107 11.74 19.23 -0.42
N HIS A 108 11.97 18.75 0.81
CA HIS A 108 10.94 18.11 1.64
C HIS A 108 10.04 19.12 2.39
N HIS A 109 10.57 20.33 2.67
CA HIS A 109 9.93 21.40 3.45
C HIS A 109 9.52 20.97 4.89
N HIS A 110 8.88 21.88 5.63
CA HIS A 110 8.44 21.70 7.03
C HIS A 110 7.09 22.41 7.32
N GLY A 1 10.55 -7.70 10.92
CA GLY A 1 10.72 -6.25 11.06
C GLY A 1 9.44 -5.49 10.81
N ASP A 2 9.54 -4.17 10.61
CA ASP A 2 8.40 -3.24 10.52
C ASP A 2 7.44 -3.60 9.37
N ALA A 3 7.98 -3.94 8.19
CA ALA A 3 7.21 -4.40 7.02
C ALA A 3 6.37 -5.65 7.32
N ASP A 4 6.95 -6.63 8.01
CA ASP A 4 6.29 -7.90 8.35
C ASP A 4 5.19 -7.72 9.39
N LYS A 5 5.35 -6.75 10.31
CA LYS A 5 4.32 -6.37 11.27
C LYS A 5 3.15 -5.71 10.54
N ILE A 6 3.45 -4.73 9.69
CA ILE A 6 2.42 -3.90 9.07
C ILE A 6 1.52 -4.72 8.14
N MET A 7 2.08 -5.72 7.47
CA MET A 7 1.29 -6.58 6.58
C MET A 7 0.34 -7.47 7.38
N GLU A 8 0.77 -7.93 8.55
CA GLU A 8 -0.07 -8.73 9.45
C GLU A 8 -1.13 -7.87 10.17
N GLN A 9 -0.89 -6.59 10.39
CA GLN A 9 -1.92 -5.67 10.90
C GLN A 9 -3.16 -5.60 10.00
N ALA A 10 -3.00 -5.77 8.68
CA ALA A 10 -4.15 -5.91 7.79
C ALA A 10 -4.85 -7.26 7.98
N LYS A 11 -4.10 -8.37 8.02
CA LYS A 11 -4.62 -9.73 8.13
C LYS A 11 -5.28 -10.03 9.49
N ARG A 12 -4.81 -9.40 10.57
CA ARG A 12 -5.36 -9.54 11.92
C ARG A 12 -6.75 -8.91 12.07
N GLN A 13 -7.00 -7.87 11.28
CA GLN A 13 -8.25 -7.11 11.23
C GLN A 13 -9.23 -7.70 10.21
N ASP A 14 -8.72 -8.07 9.02
CA ASP A 14 -9.46 -8.71 7.94
C ASP A 14 -8.57 -9.74 7.24
N PRO A 15 -8.72 -11.06 7.52
CA PRO A 15 -7.90 -12.11 6.93
C PRO A 15 -8.17 -12.32 5.44
N ASN A 16 -9.27 -11.77 4.91
CA ASN A 16 -9.59 -11.77 3.48
C ASN A 16 -8.89 -10.65 2.69
N ALA A 17 -8.30 -9.64 3.36
CA ALA A 17 -7.52 -8.59 2.72
C ALA A 17 -6.30 -9.17 2.00
N GLN A 18 -6.01 -8.66 0.80
CA GLN A 18 -4.84 -9.08 0.02
C GLN A 18 -3.69 -8.10 0.28
N VAL A 19 -2.54 -8.59 0.74
CA VAL A 19 -1.36 -7.78 1.05
C VAL A 19 -0.09 -8.36 0.47
N TYR A 20 0.71 -7.53 -0.20
CA TYR A 20 1.97 -7.90 -0.86
C TYR A 20 3.06 -6.85 -0.63
N LYS A 21 4.31 -7.29 -0.54
CA LYS A 21 5.49 -6.44 -0.31
C LYS A 21 6.47 -6.57 -1.47
N VAL A 22 6.83 -5.43 -2.08
CA VAL A 22 7.74 -5.33 -3.22
C VAL A 22 8.89 -4.36 -2.96
N THR A 23 10.02 -4.65 -3.59
CA THR A 23 11.27 -3.89 -3.47
C THR A 23 11.75 -3.28 -4.79
N THR A 24 11.11 -3.62 -5.92
CA THR A 24 11.50 -3.23 -7.29
C THR A 24 10.31 -2.72 -8.11
N PRO A 25 10.53 -1.96 -9.20
CA PRO A 25 9.46 -1.55 -10.12
C PRO A 25 8.87 -2.73 -10.90
N ASP A 26 9.66 -3.76 -11.18
CA ASP A 26 9.21 -4.95 -11.90
C ASP A 26 8.28 -5.83 -11.04
N GLU A 27 8.51 -5.87 -9.71
CA GLU A 27 7.64 -6.58 -8.76
C GLU A 27 6.27 -5.89 -8.59
N ILE A 28 6.21 -4.56 -8.70
CA ILE A 28 4.97 -3.79 -8.59
C ILE A 28 3.93 -4.24 -9.62
N GLU A 29 4.32 -4.41 -10.89
CA GLU A 29 3.47 -4.86 -11.99
C GLU A 29 2.79 -6.21 -11.73
N GLU A 30 3.45 -7.06 -10.95
CA GLU A 30 2.82 -8.30 -10.44
C GLU A 30 1.81 -8.03 -9.32
N ALA A 31 2.17 -7.21 -8.31
CA ALA A 31 1.30 -6.91 -7.16
C ALA A 31 -0.01 -6.22 -7.57
N VAL A 32 0.09 -5.19 -8.40
CA VAL A 32 -1.05 -4.45 -8.95
C VAL A 32 -1.95 -5.32 -9.81
N ARG A 33 -1.40 -6.34 -10.49
CA ARG A 33 -2.14 -7.24 -11.39
C ARG A 33 -3.00 -8.26 -10.65
N ARG A 34 -2.54 -8.77 -9.51
CA ARG A 34 -3.33 -9.66 -8.63
C ARG A 34 -4.28 -8.89 -7.73
N ILE A 35 -3.86 -7.69 -7.30
CA ILE A 35 -4.74 -6.76 -6.59
C ILE A 35 -5.81 -6.17 -7.50
N GLU A 36 -5.58 -6.01 -8.80
CA GLU A 36 -6.52 -5.35 -9.72
C GLU A 36 -7.95 -5.92 -9.59
N LYS A 37 -8.07 -7.22 -9.31
CA LYS A 37 -9.38 -7.89 -9.10
C LYS A 37 -10.08 -7.46 -7.80
N TYR A 38 -9.31 -7.33 -6.72
CA TYR A 38 -9.76 -7.02 -5.35
C TYR A 38 -9.84 -5.52 -5.03
N GLY A 39 -8.73 -4.82 -5.30
CA GLY A 39 -8.55 -3.37 -5.24
C GLY A 39 -9.47 -2.58 -6.15
N ALA A 40 -10.19 -3.27 -7.05
CA ALA A 40 -11.31 -2.70 -7.81
C ALA A 40 -12.36 -2.00 -6.91
N GLN A 41 -12.44 -2.36 -5.61
CA GLN A 41 -13.21 -1.64 -4.60
C GLN A 41 -12.34 -0.60 -3.86
N VAL A 42 -11.35 -1.03 -3.06
CA VAL A 42 -10.57 -0.18 -2.15
C VAL A 42 -9.14 -0.68 -2.01
N VAL A 43 -8.17 0.25 -1.99
CA VAL A 43 -6.72 0.00 -1.95
C VAL A 43 -6.04 0.94 -0.96
N LEU A 44 -4.92 0.51 -0.40
CA LEU A 44 -3.99 1.31 0.39
C LEU A 44 -2.54 1.06 -0.06
N ILE A 45 -1.78 2.13 -0.25
CA ILE A 45 -0.33 2.09 -0.50
C ILE A 45 0.40 2.42 0.81
N ILE A 46 1.33 1.56 1.21
CA ILE A 46 2.19 1.74 2.38
C ILE A 46 3.66 1.83 1.95
N TYR A 47 4.41 2.80 2.49
CA TYR A 47 5.78 3.13 2.11
C TYR A 47 6.70 3.16 3.33
N THR A 48 7.43 2.05 3.53
CA THR A 48 8.23 1.78 4.74
C THR A 48 9.75 1.69 4.46
N SER A 49 10.56 2.10 5.44
CA SER A 49 12.03 2.17 5.38
C SER A 49 12.55 2.92 4.13
N SER A 50 13.65 2.46 3.51
CA SER A 50 14.37 3.17 2.44
C SER A 50 13.65 3.21 1.08
N GLY A 51 12.87 2.18 0.76
CA GLY A 51 12.27 2.00 -0.57
C GLY A 51 11.31 0.82 -0.72
N ILE A 52 10.99 0.10 0.38
CA ILE A 52 10.03 -0.99 0.38
C ILE A 52 8.61 -0.43 0.29
N VAL A 53 7.85 -0.94 -0.68
CA VAL A 53 6.44 -0.58 -0.89
C VAL A 53 5.58 -1.81 -0.59
N ILE A 54 4.58 -1.65 0.26
CA ILE A 54 3.62 -2.70 0.61
C ILE A 54 2.26 -2.26 0.07
N LEU A 55 1.63 -3.10 -0.73
CA LEU A 55 0.33 -2.86 -1.35
C LEU A 55 -0.71 -3.71 -0.64
N VAL A 56 -1.71 -3.06 -0.04
CA VAL A 56 -2.84 -3.75 0.61
C VAL A 56 -4.17 -3.38 -0.07
N ALA A 57 -5.07 -4.35 -0.20
CA ALA A 57 -6.41 -4.13 -0.77
C ALA A 57 -7.51 -4.91 -0.04
N VAL A 58 -8.71 -4.33 -0.11
CA VAL A 58 -9.90 -4.74 0.64
C VAL A 58 -11.17 -4.62 -0.21
N ARG A 59 -12.18 -5.45 0.08
CA ARG A 59 -13.51 -5.37 -0.56
C ARG A 59 -14.38 -4.23 0.00
N ASP A 60 -14.13 -3.75 1.21
CA ASP A 60 -14.91 -2.68 1.86
C ASP A 60 -14.03 -1.57 2.47
N PRO A 61 -14.50 -0.30 2.46
CA PRO A 61 -13.71 0.87 2.88
C PRO A 61 -13.44 0.95 4.39
N SER A 62 -14.35 0.47 5.23
CA SER A 62 -14.17 0.49 6.69
C SER A 62 -12.98 -0.35 7.15
N GLN A 63 -12.74 -1.48 6.47
CA GLN A 63 -11.60 -2.39 6.71
C GLN A 63 -10.27 -1.67 6.44
N ALA A 64 -10.14 -1.01 5.29
CA ALA A 64 -8.97 -0.19 4.98
C ALA A 64 -8.73 0.91 6.03
N ASP A 65 -9.79 1.67 6.36
CA ASP A 65 -9.68 2.81 7.27
C ASP A 65 -9.30 2.36 8.69
N GLN A 66 -9.91 1.28 9.19
CA GLN A 66 -9.59 0.69 10.49
C GLN A 66 -8.17 0.10 10.52
N ILE A 67 -7.74 -0.59 9.45
CA ILE A 67 -6.38 -1.15 9.40
C ILE A 67 -5.34 -0.03 9.40
N LEU A 68 -5.58 1.06 8.65
CA LEU A 68 -4.64 2.19 8.58
C LEU A 68 -4.56 2.92 9.93
N LYS A 69 -5.68 3.08 10.63
CA LYS A 69 -5.76 3.69 11.97
C LYS A 69 -4.83 3.02 12.99
N GLU A 70 -4.89 1.69 13.12
CA GLU A 70 -3.98 0.96 14.01
C GLU A 70 -2.54 0.94 13.49
N ALA A 71 -2.34 0.85 12.18
CA ALA A 71 -1.00 0.82 11.59
C ALA A 71 -0.28 2.17 11.74
N LYS A 72 -0.98 3.31 11.69
CA LYS A 72 -0.44 4.63 11.99
C LYS A 72 0.04 4.76 13.44
N LYS A 73 -0.73 4.22 14.39
CA LYS A 73 -0.38 4.25 15.83
C LYS A 73 0.87 3.43 16.12
N GLN A 74 0.97 2.24 15.51
CA GLN A 74 2.09 1.33 15.72
C GLN A 74 3.35 1.74 14.92
N ASN A 75 3.18 2.24 13.70
CA ASN A 75 4.24 2.62 12.77
C ASN A 75 3.95 4.02 12.16
N PRO A 76 4.38 5.13 12.78
CA PRO A 76 3.96 6.48 12.40
C PRO A 76 4.56 6.97 11.07
N SER A 77 5.77 6.52 10.71
CA SER A 77 6.50 6.94 9.50
C SER A 77 6.19 6.14 8.24
N ALA A 78 5.30 5.14 8.33
CA ALA A 78 5.00 4.16 7.27
C ALA A 78 4.19 4.69 6.08
N THR A 79 3.68 5.93 6.17
CA THR A 79 3.06 6.72 5.09
C THR A 79 1.99 5.98 4.27
N PHE A 80 0.75 6.16 4.68
CA PHE A 80 -0.44 5.48 4.15
C PHE A 80 -1.16 6.35 3.12
N VAL A 81 -1.56 5.77 1.98
CA VAL A 81 -2.31 6.48 0.92
C VAL A 81 -3.54 5.66 0.51
N ARG A 82 -4.74 6.15 0.83
CA ARG A 82 -6.02 5.48 0.55
C ARG A 82 -6.48 5.74 -0.88
N LEU A 83 -6.90 4.69 -1.59
CA LEU A 83 -7.34 4.70 -2.97
C LEU A 83 -8.75 4.12 -3.12
N GLU A 84 -9.60 4.89 -3.82
CA GLU A 84 -10.97 4.48 -4.20
C GLU A 84 -11.37 5.06 -5.58
N GLY A 85 -11.14 6.36 -5.79
CA GLY A 85 -11.56 7.08 -7.01
C GLY A 85 -10.67 6.86 -8.25
N VAL A 86 -9.49 6.25 -8.07
CA VAL A 86 -8.56 5.89 -9.15
C VAL A 86 -8.79 4.43 -9.58
N SER A 87 -8.82 4.20 -10.89
CA SER A 87 -8.96 2.85 -11.49
C SER A 87 -7.85 1.89 -11.04
N PRO A 88 -8.13 0.56 -10.96
CA PRO A 88 -7.18 -0.43 -10.45
C PRO A 88 -5.93 -0.61 -11.33
N ASP A 89 -6.03 -0.29 -12.63
CA ASP A 89 -4.86 -0.20 -13.53
C ASP A 89 -4.12 1.15 -13.44
N ASP A 90 -4.81 2.25 -13.12
CA ASP A 90 -4.21 3.59 -12.95
C ASP A 90 -3.41 3.68 -11.64
N LEU A 91 -3.78 2.89 -10.63
CA LEU A 91 -3.04 2.68 -9.40
C LEU A 91 -1.54 2.41 -9.64
N ARG A 92 -1.15 1.79 -10.76
CA ARG A 92 0.25 1.56 -11.15
C ARG A 92 1.08 2.84 -11.11
N ARG A 93 0.52 3.95 -11.62
CA ARG A 93 1.17 5.28 -11.60
C ARG A 93 1.39 5.77 -10.17
N GLN A 94 0.38 5.63 -9.30
CA GLN A 94 0.43 6.07 -7.91
C GLN A 94 1.40 5.24 -7.06
N VAL A 95 1.49 3.93 -7.33
CA VAL A 95 2.40 3.00 -6.65
C VAL A 95 3.83 3.23 -7.12
N GLU A 96 4.06 3.28 -8.43
CA GLU A 96 5.40 3.50 -8.96
C GLU A 96 5.92 4.90 -8.62
N ASP A 97 5.10 5.95 -8.62
CA ASP A 97 5.54 7.30 -8.21
C ASP A 97 6.06 7.33 -6.76
N VAL A 98 5.50 6.51 -5.88
CA VAL A 98 6.00 6.29 -4.51
C VAL A 98 7.33 5.51 -4.52
N TRP A 99 7.49 4.52 -5.41
CA TRP A 99 8.75 3.78 -5.57
C TRP A 99 9.88 4.67 -6.12
N ARG A 100 9.63 5.40 -7.23
CA ARG A 100 10.60 6.32 -7.85
C ARG A 100 10.97 7.45 -6.90
N GLY A 101 9.97 8.05 -6.24
CA GLY A 101 10.13 9.13 -5.27
C GLY A 101 10.99 8.79 -4.05
N SER A 102 11.06 7.51 -3.67
CA SER A 102 11.95 7.03 -2.59
C SER A 102 13.44 7.19 -2.92
N LEU A 103 13.81 7.20 -4.22
CA LEU A 103 15.17 7.40 -4.71
C LEU A 103 15.38 8.84 -5.19
N GLU A 104 14.44 9.35 -5.98
CA GLU A 104 14.53 10.61 -6.72
C GLU A 104 14.05 11.79 -5.86
N HIS A 105 14.87 12.16 -4.88
CA HIS A 105 14.58 13.22 -3.91
C HIS A 105 14.43 14.59 -4.58
N HIS A 106 13.43 15.37 -4.17
CA HIS A 106 13.10 16.71 -4.66
C HIS A 106 12.84 16.85 -6.17
N HIS A 107 12.64 15.74 -6.90
CA HIS A 107 12.26 15.71 -8.32
C HIS A 107 10.74 15.78 -8.51
N HIS A 108 10.28 16.38 -9.61
CA HIS A 108 8.86 16.46 -10.01
C HIS A 108 8.52 15.42 -11.09
N HIS A 109 7.34 14.80 -10.96
CA HIS A 109 6.86 13.71 -11.83
C HIS A 109 5.32 13.59 -11.78
N HIS A 110 4.71 13.13 -12.88
CA HIS A 110 3.26 12.84 -13.01
C HIS A 110 3.00 11.74 -14.06
N GLY A 1 10.59 -7.77 10.85
CA GLY A 1 10.74 -6.31 10.98
C GLY A 1 9.44 -5.57 10.78
N ASP A 2 9.51 -4.24 10.63
CA ASP A 2 8.33 -3.35 10.57
C ASP A 2 7.41 -3.66 9.38
N ALA A 3 7.98 -4.02 8.22
CA ALA A 3 7.23 -4.43 7.02
C ALA A 3 6.38 -5.70 7.27
N ASP A 4 6.95 -6.69 7.95
CA ASP A 4 6.28 -7.96 8.28
C ASP A 4 5.15 -7.76 9.31
N LYS A 5 5.36 -6.84 10.25
CA LYS A 5 4.35 -6.41 11.23
C LYS A 5 3.18 -5.74 10.53
N ILE A 6 3.47 -4.78 9.65
CA ILE A 6 2.43 -3.98 8.99
C ILE A 6 1.56 -4.83 8.06
N MET A 7 2.16 -5.80 7.36
CA MET A 7 1.37 -6.65 6.46
C MET A 7 0.45 -7.57 7.24
N GLU A 8 0.90 -8.03 8.41
CA GLU A 8 0.08 -8.85 9.31
C GLU A 8 -0.99 -8.01 10.03
N GLN A 9 -0.76 -6.73 10.32
CA GLN A 9 -1.79 -5.86 10.92
C GLN A 9 -3.05 -5.75 10.03
N ALA A 10 -2.90 -5.79 8.70
CA ALA A 10 -4.05 -5.82 7.81
C ALA A 10 -4.82 -7.14 7.93
N LYS A 11 -4.11 -8.26 8.04
CA LYS A 11 -4.67 -9.61 8.19
C LYS A 11 -5.27 -9.85 9.57
N ARG A 12 -4.74 -9.18 10.61
CA ARG A 12 -5.25 -9.21 12.00
C ARG A 12 -6.67 -8.66 12.08
N GLN A 13 -6.95 -7.65 11.25
CA GLN A 13 -8.19 -6.90 11.19
C GLN A 13 -9.18 -7.51 10.19
N ASP A 14 -8.72 -7.83 8.97
CA ASP A 14 -9.48 -8.51 7.94
C ASP A 14 -8.59 -9.55 7.22
N PRO A 15 -8.73 -10.86 7.52
CA PRO A 15 -7.88 -11.90 6.93
C PRO A 15 -8.16 -12.12 5.43
N ASN A 16 -9.28 -11.61 4.92
CA ASN A 16 -9.65 -11.62 3.51
C ASN A 16 -8.87 -10.60 2.67
N ALA A 17 -8.31 -9.56 3.29
CA ALA A 17 -7.49 -8.53 2.65
C ALA A 17 -6.29 -9.15 1.93
N GLN A 18 -5.98 -8.64 0.74
CA GLN A 18 -4.79 -9.05 0.00
C GLN A 18 -3.65 -8.07 0.26
N VAL A 19 -2.48 -8.57 0.66
CA VAL A 19 -1.30 -7.74 0.95
C VAL A 19 -0.03 -8.35 0.34
N TYR A 20 0.78 -7.50 -0.29
CA TYR A 20 2.06 -7.87 -0.92
C TYR A 20 3.13 -6.83 -0.65
N LYS A 21 4.39 -7.27 -0.54
CA LYS A 21 5.56 -6.42 -0.31
C LYS A 21 6.53 -6.52 -1.48
N VAL A 22 6.89 -5.38 -2.06
CA VAL A 22 7.79 -5.27 -3.21
C VAL A 22 8.91 -4.27 -2.96
N THR A 23 10.03 -4.51 -3.63
CA THR A 23 11.27 -3.71 -3.54
C THR A 23 11.66 -3.04 -4.86
N THR A 24 10.97 -3.35 -5.96
CA THR A 24 11.29 -2.91 -7.33
C THR A 24 10.03 -2.55 -8.15
N PRO A 25 10.15 -1.75 -9.23
CA PRO A 25 9.04 -1.48 -10.16
C PRO A 25 8.62 -2.73 -10.95
N ASP A 26 9.56 -3.65 -11.21
CA ASP A 26 9.29 -4.91 -11.90
C ASP A 26 8.49 -5.89 -11.02
N GLU A 27 8.62 -5.79 -9.69
CA GLU A 27 7.76 -6.52 -8.75
C GLU A 27 6.37 -5.86 -8.61
N ILE A 28 6.28 -4.52 -8.67
CA ILE A 28 5.02 -3.77 -8.56
C ILE A 28 4.00 -4.23 -9.60
N GLU A 29 4.40 -4.36 -10.87
CA GLU A 29 3.52 -4.85 -11.94
C GLU A 29 2.91 -6.25 -11.70
N GLU A 30 3.47 -7.07 -10.79
CA GLU A 30 2.79 -8.30 -10.33
C GLU A 30 1.77 -8.02 -9.22
N ALA A 31 2.13 -7.21 -8.22
CA ALA A 31 1.28 -6.88 -7.06
C ALA A 31 -0.03 -6.20 -7.49
N VAL A 32 0.06 -5.19 -8.36
CA VAL A 32 -1.10 -4.49 -8.94
C VAL A 32 -1.97 -5.39 -9.80
N ARG A 33 -1.38 -6.39 -10.47
CA ARG A 33 -2.08 -7.30 -11.41
C ARG A 33 -2.98 -8.32 -10.71
N ARG A 34 -2.56 -8.80 -9.53
CA ARG A 34 -3.34 -9.72 -8.69
C ARG A 34 -4.27 -8.97 -7.74
N ILE A 35 -3.85 -7.80 -7.27
CA ILE A 35 -4.74 -6.88 -6.55
C ILE A 35 -5.81 -6.31 -7.46
N GLU A 36 -5.57 -6.09 -8.75
CA GLU A 36 -6.51 -5.42 -9.67
C GLU A 36 -7.95 -5.92 -9.51
N LYS A 37 -8.11 -7.24 -9.32
CA LYS A 37 -9.42 -7.88 -9.19
C LYS A 37 -10.16 -7.48 -7.90
N TYR A 38 -9.41 -7.33 -6.81
CA TYR A 38 -9.85 -7.02 -5.44
C TYR A 38 -9.84 -5.52 -5.09
N GLY A 39 -8.74 -4.84 -5.39
CA GLY A 39 -8.52 -3.39 -5.30
C GLY A 39 -9.49 -2.58 -6.15
N ALA A 40 -10.22 -3.25 -7.05
CA ALA A 40 -11.37 -2.67 -7.75
C ALA A 40 -12.41 -2.04 -6.78
N GLN A 41 -12.45 -2.48 -5.51
CA GLN A 41 -13.20 -1.85 -4.43
C GLN A 41 -12.37 -0.76 -3.73
N VAL A 42 -11.34 -1.13 -2.95
CA VAL A 42 -10.56 -0.23 -2.08
C VAL A 42 -9.10 -0.70 -1.98
N VAL A 43 -8.16 0.25 -1.96
CA VAL A 43 -6.70 0.04 -1.94
C VAL A 43 -6.02 1.00 -0.95
N LEU A 44 -4.90 0.56 -0.40
CA LEU A 44 -3.96 1.38 0.38
C LEU A 44 -2.52 1.10 -0.07
N ILE A 45 -1.74 2.16 -0.27
CA ILE A 45 -0.30 2.09 -0.57
C ILE A 45 0.48 2.46 0.68
N ILE A 46 1.40 1.61 1.10
CA ILE A 46 2.25 1.81 2.29
C ILE A 46 3.73 1.90 1.87
N TYR A 47 4.45 2.92 2.36
CA TYR A 47 5.85 3.19 2.02
C TYR A 47 6.73 3.23 3.28
N THR A 48 7.42 2.12 3.53
CA THR A 48 8.26 1.90 4.72
C THR A 48 9.76 1.81 4.41
N SER A 49 10.60 2.24 5.36
CA SER A 49 12.07 2.16 5.30
C SER A 49 12.66 2.79 4.02
N SER A 50 13.80 2.28 3.52
CA SER A 50 14.63 2.88 2.45
C SER A 50 14.07 2.82 1.02
N GLY A 51 12.88 2.23 0.80
CA GLY A 51 12.31 2.03 -0.54
C GLY A 51 11.32 0.87 -0.67
N ILE A 52 11.07 0.11 0.40
CA ILE A 52 10.09 -0.98 0.41
C ILE A 52 8.67 -0.41 0.33
N VAL A 53 7.91 -0.89 -0.65
CA VAL A 53 6.51 -0.53 -0.85
C VAL A 53 5.65 -1.76 -0.57
N ILE A 54 4.65 -1.61 0.28
CA ILE A 54 3.69 -2.66 0.62
C ILE A 54 2.33 -2.22 0.08
N LEU A 55 1.69 -3.08 -0.71
CA LEU A 55 0.42 -2.81 -1.38
C LEU A 55 -0.65 -3.67 -0.69
N VAL A 56 -1.66 -3.02 -0.11
CA VAL A 56 -2.78 -3.71 0.54
C VAL A 56 -4.12 -3.34 -0.09
N ALA A 57 -5.03 -4.30 -0.23
CA ALA A 57 -6.37 -4.07 -0.78
C ALA A 57 -7.47 -4.83 -0.04
N VAL A 58 -8.67 -4.24 -0.06
CA VAL A 58 -9.86 -4.65 0.71
C VAL A 58 -11.15 -4.49 -0.10
N ARG A 59 -12.16 -5.31 0.24
CA ARG A 59 -13.50 -5.26 -0.39
C ARG A 59 -14.41 -4.16 0.18
N ASP A 60 -14.08 -3.59 1.34
CA ASP A 60 -14.86 -2.53 2.01
C ASP A 60 -13.95 -1.42 2.59
N PRO A 61 -14.39 -0.14 2.54
CA PRO A 61 -13.62 1.00 3.05
C PRO A 61 -13.52 1.02 4.58
N SER A 62 -14.45 0.38 5.28
CA SER A 62 -14.42 0.20 6.74
C SER A 62 -13.17 -0.55 7.21
N GLN A 63 -12.76 -1.60 6.47
CA GLN A 63 -11.53 -2.33 6.78
C GLN A 63 -10.28 -1.50 6.51
N ALA A 64 -10.21 -0.78 5.39
CA ALA A 64 -9.08 0.09 5.09
C ALA A 64 -8.90 1.19 6.14
N ASP A 65 -9.99 1.84 6.55
CA ASP A 65 -9.95 2.92 7.54
C ASP A 65 -9.49 2.42 8.92
N GLN A 66 -9.99 1.27 9.37
CA GLN A 66 -9.54 0.62 10.61
C GLN A 66 -8.10 0.10 10.52
N ILE A 67 -7.70 -0.54 9.41
CA ILE A 67 -6.34 -1.07 9.27
C ILE A 67 -5.33 0.09 9.26
N LEU A 68 -5.64 1.19 8.58
CA LEU A 68 -4.88 2.45 8.62
C LEU A 68 -4.78 2.98 10.04
N LYS A 69 -5.91 3.09 10.74
CA LYS A 69 -6.00 3.57 12.13
C LYS A 69 -5.09 2.78 13.08
N GLU A 70 -5.06 1.45 12.95
CA GLU A 70 -4.13 0.62 13.73
C GLU A 70 -2.67 0.81 13.30
N ALA A 71 -2.43 0.75 11.99
CA ALA A 71 -1.09 0.71 11.42
C ALA A 71 -0.34 2.03 11.62
N LYS A 72 -1.02 3.18 11.57
CA LYS A 72 -0.47 4.49 11.87
C LYS A 72 -0.15 4.67 13.36
N LYS A 73 -1.00 4.13 14.24
CA LYS A 73 -0.78 4.25 15.70
C LYS A 73 0.43 3.39 16.14
N GLN A 74 0.59 2.22 15.52
CA GLN A 74 1.70 1.30 15.77
C GLN A 74 3.01 1.71 15.06
N ASN A 75 2.94 2.33 13.87
CA ASN A 75 4.09 2.65 13.01
C ASN A 75 3.95 4.09 12.45
N PRO A 76 4.60 5.11 13.03
CA PRO A 76 4.40 6.52 12.64
C PRO A 76 5.07 6.91 11.31
N SER A 77 6.17 6.25 10.94
CA SER A 77 6.99 6.56 9.75
C SER A 77 6.60 5.78 8.48
N ALA A 78 5.54 4.96 8.56
CA ALA A 78 5.15 3.98 7.53
C ALA A 78 4.44 4.54 6.28
N THR A 79 4.02 5.81 6.30
CA THR A 79 3.47 6.59 5.17
C THR A 79 2.40 5.87 4.33
N PHE A 80 1.14 6.15 4.66
CA PHE A 80 -0.06 5.50 4.09
C PHE A 80 -0.75 6.41 3.06
N VAL A 81 -1.24 5.83 1.97
CA VAL A 81 -2.04 6.54 0.94
C VAL A 81 -3.28 5.73 0.56
N ARG A 82 -4.45 6.24 0.93
CA ARG A 82 -5.76 5.64 0.62
C ARG A 82 -6.13 5.88 -0.84
N LEU A 83 -6.55 4.83 -1.55
CA LEU A 83 -6.96 4.88 -2.95
C LEU A 83 -8.47 4.75 -3.11
N GLU A 84 -9.04 5.71 -3.82
CA GLU A 84 -10.47 5.84 -4.10
C GLU A 84 -10.69 6.78 -5.30
N GLY A 85 -11.36 6.26 -6.34
CA GLY A 85 -11.71 7.01 -7.57
C GLY A 85 -10.70 6.87 -8.72
N VAL A 86 -9.55 6.24 -8.47
CA VAL A 86 -8.57 5.83 -9.50
C VAL A 86 -8.82 4.37 -9.87
N SER A 87 -8.79 4.08 -11.17
CA SER A 87 -8.98 2.72 -11.71
C SER A 87 -7.87 1.75 -11.26
N PRO A 88 -8.16 0.44 -11.09
CA PRO A 88 -7.21 -0.54 -10.56
C PRO A 88 -6.01 -0.81 -11.47
N ASP A 89 -6.16 -0.59 -12.78
CA ASP A 89 -5.06 -0.55 -13.76
C ASP A 89 -4.20 0.72 -13.71
N ASP A 90 -4.83 1.86 -13.42
CA ASP A 90 -4.21 3.18 -13.32
C ASP A 90 -3.39 3.33 -12.02
N LEU A 91 -3.78 2.58 -10.97
CA LEU A 91 -3.10 2.46 -9.69
C LEU A 91 -1.58 2.23 -9.83
N ARG A 92 -1.13 1.59 -10.91
CA ARG A 92 0.30 1.39 -11.23
C ARG A 92 1.09 2.69 -11.19
N ARG A 93 0.55 3.77 -11.77
CA ARG A 93 1.19 5.09 -11.79
C ARG A 93 1.32 5.67 -10.38
N GLN A 94 0.31 5.50 -9.53
CA GLN A 94 0.31 5.96 -8.14
C GLN A 94 1.30 5.16 -7.26
N VAL A 95 1.38 3.84 -7.45
CA VAL A 95 2.31 2.96 -6.73
C VAL A 95 3.75 3.21 -7.16
N GLU A 96 4.00 3.27 -8.47
CA GLU A 96 5.35 3.51 -8.98
C GLU A 96 5.83 4.93 -8.67
N ASP A 97 4.99 5.96 -8.71
CA ASP A 97 5.36 7.32 -8.27
C ASP A 97 5.82 7.36 -6.80
N VAL A 98 5.22 6.53 -5.93
CA VAL A 98 5.67 6.32 -4.54
C VAL A 98 7.00 5.56 -4.49
N TRP A 99 7.22 4.58 -5.39
CA TRP A 99 8.51 3.89 -5.51
C TRP A 99 9.64 4.83 -5.95
N ARG A 100 9.44 5.61 -7.03
CA ARG A 100 10.40 6.61 -7.53
C ARG A 100 10.67 7.71 -6.50
N GLY A 101 9.64 8.12 -5.77
CA GLY A 101 9.70 9.09 -4.66
C GLY A 101 10.64 8.69 -3.51
N SER A 102 10.93 7.40 -3.33
CA SER A 102 11.91 6.92 -2.36
C SER A 102 13.37 7.18 -2.77
N LEU A 103 13.64 7.28 -4.08
CA LEU A 103 14.98 7.48 -4.65
C LEU A 103 15.26 8.94 -5.02
N GLU A 104 14.26 9.63 -5.59
CA GLU A 104 14.39 11.01 -6.08
C GLU A 104 14.32 12.06 -4.95
N HIS A 105 15.13 13.11 -5.05
CA HIS A 105 15.28 14.16 -4.04
C HIS A 105 14.28 15.33 -4.21
N HIS A 106 13.72 15.51 -5.41
CA HIS A 106 12.83 16.61 -5.75
C HIS A 106 11.39 16.41 -5.23
N HIS A 107 10.81 17.48 -4.67
CA HIS A 107 9.40 17.58 -4.29
C HIS A 107 8.93 19.04 -4.35
N HIS A 108 7.66 19.28 -4.67
CA HIS A 108 7.03 20.62 -4.70
C HIS A 108 5.61 20.58 -4.12
N HIS A 109 4.69 19.87 -4.77
CA HIS A 109 3.29 19.69 -4.33
C HIS A 109 2.74 18.34 -4.78
N HIS A 110 2.23 17.54 -3.83
CA HIS A 110 1.79 16.15 -4.02
C HIS A 110 0.48 15.87 -3.25
N GLY A 1 10.44 -8.39 10.65
CA GLY A 1 10.71 -6.94 10.71
C GLY A 1 9.43 -6.11 10.62
N ASP A 2 9.57 -4.80 10.50
CA ASP A 2 8.44 -3.84 10.53
C ASP A 2 7.49 -4.03 9.34
N ALA A 3 8.02 -4.34 8.16
CA ALA A 3 7.24 -4.68 6.96
C ALA A 3 6.33 -5.91 7.19
N ASP A 4 6.84 -6.95 7.85
CA ASP A 4 6.10 -8.18 8.17
C ASP A 4 5.00 -7.94 9.21
N LYS A 5 5.26 -7.04 10.17
CA LYS A 5 4.26 -6.62 11.17
C LYS A 5 3.13 -5.84 10.50
N ILE A 6 3.48 -4.87 9.63
CA ILE A 6 2.49 -4.01 8.99
C ILE A 6 1.57 -4.78 8.04
N MET A 7 2.09 -5.80 7.35
CA MET A 7 1.25 -6.59 6.44
C MET A 7 0.25 -7.45 7.23
N GLU A 8 0.68 -7.95 8.40
CA GLU A 8 -0.19 -8.71 9.32
C GLU A 8 -1.20 -7.82 10.04
N GLN A 9 -0.90 -6.53 10.27
CA GLN A 9 -1.87 -5.55 10.80
C GLN A 9 -3.12 -5.39 9.92
N ALA A 10 -2.99 -5.61 8.61
CA ALA A 10 -4.15 -5.70 7.73
C ALA A 10 -4.94 -7.02 7.93
N LYS A 11 -4.23 -8.15 7.99
CA LYS A 11 -4.81 -9.49 8.09
C LYS A 11 -5.42 -9.81 9.46
N ARG A 12 -4.92 -9.20 10.54
CA ARG A 12 -5.46 -9.31 11.90
C ARG A 12 -6.85 -8.68 12.02
N GLN A 13 -7.10 -7.66 11.18
CA GLN A 13 -8.32 -6.86 11.13
C GLN A 13 -9.31 -7.45 10.11
N ASP A 14 -8.83 -7.76 8.91
CA ASP A 14 -9.58 -8.46 7.86
C ASP A 14 -8.68 -9.53 7.18
N PRO A 15 -8.84 -10.83 7.50
CA PRO A 15 -7.97 -11.88 6.97
C PRO A 15 -8.17 -12.11 5.46
N ASN A 16 -9.29 -11.66 4.90
CA ASN A 16 -9.56 -11.64 3.47
C ASN A 16 -8.75 -10.57 2.70
N ALA A 17 -8.20 -9.56 3.37
CA ALA A 17 -7.42 -8.49 2.76
C ALA A 17 -6.19 -9.06 2.04
N GLN A 18 -5.94 -8.60 0.81
CA GLN A 18 -4.80 -9.02 0.01
C GLN A 18 -3.66 -8.04 0.21
N VAL A 19 -2.49 -8.52 0.65
CA VAL A 19 -1.32 -7.69 0.94
C VAL A 19 -0.03 -8.28 0.36
N TYR A 20 0.76 -7.45 -0.31
CA TYR A 20 2.02 -7.84 -0.96
C TYR A 20 3.12 -6.80 -0.77
N LYS A 21 4.36 -7.25 -0.69
CA LYS A 21 5.55 -6.43 -0.42
C LYS A 21 6.55 -6.54 -1.56
N VAL A 22 6.95 -5.40 -2.13
CA VAL A 22 7.88 -5.33 -3.25
C VAL A 22 9.04 -4.37 -2.97
N THR A 23 10.17 -4.66 -3.60
CA THR A 23 11.44 -3.93 -3.47
C THR A 23 11.91 -3.26 -4.76
N THR A 24 11.28 -3.57 -5.89
CA THR A 24 11.68 -3.13 -7.25
C THR A 24 10.47 -2.60 -8.06
N PRO A 25 10.69 -1.82 -9.14
CA PRO A 25 9.62 -1.38 -10.03
C PRO A 25 9.00 -2.55 -10.82
N ASP A 26 9.79 -3.56 -11.16
CA ASP A 26 9.35 -4.74 -11.91
C ASP A 26 8.45 -5.67 -11.06
N GLU A 27 8.67 -5.72 -9.74
CA GLU A 27 7.83 -6.47 -8.81
C GLU A 27 6.43 -5.84 -8.61
N ILE A 28 6.32 -4.52 -8.70
CA ILE A 28 5.04 -3.79 -8.55
C ILE A 28 3.99 -4.28 -9.56
N GLU A 29 4.38 -4.46 -10.83
CA GLU A 29 3.53 -4.95 -11.92
C GLU A 29 2.89 -6.31 -11.63
N GLU A 30 3.56 -7.14 -10.83
CA GLU A 30 2.98 -8.40 -10.32
C GLU A 30 1.95 -8.14 -9.21
N ALA A 31 2.26 -7.31 -8.21
CA ALA A 31 1.38 -7.00 -7.08
C ALA A 31 0.06 -6.34 -7.52
N VAL A 32 0.15 -5.33 -8.37
CA VAL A 32 -1.00 -4.61 -8.95
C VAL A 32 -1.89 -5.52 -9.81
N ARG A 33 -1.31 -6.54 -10.44
CA ARG A 33 -2.04 -7.47 -11.33
C ARG A 33 -2.93 -8.46 -10.57
N ARG A 34 -2.51 -8.92 -9.40
CA ARG A 34 -3.28 -9.79 -8.50
C ARG A 34 -4.23 -8.99 -7.60
N ILE A 35 -3.80 -7.79 -7.20
CA ILE A 35 -4.69 -6.83 -6.52
C ILE A 35 -5.76 -6.28 -7.46
N GLU A 36 -5.51 -6.14 -8.77
CA GLU A 36 -6.44 -5.51 -9.72
C GLU A 36 -7.88 -6.00 -9.52
N LYS A 37 -8.03 -7.30 -9.28
CA LYS A 37 -9.36 -7.93 -9.14
C LYS A 37 -10.08 -7.49 -7.85
N TYR A 38 -9.32 -7.38 -6.76
CA TYR A 38 -9.74 -7.06 -5.39
C TYR A 38 -9.80 -5.55 -5.07
N GLY A 39 -8.69 -4.86 -5.36
CA GLY A 39 -8.50 -3.41 -5.28
C GLY A 39 -9.43 -2.61 -6.19
N ALA A 40 -10.15 -3.29 -7.08
CA ALA A 40 -11.27 -2.71 -7.83
C ALA A 40 -12.31 -2.04 -6.88
N GLN A 41 -12.38 -2.46 -5.60
CA GLN A 41 -13.14 -1.76 -4.55
C GLN A 41 -12.29 -0.68 -3.85
N VAL A 42 -11.30 -1.07 -3.04
CA VAL A 42 -10.55 -0.18 -2.14
C VAL A 42 -9.10 -0.64 -1.97
N VAL A 43 -8.15 0.31 -1.95
CA VAL A 43 -6.70 0.08 -1.92
C VAL A 43 -6.00 1.03 -0.94
N LEU A 44 -4.88 0.61 -0.38
CA LEU A 44 -3.94 1.40 0.41
C LEU A 44 -2.49 1.12 -0.01
N ILE A 45 -1.68 2.17 -0.09
CA ILE A 45 -0.24 2.11 -0.41
C ILE A 45 0.57 2.48 0.83
N ILE A 46 1.53 1.64 1.21
CA ILE A 46 2.37 1.79 2.40
C ILE A 46 3.86 1.86 2.01
N TYR A 47 4.59 2.82 2.58
CA TYR A 47 6.01 3.08 2.31
C TYR A 47 6.85 2.96 3.59
N THR A 48 7.56 1.83 3.73
CA THR A 48 8.38 1.49 4.90
C THR A 48 9.88 1.39 4.58
N SER A 49 10.73 1.77 5.55
CA SER A 49 12.20 1.81 5.42
C SER A 49 12.68 2.62 4.18
N SER A 50 13.88 2.34 3.66
CA SER A 50 14.57 3.15 2.63
C SER A 50 14.03 2.99 1.19
N GLY A 51 13.07 2.10 0.94
CA GLY A 51 12.54 1.84 -0.41
C GLY A 51 11.52 0.71 -0.56
N ILE A 52 11.23 -0.07 0.49
CA ILE A 52 10.21 -1.12 0.45
C ILE A 52 8.81 -0.51 0.36
N VAL A 53 8.04 -0.96 -0.61
CA VAL A 53 6.65 -0.55 -0.84
C VAL A 53 5.76 -1.76 -0.61
N ILE A 54 4.75 -1.60 0.25
CA ILE A 54 3.76 -2.64 0.56
C ILE A 54 2.41 -2.17 0.03
N LEU A 55 1.74 -3.01 -0.73
CA LEU A 55 0.47 -2.75 -1.40
C LEU A 55 -0.60 -3.60 -0.71
N VAL A 56 -1.62 -2.95 -0.14
CA VAL A 56 -2.75 -3.65 0.51
C VAL A 56 -4.10 -3.28 -0.11
N ALA A 57 -5.01 -4.24 -0.24
CA ALA A 57 -6.35 -4.02 -0.77
C ALA A 57 -7.44 -4.76 0.01
N VAL A 58 -8.65 -4.18 -0.02
CA VAL A 58 -9.84 -4.60 0.73
C VAL A 58 -11.12 -4.50 -0.10
N ARG A 59 -12.11 -5.36 0.20
CA ARG A 59 -13.42 -5.39 -0.46
C ARG A 59 -14.45 -4.42 0.16
N ASP A 60 -14.13 -3.79 1.29
CA ASP A 60 -14.98 -2.80 1.98
C ASP A 60 -14.17 -1.58 2.46
N PRO A 61 -14.71 -0.35 2.37
CA PRO A 61 -13.99 0.89 2.70
C PRO A 61 -13.70 1.07 4.19
N SER A 62 -14.53 0.48 5.06
CA SER A 62 -14.37 0.52 6.52
C SER A 62 -13.12 -0.22 6.99
N GLN A 63 -12.74 -1.32 6.32
CA GLN A 63 -11.56 -2.10 6.71
C GLN A 63 -10.27 -1.33 6.45
N ALA A 64 -10.17 -0.61 5.33
CA ALA A 64 -9.01 0.21 5.02
C ALA A 64 -8.78 1.30 6.07
N ASP A 65 -9.83 2.05 6.43
CA ASP A 65 -9.73 3.09 7.46
C ASP A 65 -9.35 2.51 8.83
N GLN A 66 -9.95 1.39 9.24
CA GLN A 66 -9.62 0.70 10.49
C GLN A 66 -8.18 0.20 10.51
N ILE A 67 -7.73 -0.47 9.44
CA ILE A 67 -6.37 -1.02 9.34
C ILE A 67 -5.34 0.10 9.40
N LEU A 68 -5.56 1.20 8.66
CA LEU A 68 -4.64 2.33 8.63
C LEU A 68 -4.54 3.02 10.01
N LYS A 69 -5.66 3.13 10.75
CA LYS A 69 -5.68 3.71 12.09
C LYS A 69 -4.88 2.90 13.11
N GLU A 70 -4.93 1.56 13.08
CA GLU A 70 -4.03 0.73 13.90
C GLU A 70 -2.57 0.83 13.44
N ALA A 71 -2.36 0.85 12.12
CA ALA A 71 -1.03 0.85 11.54
C ALA A 71 -0.29 2.17 11.76
N LYS A 72 -0.99 3.32 11.74
CA LYS A 72 -0.44 4.64 12.11
C LYS A 72 -0.02 4.69 13.59
N LYS A 73 -0.82 4.13 14.49
CA LYS A 73 -0.55 4.09 15.94
C LYS A 73 0.71 3.29 16.25
N GLN A 74 0.87 2.15 15.59
CA GLN A 74 2.01 1.24 15.79
C GLN A 74 3.27 1.71 15.04
N ASN A 75 3.10 2.22 13.81
CA ASN A 75 4.17 2.64 12.89
C ASN A 75 3.86 4.03 12.29
N PRO A 76 4.29 5.14 12.93
CA PRO A 76 3.91 6.49 12.51
C PRO A 76 4.56 6.93 11.19
N SER A 77 5.76 6.43 10.88
CA SER A 77 6.58 6.82 9.72
C SER A 77 6.32 6.01 8.44
N ALA A 78 5.32 5.12 8.46
CA ALA A 78 5.00 4.16 7.39
C ALA A 78 4.21 4.74 6.19
N THR A 79 3.71 5.96 6.32
CA THR A 79 3.06 6.79 5.27
C THR A 79 2.03 6.04 4.41
N PHE A 80 0.77 6.16 4.82
CA PHE A 80 -0.38 5.47 4.24
C PHE A 80 -1.09 6.35 3.21
N VAL A 81 -1.39 5.81 2.02
CA VAL A 81 -2.07 6.55 0.94
C VAL A 81 -3.26 5.76 0.42
N ARG A 82 -4.45 6.32 0.64
CA ARG A 82 -5.75 5.67 0.43
C ARG A 82 -6.28 5.87 -0.98
N LEU A 83 -6.74 4.79 -1.60
CA LEU A 83 -7.25 4.74 -2.97
C LEU A 83 -8.67 4.16 -3.01
N GLU A 84 -9.54 4.85 -3.75
CA GLU A 84 -10.94 4.44 -3.93
C GLU A 84 -11.56 5.03 -5.22
N GLY A 85 -11.27 6.31 -5.52
CA GLY A 85 -11.74 7.02 -6.73
C GLY A 85 -10.93 6.75 -8.00
N VAL A 86 -9.85 5.97 -7.94
CA VAL A 86 -8.94 5.66 -9.05
C VAL A 86 -9.13 4.21 -9.51
N SER A 87 -9.08 3.97 -10.83
CA SER A 87 -9.17 2.65 -11.44
C SER A 87 -7.99 1.73 -11.03
N PRO A 88 -8.20 0.39 -10.95
CA PRO A 88 -7.20 -0.57 -10.47
C PRO A 88 -6.00 -0.71 -11.41
N ASP A 89 -6.15 -0.41 -12.70
CA ASP A 89 -5.04 -0.30 -13.65
C ASP A 89 -4.30 1.05 -13.56
N ASP A 90 -4.98 2.14 -13.19
CA ASP A 90 -4.39 3.47 -13.05
C ASP A 90 -3.57 3.59 -11.74
N LEU A 91 -3.97 2.84 -10.71
CA LEU A 91 -3.24 2.63 -9.46
C LEU A 91 -1.75 2.33 -9.67
N ARG A 92 -1.37 1.68 -10.78
CA ARG A 92 0.04 1.39 -11.12
C ARG A 92 0.90 2.65 -11.09
N ARG A 93 0.40 3.76 -11.63
CA ARG A 93 1.09 5.06 -11.64
C ARG A 93 1.26 5.60 -10.21
N GLN A 94 0.22 5.49 -9.38
CA GLN A 94 0.22 5.95 -8.00
C GLN A 94 1.17 5.13 -7.10
N VAL A 95 1.30 3.82 -7.36
CA VAL A 95 2.23 2.93 -6.63
C VAL A 95 3.67 3.15 -7.10
N GLU A 96 3.91 3.15 -8.40
CA GLU A 96 5.26 3.31 -8.95
C GLU A 96 5.84 4.70 -8.66
N ASP A 97 5.02 5.76 -8.66
CA ASP A 97 5.46 7.11 -8.28
C ASP A 97 5.93 7.20 -6.81
N VAL A 98 5.43 6.33 -5.91
CA VAL A 98 5.92 6.23 -4.52
C VAL A 98 7.28 5.53 -4.49
N TRP A 99 7.47 4.46 -5.28
CA TRP A 99 8.77 3.79 -5.41
C TRP A 99 9.84 4.73 -5.99
N ARG A 100 9.51 5.43 -7.09
CA ARG A 100 10.41 6.36 -7.80
C ARG A 100 10.69 7.62 -6.98
N GLY A 101 9.65 8.31 -6.49
CA GLY A 101 9.76 9.58 -5.75
C GLY A 101 10.60 9.49 -4.47
N SER A 102 10.71 8.29 -3.89
CA SER A 102 11.60 8.01 -2.75
C SER A 102 13.10 8.08 -3.10
N LEU A 103 13.46 7.81 -4.36
CA LEU A 103 14.85 7.84 -4.85
C LEU A 103 15.11 9.14 -5.64
N GLU A 104 14.19 9.49 -6.54
CA GLU A 104 14.17 10.71 -7.35
C GLU A 104 13.48 11.83 -6.56
N HIS A 105 14.14 12.27 -5.48
CA HIS A 105 13.58 13.16 -4.47
C HIS A 105 13.89 14.64 -4.77
N HIS A 106 12.83 15.47 -4.77
CA HIS A 106 12.90 16.93 -4.96
C HIS A 106 12.22 17.71 -3.81
N HIS A 107 11.80 17.00 -2.76
CA HIS A 107 11.17 17.52 -1.54
C HIS A 107 11.51 16.58 -0.35
N HIS A 108 11.33 17.06 0.88
CA HIS A 108 11.59 16.28 2.10
C HIS A 108 10.43 15.35 2.46
N HIS A 109 10.75 14.13 2.92
CA HIS A 109 9.78 13.07 3.28
C HIS A 109 10.00 12.49 4.70
N HIS A 110 10.78 13.21 5.54
CA HIS A 110 11.16 12.85 6.91
C HIS A 110 11.75 11.42 7.05
N GLY A 1 10.54 -8.10 10.79
CA GLY A 1 10.77 -6.64 10.81
C GLY A 1 9.48 -5.85 10.67
N ASP A 2 9.59 -4.53 10.53
CA ASP A 2 8.45 -3.60 10.51
C ASP A 2 7.50 -3.83 9.32
N ALA A 3 8.05 -4.18 8.14
CA ALA A 3 7.29 -4.59 6.96
C ALA A 3 6.39 -5.81 7.23
N ASP A 4 6.92 -6.83 7.93
CA ASP A 4 6.18 -8.05 8.28
C ASP A 4 5.07 -7.77 9.30
N LYS A 5 5.32 -6.86 10.25
CA LYS A 5 4.32 -6.40 11.22
C LYS A 5 3.18 -5.68 10.51
N ILE A 6 3.51 -4.74 9.62
CA ILE A 6 2.51 -3.91 8.94
C ILE A 6 1.59 -4.75 8.03
N MET A 7 2.15 -5.77 7.36
CA MET A 7 1.33 -6.61 6.49
C MET A 7 0.39 -7.51 7.29
N GLU A 8 0.85 -7.96 8.46
CA GLU A 8 0.04 -8.74 9.39
C GLU A 8 -1.01 -7.89 10.13
N GLN A 9 -0.77 -6.59 10.35
CA GLN A 9 -1.80 -5.68 10.89
C GLN A 9 -3.05 -5.62 10.01
N ALA A 10 -2.91 -5.77 8.69
CA ALA A 10 -4.08 -5.91 7.81
C ALA A 10 -4.77 -7.26 8.00
N LYS A 11 -4.01 -8.36 8.06
CA LYS A 11 -4.53 -9.72 8.25
C LYS A 11 -5.17 -9.96 9.63
N ARG A 12 -4.70 -9.27 10.68
CA ARG A 12 -5.23 -9.39 12.06
C ARG A 12 -6.65 -8.83 12.16
N GLN A 13 -6.95 -7.84 11.31
CA GLN A 13 -8.23 -7.13 11.22
C GLN A 13 -9.16 -7.79 10.19
N ASP A 14 -8.60 -8.15 9.02
CA ASP A 14 -9.29 -8.84 7.93
C ASP A 14 -8.35 -9.81 7.18
N PRO A 15 -8.39 -11.13 7.48
CA PRO A 15 -7.61 -12.16 6.79
C PRO A 15 -7.89 -12.27 5.29
N ASN A 16 -9.05 -11.77 4.83
CA ASN A 16 -9.44 -11.77 3.42
C ASN A 16 -8.78 -10.65 2.59
N ALA A 17 -8.21 -9.62 3.24
CA ALA A 17 -7.45 -8.57 2.59
C ALA A 17 -6.23 -9.14 1.85
N GLN A 18 -5.92 -8.59 0.67
CA GLN A 18 -4.74 -8.99 -0.09
C GLN A 18 -3.61 -8.01 0.18
N VAL A 19 -2.44 -8.51 0.61
CA VAL A 19 -1.27 -7.69 0.95
C VAL A 19 0.01 -8.28 0.36
N TYR A 20 0.81 -7.43 -0.30
CA TYR A 20 2.07 -7.80 -0.95
C TYR A 20 3.17 -6.77 -0.73
N LYS A 21 4.41 -7.22 -0.61
CA LYS A 21 5.59 -6.39 -0.35
C LYS A 21 6.58 -6.50 -1.50
N VAL A 22 6.93 -5.36 -2.09
CA VAL A 22 7.80 -5.24 -3.27
C VAL A 22 8.97 -4.30 -3.02
N THR A 23 10.10 -4.61 -3.62
CA THR A 23 11.37 -3.87 -3.48
C THR A 23 11.85 -3.24 -4.79
N THR A 24 11.15 -3.49 -5.89
CA THR A 24 11.54 -3.13 -7.28
C THR A 24 10.33 -2.62 -8.09
N PRO A 25 10.54 -1.87 -9.19
CA PRO A 25 9.46 -1.46 -10.09
C PRO A 25 8.85 -2.65 -10.87
N ASP A 26 9.66 -3.67 -11.17
CA ASP A 26 9.22 -4.88 -11.88
C ASP A 26 8.33 -5.77 -11.00
N GLU A 27 8.58 -5.78 -9.68
CA GLU A 27 7.77 -6.53 -8.70
C GLU A 27 6.38 -5.88 -8.46
N ILE A 28 6.27 -4.55 -8.57
CA ILE A 28 5.00 -3.82 -8.46
C ILE A 28 3.95 -4.34 -9.45
N GLU A 29 4.33 -4.56 -10.71
CA GLU A 29 3.48 -5.08 -11.80
C GLU A 29 2.82 -6.42 -11.45
N GLU A 30 3.50 -7.24 -10.66
CA GLU A 30 2.92 -8.49 -10.14
C GLU A 30 1.86 -8.24 -9.05
N ALA A 31 2.11 -7.32 -8.12
CA ALA A 31 1.20 -6.98 -7.02
C ALA A 31 -0.09 -6.31 -7.52
N VAL A 32 0.04 -5.29 -8.37
CA VAL A 32 -1.09 -4.56 -8.97
C VAL A 32 -1.95 -5.46 -9.85
N ARG A 33 -1.36 -6.47 -10.50
CA ARG A 33 -2.05 -7.39 -11.43
C ARG A 33 -3.03 -8.33 -10.73
N ARG A 34 -2.68 -8.81 -9.52
CA ARG A 34 -3.52 -9.67 -8.69
C ARG A 34 -4.43 -8.88 -7.76
N ILE A 35 -3.96 -7.72 -7.29
CA ILE A 35 -4.81 -6.79 -6.56
C ILE A 35 -5.87 -6.17 -7.46
N GLU A 36 -5.61 -5.97 -8.75
CA GLU A 36 -6.55 -5.31 -9.69
C GLU A 36 -8.00 -5.81 -9.52
N LYS A 37 -8.16 -7.11 -9.31
CA LYS A 37 -9.48 -7.75 -9.19
C LYS A 37 -10.23 -7.34 -7.91
N TYR A 38 -9.47 -7.24 -6.81
CA TYR A 38 -9.92 -6.96 -5.43
C TYR A 38 -9.95 -5.46 -5.07
N GLY A 39 -8.82 -4.79 -5.33
CA GLY A 39 -8.58 -3.34 -5.21
C GLY A 39 -9.50 -2.49 -6.09
N ALA A 40 -10.22 -3.12 -7.01
CA ALA A 40 -11.32 -2.50 -7.73
C ALA A 40 -12.36 -1.87 -6.77
N GLN A 41 -12.43 -2.33 -5.51
CA GLN A 41 -13.17 -1.72 -4.41
C GLN A 41 -12.34 -0.62 -3.73
N VAL A 42 -11.32 -1.00 -2.95
CA VAL A 42 -10.55 -0.11 -2.05
C VAL A 42 -9.10 -0.58 -1.93
N VAL A 43 -8.15 0.36 -1.94
CA VAL A 43 -6.70 0.11 -1.90
C VAL A 43 -6.01 1.06 -0.92
N LEU A 44 -4.89 0.62 -0.36
CA LEU A 44 -3.95 1.42 0.44
C LEU A 44 -2.51 1.16 -0.02
N ILE A 45 -1.73 2.23 -0.16
CA ILE A 45 -0.30 2.19 -0.49
C ILE A 45 0.51 2.54 0.76
N ILE A 46 1.46 1.69 1.13
CA ILE A 46 2.33 1.84 2.30
C ILE A 46 3.81 1.91 1.87
N TYR A 47 4.58 2.83 2.45
CA TYR A 47 6.00 3.06 2.14
C TYR A 47 6.85 3.03 3.43
N THR A 48 7.47 1.87 3.68
CA THR A 48 8.24 1.57 4.90
C THR A 48 9.75 1.48 4.64
N SER A 49 10.57 1.83 5.64
CA SER A 49 12.03 1.93 5.55
C SER A 49 12.50 2.80 4.37
N SER A 50 13.66 2.54 3.78
CA SER A 50 14.30 3.38 2.75
C SER A 50 13.62 3.31 1.38
N GLY A 51 13.12 2.14 0.96
CA GLY A 51 12.54 1.93 -0.38
C GLY A 51 11.56 0.75 -0.54
N ILE A 52 11.21 0.04 0.53
CA ILE A 52 10.23 -1.04 0.50
C ILE A 52 8.81 -0.47 0.42
N VAL A 53 8.06 -0.93 -0.58
CA VAL A 53 6.66 -0.53 -0.79
C VAL A 53 5.78 -1.75 -0.52
N ILE A 54 4.73 -1.56 0.27
CA ILE A 54 3.74 -2.61 0.58
C ILE A 54 2.39 -2.14 0.03
N LEU A 55 1.74 -3.00 -0.75
CA LEU A 55 0.46 -2.75 -1.40
C LEU A 55 -0.60 -3.60 -0.68
N VAL A 56 -1.62 -2.96 -0.11
CA VAL A 56 -2.74 -3.65 0.55
C VAL A 56 -4.09 -3.28 -0.08
N ALA A 57 -5.01 -4.24 -0.21
CA ALA A 57 -6.34 -4.01 -0.76
C ALA A 57 -7.44 -4.79 -0.05
N VAL A 58 -8.65 -4.21 -0.07
CA VAL A 58 -9.84 -4.66 0.68
C VAL A 58 -11.12 -4.55 -0.14
N ARG A 59 -12.10 -5.41 0.17
CA ARG A 59 -13.43 -5.43 -0.46
C ARG A 59 -14.39 -4.37 0.10
N ASP A 60 -14.09 -3.78 1.26
CA ASP A 60 -14.91 -2.74 1.90
C ASP A 60 -14.07 -1.59 2.48
N PRO A 61 -14.58 -0.33 2.46
CA PRO A 61 -13.85 0.85 2.94
C PRO A 61 -13.67 0.89 4.47
N SER A 62 -14.58 0.31 5.25
CA SER A 62 -14.49 0.26 6.71
C SER A 62 -13.26 -0.54 7.18
N GLN A 63 -12.92 -1.62 6.46
CA GLN A 63 -11.73 -2.45 6.71
C GLN A 63 -10.45 -1.65 6.47
N ALA A 64 -10.35 -0.90 5.37
CA ALA A 64 -9.22 -0.01 5.11
C ALA A 64 -9.08 1.06 6.20
N ASP A 65 -10.19 1.72 6.60
CA ASP A 65 -10.16 2.73 7.66
C ASP A 65 -9.66 2.13 8.98
N GLN A 66 -10.20 0.97 9.39
CA GLN A 66 -9.80 0.31 10.62
C GLN A 66 -8.33 -0.12 10.60
N ILE A 67 -7.86 -0.73 9.50
CA ILE A 67 -6.48 -1.22 9.38
C ILE A 67 -5.49 -0.04 9.38
N LEU A 68 -5.82 1.03 8.66
CA LEU A 68 -5.04 2.28 8.61
C LEU A 68 -4.86 2.89 10.00
N LYS A 69 -5.95 3.00 10.75
CA LYS A 69 -6.02 3.65 12.07
C LYS A 69 -5.02 3.03 13.05
N GLU A 70 -4.92 1.71 13.10
CA GLU A 70 -3.91 1.01 13.90
C GLU A 70 -2.51 1.03 13.27
N ALA A 71 -2.40 0.91 11.95
CA ALA A 71 -1.11 0.80 11.27
C ALA A 71 -0.30 2.10 11.33
N LYS A 72 -0.96 3.26 11.18
CA LYS A 72 -0.39 4.59 11.35
C LYS A 72 0.02 4.84 12.80
N LYS A 73 -0.81 4.40 13.75
CA LYS A 73 -0.56 4.58 15.19
C LYS A 73 0.66 3.78 15.65
N GLN A 74 0.79 2.55 15.16
CA GLN A 74 1.93 1.67 15.44
C GLN A 74 3.20 2.11 14.69
N ASN A 75 3.07 2.57 13.44
CA ASN A 75 4.18 2.95 12.56
C ASN A 75 3.90 4.32 11.88
N PRO A 76 4.28 5.45 12.50
CA PRO A 76 3.99 6.79 11.96
C PRO A 76 4.81 7.13 10.71
N SER A 77 6.00 6.54 10.55
CA SER A 77 6.93 6.78 9.43
C SER A 77 6.63 5.94 8.17
N ALA A 78 5.58 5.12 8.19
CA ALA A 78 5.24 4.15 7.13
C ALA A 78 4.38 4.72 5.99
N THR A 79 3.88 5.95 6.14
CA THR A 79 3.21 6.78 5.11
C THR A 79 2.14 6.06 4.28
N PHE A 80 0.88 6.23 4.69
CA PHE A 80 -0.29 5.54 4.15
C PHE A 80 -1.05 6.43 3.15
N VAL A 81 -1.45 5.88 2.00
CA VAL A 81 -2.24 6.59 0.97
C VAL A 81 -3.44 5.77 0.54
N ARG A 82 -4.66 6.21 0.88
CA ARG A 82 -5.92 5.55 0.52
C ARG A 82 -6.32 5.83 -0.94
N LEU A 83 -6.78 4.79 -1.63
CA LEU A 83 -7.22 4.81 -3.02
C LEU A 83 -8.67 4.31 -3.15
N GLU A 84 -9.46 5.06 -3.91
CA GLU A 84 -10.87 4.79 -4.21
C GLU A 84 -11.37 5.51 -5.49
N GLY A 85 -10.88 6.74 -5.74
CA GLY A 85 -11.24 7.56 -6.91
C GLY A 85 -10.44 7.27 -8.19
N VAL A 86 -9.47 6.35 -8.14
CA VAL A 86 -8.59 5.96 -9.25
C VAL A 86 -8.85 4.51 -9.64
N SER A 87 -8.87 4.24 -10.95
CA SER A 87 -9.02 2.88 -11.51
C SER A 87 -7.91 1.91 -11.05
N PRO A 88 -8.18 0.60 -10.95
CA PRO A 88 -7.23 -0.40 -10.46
C PRO A 88 -6.01 -0.59 -11.39
N ASP A 89 -6.15 -0.28 -12.68
CA ASP A 89 -5.02 -0.20 -13.62
C ASP A 89 -4.23 1.13 -13.53
N ASP A 90 -4.90 2.24 -13.18
CA ASP A 90 -4.28 3.55 -13.01
C ASP A 90 -3.49 3.66 -11.69
N LEU A 91 -3.89 2.89 -10.67
CA LEU A 91 -3.16 2.68 -9.42
C LEU A 91 -1.67 2.39 -9.63
N ARG A 92 -1.27 1.76 -10.75
CA ARG A 92 0.14 1.50 -11.10
C ARG A 92 0.98 2.78 -11.09
N ARG A 93 0.43 3.89 -11.58
CA ARG A 93 1.05 5.22 -11.61
C ARG A 93 1.30 5.75 -10.19
N GLN A 94 0.29 5.60 -9.32
CA GLN A 94 0.33 6.06 -7.93
C GLN A 94 1.29 5.22 -7.07
N VAL A 95 1.35 3.90 -7.30
CA VAL A 95 2.26 2.98 -6.61
C VAL A 95 3.70 3.21 -7.06
N GLU A 96 3.93 3.29 -8.38
CA GLU A 96 5.27 3.51 -8.90
C GLU A 96 5.81 4.90 -8.54
N ASP A 97 5.00 5.96 -8.54
CA ASP A 97 5.45 7.30 -8.12
C ASP A 97 5.96 7.33 -6.66
N VAL A 98 5.38 6.49 -5.78
CA VAL A 98 5.89 6.27 -4.42
C VAL A 98 7.22 5.49 -4.44
N TRP A 99 7.39 4.50 -5.33
CA TRP A 99 8.65 3.77 -5.49
C TRP A 99 9.78 4.66 -6.04
N ARG A 100 9.54 5.41 -7.13
CA ARG A 100 10.51 6.34 -7.73
C ARG A 100 10.86 7.47 -6.75
N GLY A 101 9.86 8.00 -6.04
CA GLY A 101 10.00 9.02 -4.99
C GLY A 101 10.85 8.56 -3.79
N SER A 102 10.90 7.25 -3.50
CA SER A 102 11.77 6.70 -2.45
C SER A 102 13.27 6.81 -2.79
N LEU A 103 13.62 6.91 -4.08
CA LEU A 103 14.99 7.14 -4.55
C LEU A 103 15.25 8.63 -4.85
N GLU A 104 14.35 9.26 -5.61
CA GLU A 104 14.51 10.61 -6.14
C GLU A 104 13.82 11.64 -5.22
N HIS A 105 14.60 12.31 -4.40
CA HIS A 105 14.12 13.26 -3.38
C HIS A 105 14.08 14.70 -3.91
N HIS A 106 13.07 15.47 -3.49
CA HIS A 106 12.93 16.90 -3.81
C HIS A 106 12.25 17.66 -2.65
N HIS A 107 12.98 18.64 -2.09
CA HIS A 107 12.58 19.52 -0.99
C HIS A 107 12.20 18.82 0.35
N HIS A 108 12.13 19.61 1.44
CA HIS A 108 11.65 19.22 2.78
C HIS A 108 12.26 17.91 3.34
N HIS A 109 13.58 17.75 3.25
CA HIS A 109 14.30 16.62 3.85
C HIS A 109 14.23 16.69 5.40
N HIS A 110 13.61 15.68 6.01
CA HIS A 110 13.37 15.54 7.46
C HIS A 110 12.89 16.84 8.15
N GLY A 1 10.59 -8.08 10.64
CA GLY A 1 10.79 -6.62 10.78
C GLY A 1 9.48 -5.85 10.67
N ASP A 2 9.57 -4.52 10.61
CA ASP A 2 8.41 -3.62 10.65
C ASP A 2 7.47 -3.80 9.45
N ALA A 3 8.02 -4.04 8.25
CA ALA A 3 7.27 -4.37 7.03
C ALA A 3 6.42 -5.65 7.22
N ASP A 4 6.97 -6.69 7.85
CA ASP A 4 6.28 -7.95 8.11
C ASP A 4 5.17 -7.81 9.17
N LYS A 5 5.37 -6.91 10.15
CA LYS A 5 4.34 -6.59 11.15
C LYS A 5 3.19 -5.82 10.54
N ILE A 6 3.48 -4.83 9.69
CA ILE A 6 2.46 -3.98 9.06
C ILE A 6 1.55 -4.77 8.13
N MET A 7 2.08 -5.75 7.41
CA MET A 7 1.25 -6.57 6.50
C MET A 7 0.30 -7.48 7.29
N GLU A 8 0.74 -7.95 8.46
CA GLU A 8 -0.09 -8.72 9.38
C GLU A 8 -1.12 -7.87 10.13
N GLN A 9 -0.86 -6.58 10.37
CA GLN A 9 -1.88 -5.65 10.92
C GLN A 9 -3.13 -5.57 10.04
N ALA A 10 -3.00 -5.70 8.72
CA ALA A 10 -4.14 -5.81 7.83
C ALA A 10 -4.87 -7.15 8.00
N LYS A 11 -4.10 -8.25 8.03
CA LYS A 11 -4.60 -9.63 8.08
C LYS A 11 -5.26 -9.98 9.42
N ARG A 12 -4.80 -9.36 10.52
CA ARG A 12 -5.37 -9.54 11.86
C ARG A 12 -6.79 -8.97 11.97
N GLN A 13 -7.06 -7.94 11.18
CA GLN A 13 -8.33 -7.19 11.13
C GLN A 13 -9.27 -7.79 10.09
N ASP A 14 -8.74 -8.11 8.89
CA ASP A 14 -9.46 -8.75 7.79
C ASP A 14 -8.57 -9.82 7.12
N PRO A 15 -8.80 -11.12 7.39
CA PRO A 15 -7.96 -12.19 6.86
C PRO A 15 -8.15 -12.42 5.35
N ASN A 16 -9.22 -11.89 4.76
CA ASN A 16 -9.51 -11.96 3.34
C ASN A 16 -8.80 -10.86 2.52
N ALA A 17 -8.29 -9.80 3.16
CA ALA A 17 -7.50 -8.73 2.53
C ALA A 17 -6.29 -9.32 1.79
N GLN A 18 -5.93 -8.69 0.67
CA GLN A 18 -4.73 -9.07 -0.07
C GLN A 18 -3.60 -8.09 0.23
N VAL A 19 -2.43 -8.59 0.59
CA VAL A 19 -1.24 -7.77 0.91
C VAL A 19 0.04 -8.34 0.31
N TYR A 20 0.85 -7.49 -0.32
CA TYR A 20 2.12 -7.86 -0.94
C TYR A 20 3.20 -6.81 -0.68
N LYS A 21 4.44 -7.25 -0.56
CA LYS A 21 5.62 -6.40 -0.34
C LYS A 21 6.59 -6.52 -1.50
N VAL A 22 6.96 -5.38 -2.07
CA VAL A 22 7.81 -5.27 -3.27
C VAL A 22 8.96 -4.29 -3.05
N THR A 23 10.08 -4.57 -3.71
CA THR A 23 11.32 -3.79 -3.62
C THR A 23 11.76 -3.18 -4.95
N THR A 24 11.04 -3.45 -6.04
CA THR A 24 11.37 -3.08 -7.43
C THR A 24 10.13 -2.65 -8.24
N PRO A 25 10.29 -1.90 -9.35
CA PRO A 25 9.18 -1.54 -10.24
C PRO A 25 8.61 -2.76 -11.00
N ASP A 26 9.44 -3.77 -11.28
CA ASP A 26 9.00 -4.99 -11.93
C ASP A 26 8.18 -5.89 -10.98
N GLU A 27 8.52 -5.90 -9.69
CA GLU A 27 7.76 -6.61 -8.66
C GLU A 27 6.41 -5.92 -8.37
N ILE A 28 6.34 -4.58 -8.46
CA ILE A 28 5.08 -3.82 -8.37
C ILE A 28 4.05 -4.33 -9.38
N GLU A 29 4.45 -4.56 -10.63
CA GLU A 29 3.57 -5.07 -11.69
C GLU A 29 2.92 -6.42 -11.36
N GLU A 30 3.53 -7.27 -10.52
CA GLU A 30 2.85 -8.48 -10.00
C GLU A 30 1.78 -8.13 -8.95
N ALA A 31 2.12 -7.25 -8.00
CA ALA A 31 1.24 -6.92 -6.87
C ALA A 31 -0.04 -6.23 -7.34
N VAL A 32 0.09 -5.19 -8.17
CA VAL A 32 -1.04 -4.46 -8.76
C VAL A 32 -1.92 -5.33 -9.65
N ARG A 33 -1.33 -6.32 -10.32
CA ARG A 33 -1.99 -7.20 -11.31
C ARG A 33 -2.90 -8.25 -10.67
N ARG A 34 -2.54 -8.76 -9.49
CA ARG A 34 -3.36 -9.68 -8.70
C ARG A 34 -4.30 -8.93 -7.76
N ILE A 35 -3.88 -7.77 -7.25
CA ILE A 35 -4.74 -6.87 -6.50
C ILE A 35 -5.83 -6.26 -7.38
N GLU A 36 -5.58 -6.06 -8.67
CA GLU A 36 -6.53 -5.43 -9.61
C GLU A 36 -7.97 -5.96 -9.45
N LYS A 37 -8.11 -7.27 -9.18
CA LYS A 37 -9.42 -7.91 -8.98
C LYS A 37 -10.11 -7.50 -7.67
N TYR A 38 -9.34 -7.39 -6.59
CA TYR A 38 -9.77 -7.13 -5.20
C TYR A 38 -9.82 -5.63 -4.83
N GLY A 39 -8.73 -4.92 -5.14
CA GLY A 39 -8.55 -3.47 -5.02
C GLY A 39 -9.46 -2.65 -5.93
N ALA A 40 -10.21 -3.31 -6.81
CA ALA A 40 -11.30 -2.74 -7.59
C ALA A 40 -12.29 -1.89 -6.75
N GLN A 41 -12.45 -2.18 -5.45
CA GLN A 41 -13.16 -1.31 -4.50
C GLN A 41 -12.22 -0.30 -3.83
N VAL A 42 -11.28 -0.76 -2.98
CA VAL A 42 -10.45 0.07 -2.11
C VAL A 42 -9.03 -0.51 -1.95
N VAL A 43 -8.05 0.39 -1.96
CA VAL A 43 -6.60 0.09 -1.88
C VAL A 43 -5.91 1.02 -0.89
N LEU A 44 -4.80 0.58 -0.32
CA LEU A 44 -3.87 1.36 0.48
C LEU A 44 -2.42 1.09 0.01
N ILE A 45 -1.66 2.15 -0.22
CA ILE A 45 -0.22 2.11 -0.53
C ILE A 45 0.54 2.45 0.74
N ILE A 46 1.45 1.57 1.17
CA ILE A 46 2.32 1.79 2.34
C ILE A 46 3.79 1.89 1.90
N TYR A 47 4.50 2.91 2.36
CA TYR A 47 5.89 3.23 1.97
C TYR A 47 6.81 3.28 3.19
N THR A 48 7.50 2.16 3.45
CA THR A 48 8.31 1.91 4.65
C THR A 48 9.81 1.81 4.35
N SER A 49 10.65 2.28 5.28
CA SER A 49 12.12 2.37 5.14
C SER A 49 12.57 3.08 3.84
N SER A 50 13.77 2.79 3.33
CA SER A 50 14.44 3.52 2.24
C SER A 50 13.91 3.27 0.81
N GLY A 51 12.87 2.45 0.63
CA GLY A 51 12.34 2.11 -0.70
C GLY A 51 11.39 0.91 -0.78
N ILE A 52 11.15 0.18 0.31
CA ILE A 52 10.20 -0.93 0.34
C ILE A 52 8.76 -0.38 0.28
N VAL A 53 7.98 -0.91 -0.66
CA VAL A 53 6.57 -0.55 -0.85
C VAL A 53 5.72 -1.79 -0.55
N ILE A 54 4.68 -1.62 0.25
CA ILE A 54 3.71 -2.67 0.57
C ILE A 54 2.35 -2.23 0.02
N LEU A 55 1.72 -3.09 -0.78
CA LEU A 55 0.40 -2.84 -1.37
C LEU A 55 -0.63 -3.68 -0.64
N VAL A 56 -1.63 -3.03 -0.04
CA VAL A 56 -2.75 -3.72 0.63
C VAL A 56 -4.11 -3.34 0.03
N ALA A 57 -5.02 -4.30 -0.11
CA ALA A 57 -6.34 -4.07 -0.70
C ALA A 57 -7.48 -4.81 0.00
N VAL A 58 -8.67 -4.21 -0.08
CA VAL A 58 -9.88 -4.54 0.69
C VAL A 58 -11.17 -4.40 -0.14
N ARG A 59 -12.21 -5.18 0.21
CA ARG A 59 -13.54 -5.11 -0.42
C ARG A 59 -14.46 -4.00 0.11
N ASP A 60 -14.17 -3.39 1.26
CA ASP A 60 -14.86 -2.18 1.72
C ASP A 60 -13.92 -1.13 2.32
N PRO A 61 -14.27 0.17 2.29
CA PRO A 61 -13.51 1.23 2.96
C PRO A 61 -13.48 1.07 4.48
N SER A 62 -14.44 0.38 5.10
CA SER A 62 -14.46 0.08 6.53
C SER A 62 -13.27 -0.80 6.97
N GLN A 63 -12.85 -1.74 6.13
CA GLN A 63 -11.65 -2.56 6.36
C GLN A 63 -10.38 -1.69 6.28
N ALA A 64 -10.25 -0.85 5.24
CA ALA A 64 -9.11 0.05 5.10
C ALA A 64 -9.03 1.09 6.25
N ASP A 65 -10.15 1.70 6.64
CA ASP A 65 -10.20 2.67 7.74
C ASP A 65 -9.73 2.04 9.06
N GLN A 66 -10.28 0.88 9.41
CA GLN A 66 -9.91 0.17 10.64
C GLN A 66 -8.44 -0.25 10.65
N ILE A 67 -7.94 -0.78 9.53
CA ILE A 67 -6.54 -1.24 9.42
C ILE A 67 -5.58 -0.04 9.48
N LEU A 68 -5.90 1.05 8.78
CA LEU A 68 -5.13 2.29 8.77
C LEU A 68 -5.00 2.87 10.17
N LYS A 69 -6.12 2.93 10.90
CA LYS A 69 -6.23 3.56 12.23
C LYS A 69 -5.29 2.93 13.25
N GLU A 70 -5.17 1.60 13.25
CA GLU A 70 -4.18 0.90 14.06
C GLU A 70 -2.74 1.01 13.51
N ALA A 71 -2.58 0.94 12.19
CA ALA A 71 -1.26 0.89 11.56
C ALA A 71 -0.50 2.22 11.66
N LYS A 72 -1.17 3.36 11.50
CA LYS A 72 -0.59 4.70 11.76
C LYS A 72 -0.19 4.90 13.22
N LYS A 73 -0.99 4.36 14.16
CA LYS A 73 -0.74 4.47 15.60
C LYS A 73 0.48 3.63 16.04
N GLN A 74 0.59 2.42 15.49
CA GLN A 74 1.71 1.51 15.78
C GLN A 74 3.00 1.91 15.05
N ASN A 75 2.89 2.35 13.79
CA ASN A 75 4.01 2.71 12.92
C ASN A 75 3.76 4.07 12.23
N PRO A 76 4.18 5.20 12.83
CA PRO A 76 3.82 6.54 12.35
C PRO A 76 4.56 6.95 11.05
N SER A 77 5.80 6.47 10.85
CA SER A 77 6.67 6.83 9.72
C SER A 77 6.43 6.00 8.45
N ALA A 78 5.53 5.00 8.50
CA ALA A 78 5.30 4.03 7.44
C ALA A 78 4.52 4.54 6.21
N THR A 79 4.01 5.78 6.27
CA THR A 79 3.42 6.57 5.17
C THR A 79 2.35 5.82 4.34
N PHE A 80 1.09 6.05 4.70
CA PHE A 80 -0.08 5.38 4.14
C PHE A 80 -0.85 6.29 3.18
N VAL A 81 -1.27 5.77 2.02
CA VAL A 81 -2.05 6.53 1.01
C VAL A 81 -3.26 5.73 0.54
N ARG A 82 -4.46 6.26 0.79
CA ARG A 82 -5.74 5.60 0.51
C ARG A 82 -6.20 5.84 -0.93
N LEU A 83 -6.61 4.77 -1.60
CA LEU A 83 -7.08 4.74 -2.99
C LEU A 83 -8.51 4.21 -3.07
N GLU A 84 -9.34 4.92 -3.85
CA GLU A 84 -10.75 4.59 -4.07
C GLU A 84 -11.28 5.23 -5.38
N GLY A 85 -10.94 6.50 -5.63
CA GLY A 85 -11.36 7.25 -6.83
C GLY A 85 -10.55 6.95 -8.11
N VAL A 86 -9.44 6.21 -8.00
CA VAL A 86 -8.57 5.81 -9.13
C VAL A 86 -8.82 4.35 -9.51
N SER A 87 -8.87 4.07 -10.81
CA SER A 87 -9.02 2.71 -11.36
C SER A 87 -7.89 1.75 -10.93
N PRO A 88 -8.15 0.43 -10.85
CA PRO A 88 -7.18 -0.56 -10.37
C PRO A 88 -5.95 -0.72 -11.29
N ASP A 89 -6.09 -0.43 -12.58
CA ASP A 89 -4.95 -0.33 -13.51
C ASP A 89 -4.20 1.02 -13.43
N ASP A 90 -4.90 2.10 -13.09
CA ASP A 90 -4.33 3.45 -12.95
C ASP A 90 -3.52 3.61 -11.65
N LEU A 91 -3.87 2.82 -10.62
CA LEU A 91 -3.12 2.66 -9.38
C LEU A 91 -1.61 2.43 -9.62
N ARG A 92 -1.23 1.79 -10.75
CA ARG A 92 0.18 1.56 -11.10
C ARG A 92 1.00 2.86 -11.13
N ARG A 93 0.43 3.93 -11.67
CA ARG A 93 1.06 5.28 -11.69
C ARG A 93 1.31 5.80 -10.27
N GLN A 94 0.34 5.64 -9.38
CA GLN A 94 0.41 6.08 -7.98
C GLN A 94 1.41 5.27 -7.16
N VAL A 95 1.50 3.95 -7.40
CA VAL A 95 2.46 3.05 -6.73
C VAL A 95 3.88 3.27 -7.24
N GLU A 96 4.07 3.33 -8.55
CA GLU A 96 5.39 3.50 -9.14
C GLU A 96 5.96 4.90 -8.86
N ASP A 97 5.16 5.97 -8.88
CA ASP A 97 5.60 7.32 -8.48
C ASP A 97 6.09 7.38 -7.01
N VAL A 98 5.49 6.56 -6.13
CA VAL A 98 5.94 6.38 -4.73
C VAL A 98 7.26 5.60 -4.68
N TRP A 99 7.43 4.57 -5.52
CA TRP A 99 8.69 3.83 -5.64
C TRP A 99 9.84 4.73 -6.15
N ARG A 100 9.62 5.47 -7.25
CA ARG A 100 10.59 6.42 -7.82
C ARG A 100 10.92 7.56 -6.85
N GLY A 101 9.91 8.05 -6.11
CA GLY A 101 10.06 9.08 -5.07
C GLY A 101 11.00 8.70 -3.92
N SER A 102 11.22 7.41 -3.67
CA SER A 102 12.22 6.93 -2.69
C SER A 102 13.67 7.13 -3.15
N LEU A 103 13.92 7.13 -4.47
CA LEU A 103 15.24 7.29 -5.07
C LEU A 103 15.51 8.74 -5.50
N GLU A 104 14.55 9.38 -6.16
CA GLU A 104 14.63 10.76 -6.65
C GLU A 104 13.87 11.73 -5.74
N HIS A 105 14.60 12.63 -5.06
CA HIS A 105 14.01 13.66 -4.21
C HIS A 105 13.25 14.72 -5.02
N HIS A 106 12.04 15.07 -4.59
CA HIS A 106 11.19 16.09 -5.18
C HIS A 106 10.27 16.75 -4.13
N HIS A 107 10.07 18.07 -4.25
CA HIS A 107 9.26 18.92 -3.37
C HIS A 107 9.67 18.91 -1.87
N HIS A 108 9.00 19.71 -1.04
CA HIS A 108 9.23 19.85 0.39
C HIS A 108 8.59 18.71 1.22
N HIS A 109 8.93 17.45 0.85
CA HIS A 109 8.35 16.19 1.33
C HIS A 109 6.85 16.00 1.01
N HIS A 110 6.38 14.75 1.11
CA HIS A 110 4.97 14.36 1.08
C HIS A 110 4.22 14.85 2.34
N GLY A 1 10.63 -7.97 10.86
CA GLY A 1 10.82 -6.51 10.75
C GLY A 1 9.51 -5.74 10.71
N ASP A 2 9.59 -4.41 10.60
CA ASP A 2 8.42 -3.52 10.64
C ASP A 2 7.48 -3.74 9.44
N ALA A 3 8.04 -4.00 8.25
CA ALA A 3 7.30 -4.39 7.05
C ALA A 3 6.45 -5.66 7.27
N ASP A 4 7.02 -6.67 7.94
CA ASP A 4 6.34 -7.94 8.23
C ASP A 4 5.23 -7.79 9.27
N LYS A 5 5.38 -6.85 10.22
CA LYS A 5 4.31 -6.51 11.16
C LYS A 5 3.17 -5.78 10.47
N ILE A 6 3.50 -4.78 9.67
CA ILE A 6 2.49 -3.91 9.06
C ILE A 6 1.56 -4.68 8.12
N MET A 7 2.10 -5.69 7.44
CA MET A 7 1.29 -6.52 6.53
C MET A 7 0.33 -7.43 7.32
N GLU A 8 0.77 -7.92 8.48
CA GLU A 8 -0.05 -8.73 9.38
C GLU A 8 -1.13 -7.90 10.07
N GLN A 9 -0.91 -6.61 10.33
CA GLN A 9 -1.94 -5.72 10.88
C GLN A 9 -3.19 -5.64 10.00
N ALA A 10 -3.03 -5.75 8.68
CA ALA A 10 -4.18 -5.87 7.78
C ALA A 10 -4.89 -7.22 7.94
N LYS A 11 -4.12 -8.32 7.97
CA LYS A 11 -4.64 -9.70 8.05
C LYS A 11 -5.27 -10.03 9.40
N ARG A 12 -4.80 -9.41 10.49
CA ARG A 12 -5.36 -9.57 11.85
C ARG A 12 -6.77 -9.00 11.95
N GLN A 13 -7.04 -7.93 11.20
CA GLN A 13 -8.29 -7.18 11.17
C GLN A 13 -9.26 -7.78 10.13
N ASP A 14 -8.75 -8.09 8.94
CA ASP A 14 -9.49 -8.72 7.84
C ASP A 14 -8.60 -9.72 7.09
N PRO A 15 -8.71 -11.04 7.35
CA PRO A 15 -7.83 -12.05 6.75
C PRO A 15 -8.07 -12.23 5.24
N ASN A 16 -9.20 -11.74 4.73
CA ASN A 16 -9.55 -11.71 3.33
C ASN A 16 -8.77 -10.64 2.52
N ALA A 17 -8.26 -9.59 3.20
CA ALA A 17 -7.47 -8.53 2.58
C ALA A 17 -6.23 -9.10 1.90
N GLN A 18 -5.91 -8.59 0.72
CA GLN A 18 -4.73 -9.01 -0.02
C GLN A 18 -3.59 -8.04 0.26
N VAL A 19 -2.45 -8.55 0.70
CA VAL A 19 -1.25 -7.75 1.01
C VAL A 19 0.01 -8.36 0.39
N TYR A 20 0.84 -7.51 -0.25
CA TYR A 20 2.11 -7.89 -0.87
C TYR A 20 3.19 -6.84 -0.62
N LYS A 21 4.43 -7.28 -0.47
CA LYS A 21 5.61 -6.43 -0.24
C LYS A 21 6.61 -6.55 -1.39
N VAL A 22 6.98 -5.41 -1.96
CA VAL A 22 7.87 -5.32 -3.12
C VAL A 22 9.01 -4.32 -2.88
N THR A 23 10.12 -4.57 -3.57
CA THR A 23 11.36 -3.78 -3.49
C THR A 23 11.71 -3.11 -4.83
N THR A 24 11.01 -3.42 -5.92
CA THR A 24 11.31 -3.00 -7.30
C THR A 24 10.04 -2.67 -8.11
N PRO A 25 10.12 -1.91 -9.22
CA PRO A 25 9.00 -1.68 -10.13
C PRO A 25 8.57 -2.95 -10.88
N ASP A 26 9.52 -3.86 -11.14
CA ASP A 26 9.24 -5.15 -11.78
C ASP A 26 8.48 -6.10 -10.85
N GLU A 27 8.65 -5.95 -9.52
CA GLU A 27 7.81 -6.63 -8.54
C GLU A 27 6.43 -5.96 -8.37
N ILE A 28 6.35 -4.62 -8.45
CA ILE A 28 5.08 -3.87 -8.38
C ILE A 28 4.08 -4.37 -9.43
N GLU A 29 4.48 -4.48 -10.70
CA GLU A 29 3.60 -4.93 -11.78
C GLU A 29 2.99 -6.34 -11.58
N GLU A 30 3.58 -7.17 -10.72
CA GLU A 30 2.99 -8.45 -10.28
C GLU A 30 1.93 -8.27 -9.18
N ALA A 31 2.19 -7.41 -8.19
CA ALA A 31 1.31 -7.15 -7.04
C ALA A 31 0.01 -6.44 -7.46
N VAL A 32 0.13 -5.41 -8.28
CA VAL A 32 -1.01 -4.65 -8.83
C VAL A 32 -1.91 -5.52 -9.70
N ARG A 33 -1.36 -6.52 -10.38
CA ARG A 33 -2.08 -7.40 -11.31
C ARG A 33 -3.06 -8.36 -10.62
N ARG A 34 -2.67 -8.90 -9.46
CA ARG A 34 -3.49 -9.77 -8.61
C ARG A 34 -4.40 -8.98 -7.68
N ILE A 35 -3.93 -7.82 -7.23
CA ILE A 35 -4.77 -6.85 -6.51
C ILE A 35 -5.82 -6.22 -7.43
N GLU A 36 -5.57 -6.05 -8.73
CA GLU A 36 -6.46 -5.34 -9.66
C GLU A 36 -7.92 -5.76 -9.48
N LYS A 37 -8.15 -7.06 -9.30
CA LYS A 37 -9.50 -7.63 -9.18
C LYS A 37 -10.22 -7.22 -7.89
N TYR A 38 -9.46 -7.18 -6.79
CA TYR A 38 -9.88 -6.89 -5.41
C TYR A 38 -9.87 -5.39 -5.05
N GLY A 39 -8.74 -4.73 -5.32
CA GLY A 39 -8.48 -3.29 -5.21
C GLY A 39 -9.38 -2.44 -6.11
N ALA A 40 -10.09 -3.08 -7.05
CA ALA A 40 -11.17 -2.47 -7.81
C ALA A 40 -12.20 -1.73 -6.91
N GLN A 41 -12.36 -2.13 -5.64
CA GLN A 41 -13.12 -1.36 -4.65
C GLN A 41 -12.24 -0.35 -3.88
N VAL A 42 -11.28 -0.82 -3.07
CA VAL A 42 -10.50 -0.01 -2.11
C VAL A 42 -9.07 -0.53 -1.95
N VAL A 43 -8.10 0.39 -1.92
CA VAL A 43 -6.65 0.11 -1.85
C VAL A 43 -5.96 1.05 -0.85
N LEU A 44 -4.84 0.59 -0.29
CA LEU A 44 -3.90 1.38 0.51
C LEU A 44 -2.46 1.10 0.05
N ILE A 45 -1.68 2.15 -0.16
CA ILE A 45 -0.25 2.09 -0.49
C ILE A 45 0.54 2.46 0.77
N ILE A 46 1.46 1.58 1.20
CA ILE A 46 2.32 1.80 2.37
C ILE A 46 3.80 1.89 1.94
N TYR A 47 4.51 2.90 2.43
CA TYR A 47 5.89 3.22 2.03
C TYR A 47 6.82 3.25 3.26
N THR A 48 7.52 2.14 3.47
CA THR A 48 8.37 1.89 4.66
C THR A 48 9.87 1.79 4.33
N SER A 49 10.71 2.25 5.26
CA SER A 49 12.18 2.23 5.15
C SER A 49 12.71 2.92 3.86
N SER A 50 13.88 2.49 3.36
CA SER A 50 14.63 3.17 2.27
C SER A 50 14.07 3.01 0.84
N GLY A 51 12.96 2.29 0.65
CA GLY A 51 12.39 2.01 -0.68
C GLY A 51 11.40 0.86 -0.77
N ILE A 52 11.16 0.11 0.33
CA ILE A 52 10.18 -0.96 0.36
C ILE A 52 8.76 -0.40 0.29
N VAL A 53 7.97 -0.92 -0.65
CA VAL A 53 6.57 -0.56 -0.85
C VAL A 53 5.71 -1.78 -0.54
N ILE A 54 4.67 -1.61 0.27
CA ILE A 54 3.72 -2.67 0.61
C ILE A 54 2.36 -2.24 0.05
N LEU A 55 1.74 -3.09 -0.76
CA LEU A 55 0.43 -2.85 -1.36
C LEU A 55 -0.61 -3.68 -0.62
N VAL A 56 -1.61 -3.03 -0.02
CA VAL A 56 -2.73 -3.71 0.63
C VAL A 56 -4.07 -3.31 0.01
N ALA A 57 -4.99 -4.27 -0.17
CA ALA A 57 -6.30 -4.01 -0.74
C ALA A 57 -7.43 -4.79 -0.05
N VAL A 58 -8.63 -4.20 -0.12
CA VAL A 58 -9.83 -4.61 0.62
C VAL A 58 -11.09 -4.50 -0.24
N ARG A 59 -12.08 -5.36 0.06
CA ARG A 59 -13.40 -5.38 -0.59
C ARG A 59 -14.37 -4.33 -0.07
N ASP A 60 -14.12 -3.75 1.11
CA ASP A 60 -14.99 -2.76 1.77
C ASP A 60 -14.18 -1.60 2.39
N PRO A 61 -14.73 -0.37 2.44
CA PRO A 61 -13.99 0.85 2.81
C PRO A 61 -13.68 0.98 4.31
N SER A 62 -14.50 0.39 5.17
CA SER A 62 -14.32 0.45 6.64
C SER A 62 -13.14 -0.40 7.11
N GLN A 63 -12.80 -1.46 6.38
CA GLN A 63 -11.67 -2.34 6.64
C GLN A 63 -10.35 -1.57 6.45
N ALA A 64 -10.21 -0.84 5.34
CA ALA A 64 -9.07 0.05 5.12
C ALA A 64 -8.97 1.15 6.19
N ASP A 65 -10.09 1.80 6.53
CA ASP A 65 -10.12 2.87 7.53
C ASP A 65 -9.68 2.38 8.93
N GLN A 66 -10.13 1.19 9.34
CA GLN A 66 -9.74 0.56 10.61
C GLN A 66 -8.30 0.06 10.61
N ILE A 67 -7.85 -0.60 9.53
CA ILE A 67 -6.48 -1.14 9.44
C ILE A 67 -5.46 0.01 9.46
N LEU A 68 -5.74 1.09 8.74
CA LEU A 68 -4.97 2.34 8.78
C LEU A 68 -4.83 2.88 10.20
N LYS A 69 -5.94 2.92 10.95
CA LYS A 69 -6.03 3.47 12.30
C LYS A 69 -5.05 2.82 13.26
N GLU A 70 -4.98 1.48 13.27
CA GLU A 70 -3.99 0.74 14.05
C GLU A 70 -2.58 0.77 13.46
N ALA A 71 -2.43 0.75 12.13
CA ALA A 71 -1.12 0.65 11.49
C ALA A 71 -0.31 1.93 11.63
N LYS A 72 -0.93 3.12 11.52
CA LYS A 72 -0.31 4.40 11.81
C LYS A 72 -0.03 4.60 13.29
N LYS A 73 -0.89 4.08 14.17
CA LYS A 73 -0.68 4.15 15.63
C LYS A 73 0.59 3.39 16.03
N GLN A 74 0.77 2.21 15.45
CA GLN A 74 1.94 1.36 15.69
C GLN A 74 3.21 1.89 14.97
N ASN A 75 3.06 2.36 13.73
CA ASN A 75 4.15 2.83 12.87
C ASN A 75 3.80 4.20 12.23
N PRO A 76 4.13 5.34 12.86
CA PRO A 76 3.64 6.65 12.43
C PRO A 76 4.29 7.16 11.13
N SER A 77 5.54 6.77 10.87
CA SER A 77 6.36 7.20 9.72
C SER A 77 6.28 6.28 8.50
N ALA A 78 5.41 5.26 8.53
CA ALA A 78 5.24 4.25 7.47
C ALA A 78 4.46 4.72 6.23
N THR A 79 3.89 5.93 6.28
CA THR A 79 3.26 6.68 5.17
C THR A 79 2.23 5.87 4.37
N PHE A 80 0.97 6.05 4.75
CA PHE A 80 -0.20 5.37 4.19
C PHE A 80 -0.93 6.28 3.20
N VAL A 81 -1.31 5.76 2.04
CA VAL A 81 -2.04 6.52 1.00
C VAL A 81 -3.24 5.74 0.50
N ARG A 82 -4.43 6.30 0.75
CA ARG A 82 -5.73 5.64 0.54
C ARG A 82 -6.24 5.88 -0.89
N LEU A 83 -6.64 4.81 -1.55
CA LEU A 83 -7.13 4.77 -2.93
C LEU A 83 -8.56 4.23 -3.00
N GLU A 84 -9.40 4.93 -3.75
CA GLU A 84 -10.82 4.57 -3.94
C GLU A 84 -11.41 5.20 -5.22
N GLY A 85 -11.04 6.45 -5.53
CA GLY A 85 -11.50 7.19 -6.72
C GLY A 85 -10.71 6.91 -8.01
N VAL A 86 -9.60 6.16 -7.94
CA VAL A 86 -8.74 5.82 -9.09
C VAL A 86 -8.96 4.36 -9.53
N SER A 87 -8.97 4.14 -10.84
CA SER A 87 -9.05 2.79 -11.45
C SER A 87 -7.90 1.87 -11.00
N PRO A 88 -8.12 0.55 -10.89
CA PRO A 88 -7.12 -0.41 -10.41
C PRO A 88 -5.91 -0.58 -11.37
N ASP A 89 -6.08 -0.27 -12.66
CA ASP A 89 -4.96 -0.17 -13.61
C ASP A 89 -4.20 1.16 -13.51
N ASP A 90 -4.87 2.26 -13.14
CA ASP A 90 -4.24 3.57 -12.94
C ASP A 90 -3.48 3.66 -11.62
N LEU A 91 -3.89 2.87 -10.61
CA LEU A 91 -3.16 2.65 -9.36
C LEU A 91 -1.68 2.32 -9.61
N ARG A 92 -1.32 1.67 -10.72
CA ARG A 92 0.07 1.37 -11.08
C ARG A 92 0.92 2.64 -11.13
N ARG A 93 0.42 3.71 -11.73
CA ARG A 93 1.08 5.02 -11.79
C ARG A 93 1.28 5.62 -10.40
N GLN A 94 0.28 5.51 -9.53
CA GLN A 94 0.32 6.00 -8.15
C GLN A 94 1.31 5.22 -7.27
N VAL A 95 1.38 3.89 -7.43
CA VAL A 95 2.31 3.01 -6.71
C VAL A 95 3.75 3.20 -7.19
N GLU A 96 3.96 3.22 -8.50
CA GLU A 96 5.29 3.38 -9.08
C GLU A 96 5.86 4.79 -8.81
N ASP A 97 5.04 5.84 -8.82
CA ASP A 97 5.45 7.19 -8.41
C ASP A 97 5.93 7.24 -6.93
N VAL A 98 5.36 6.40 -6.05
CA VAL A 98 5.79 6.24 -4.65
C VAL A 98 7.12 5.47 -4.59
N TRP A 99 7.34 4.48 -5.46
CA TRP A 99 8.63 3.81 -5.59
C TRP A 99 9.73 4.76 -6.07
N ARG A 100 9.47 5.50 -7.16
CA ARG A 100 10.39 6.52 -7.71
C ARG A 100 10.70 7.64 -6.72
N GLY A 101 9.71 8.04 -5.93
CA GLY A 101 9.84 9.04 -4.86
C GLY A 101 10.88 8.69 -3.78
N SER A 102 11.19 7.40 -3.58
CA SER A 102 12.26 6.96 -2.67
C SER A 102 13.68 7.22 -3.19
N LEU A 103 13.85 7.34 -4.51
CA LEU A 103 15.14 7.57 -5.19
C LEU A 103 15.28 9.03 -5.64
N GLU A 104 14.24 9.60 -6.24
CA GLU A 104 14.21 10.94 -6.84
C GLU A 104 13.75 11.96 -5.79
N HIS A 105 14.70 12.69 -5.20
CA HIS A 105 14.47 13.59 -4.06
C HIS A 105 14.05 15.00 -4.51
N HIS A 106 13.06 15.57 -3.81
CA HIS A 106 12.51 16.92 -4.03
C HIS A 106 12.25 17.64 -2.69
N HIS A 107 12.22 18.97 -2.73
CA HIS A 107 12.04 19.85 -1.55
C HIS A 107 10.55 20.15 -1.21
N HIS A 108 9.61 19.53 -1.93
CA HIS A 108 8.17 19.79 -1.87
C HIS A 108 7.34 18.50 -1.98
N HIS A 109 6.11 18.54 -1.46
CA HIS A 109 5.18 17.42 -1.36
C HIS A 109 3.79 17.78 -1.96
N HIS A 110 3.81 18.46 -3.12
CA HIS A 110 2.67 19.10 -3.77
C HIS A 110 2.52 18.66 -5.24
N GLY A 1 10.76 -8.02 11.18
CA GLY A 1 10.88 -6.74 10.46
C GLY A 1 9.60 -5.94 10.52
N ASP A 2 9.69 -4.61 10.38
CA ASP A 2 8.54 -3.70 10.48
C ASP A 2 7.54 -3.90 9.32
N ALA A 3 8.05 -4.18 8.12
CA ALA A 3 7.25 -4.58 6.95
C ALA A 3 6.38 -5.82 7.22
N ASP A 4 6.94 -6.83 7.89
CA ASP A 4 6.24 -8.08 8.23
C ASP A 4 5.13 -7.87 9.27
N LYS A 5 5.35 -6.94 10.21
CA LYS A 5 4.33 -6.53 11.19
C LYS A 5 3.19 -5.80 10.50
N ILE A 6 3.51 -4.82 9.66
CA ILE A 6 2.49 -3.97 9.01
C ILE A 6 1.58 -4.77 8.08
N MET A 7 2.12 -5.78 7.39
CA MET A 7 1.30 -6.60 6.49
C MET A 7 0.32 -7.48 7.28
N GLU A 8 0.74 -7.97 8.44
CA GLU A 8 -0.11 -8.75 9.35
C GLU A 8 -1.13 -7.88 10.09
N GLN A 9 -0.85 -6.60 10.35
CA GLN A 9 -1.83 -5.65 10.91
C GLN A 9 -3.09 -5.52 10.04
N ALA A 10 -2.96 -5.69 8.72
CA ALA A 10 -4.11 -5.76 7.83
C ALA A 10 -4.88 -7.09 8.00
N LYS A 11 -4.17 -8.22 8.01
CA LYS A 11 -4.75 -9.57 8.07
C LYS A 11 -5.38 -9.90 9.43
N ARG A 12 -4.85 -9.32 10.51
CA ARG A 12 -5.37 -9.49 11.89
C ARG A 12 -6.75 -8.84 12.06
N GLN A 13 -7.00 -7.79 11.27
CA GLN A 13 -8.22 -7.00 11.25
C GLN A 13 -9.23 -7.56 10.23
N ASP A 14 -8.78 -7.85 9.01
CA ASP A 14 -9.56 -8.51 7.96
C ASP A 14 -8.71 -9.58 7.24
N PRO A 15 -8.90 -10.88 7.52
CA PRO A 15 -8.08 -11.96 6.94
C PRO A 15 -8.34 -12.16 5.45
N ASN A 16 -9.43 -11.61 4.92
CA ASN A 16 -9.78 -11.61 3.50
C ASN A 16 -8.93 -10.62 2.67
N ALA A 17 -8.36 -9.59 3.32
CA ALA A 17 -7.52 -8.58 2.67
C ALA A 17 -6.32 -9.22 1.96
N GLN A 18 -5.99 -8.71 0.79
CA GLN A 18 -4.81 -9.14 0.04
C GLN A 18 -3.66 -8.17 0.30
N VAL A 19 -2.49 -8.67 0.69
CA VAL A 19 -1.30 -7.85 0.97
C VAL A 19 -0.04 -8.43 0.33
N TYR A 20 0.77 -7.57 -0.31
CA TYR A 20 2.03 -7.94 -0.95
C TYR A 20 3.12 -6.89 -0.69
N LYS A 21 4.36 -7.33 -0.57
CA LYS A 21 5.54 -6.49 -0.35
C LYS A 21 6.51 -6.57 -1.53
N VAL A 22 6.88 -5.43 -2.07
CA VAL A 22 7.75 -5.30 -3.24
C VAL A 22 8.90 -4.33 -2.99
N THR A 23 10.03 -4.60 -3.63
CA THR A 23 11.27 -3.82 -3.52
C THR A 23 11.67 -3.12 -4.82
N THR A 24 10.95 -3.38 -5.92
CA THR A 24 11.28 -2.95 -7.30
C THR A 24 10.02 -2.57 -8.11
N PRO A 25 10.15 -1.78 -9.20
CA PRO A 25 9.03 -1.49 -10.11
C PRO A 25 8.57 -2.73 -10.90
N ASP A 26 9.50 -3.66 -11.19
CA ASP A 26 9.17 -4.91 -11.87
C ASP A 26 8.39 -5.87 -10.95
N GLU A 27 8.61 -5.80 -9.64
CA GLU A 27 7.80 -6.53 -8.65
C GLU A 27 6.43 -5.85 -8.42
N ILE A 28 6.35 -4.51 -8.47
CA ILE A 28 5.08 -3.76 -8.40
C ILE A 28 4.08 -4.25 -9.44
N GLU A 29 4.50 -4.42 -10.70
CA GLU A 29 3.62 -4.89 -11.78
C GLU A 29 3.02 -6.30 -11.56
N GLU A 30 3.56 -7.11 -10.63
CA GLU A 30 2.94 -8.37 -10.21
C GLU A 30 1.90 -8.17 -9.09
N ALA A 31 2.17 -7.26 -8.14
CA ALA A 31 1.28 -6.99 -7.01
C ALA A 31 -0.01 -6.29 -7.46
N VAL A 32 0.11 -5.24 -8.28
CA VAL A 32 -1.03 -4.51 -8.87
C VAL A 32 -1.89 -5.40 -9.77
N ARG A 33 -1.29 -6.38 -10.44
CA ARG A 33 -1.94 -7.28 -11.41
C ARG A 33 -2.95 -8.23 -10.74
N ARG A 34 -2.59 -8.77 -9.57
CA ARG A 34 -3.45 -9.67 -8.79
C ARG A 34 -4.38 -8.89 -7.87
N ILE A 35 -3.92 -7.75 -7.35
CA ILE A 35 -4.78 -6.82 -6.62
C ILE A 35 -5.84 -6.19 -7.52
N GLU A 36 -5.58 -5.98 -8.81
CA GLU A 36 -6.52 -5.30 -9.72
C GLU A 36 -7.96 -5.82 -9.60
N LYS A 37 -8.12 -7.14 -9.38
CA LYS A 37 -9.45 -7.76 -9.21
C LYS A 37 -10.16 -7.38 -7.90
N TYR A 38 -9.40 -7.30 -6.81
CA TYR A 38 -9.84 -7.02 -5.43
C TYR A 38 -9.87 -5.54 -5.06
N GLY A 39 -8.76 -4.86 -5.33
CA GLY A 39 -8.52 -3.41 -5.22
C GLY A 39 -9.47 -2.56 -6.08
N ALA A 40 -10.18 -3.20 -7.00
CA ALA A 40 -11.31 -2.60 -7.71
C ALA A 40 -12.35 -1.97 -6.73
N GLN A 41 -12.41 -2.45 -5.48
CA GLN A 41 -13.13 -1.85 -4.37
C GLN A 41 -12.30 -0.75 -3.71
N VAL A 42 -11.26 -1.13 -2.95
CA VAL A 42 -10.46 -0.24 -2.09
C VAL A 42 -9.02 -0.73 -2.00
N VAL A 43 -8.05 0.20 -2.07
CA VAL A 43 -6.60 -0.05 -2.00
C VAL A 43 -5.96 0.90 -1.00
N LEU A 44 -4.85 0.47 -0.41
CA LEU A 44 -3.94 1.27 0.40
C LEU A 44 -2.49 1.02 -0.05
N ILE A 45 -1.74 2.11 -0.26
CA ILE A 45 -0.30 2.09 -0.53
C ILE A 45 0.45 2.42 0.76
N ILE A 46 1.37 1.55 1.16
CA ILE A 46 2.24 1.72 2.32
C ILE A 46 3.70 1.82 1.89
N TYR A 47 4.44 2.81 2.42
CA TYR A 47 5.83 3.09 2.08
C TYR A 47 6.71 3.09 3.34
N THR A 48 7.45 1.99 3.52
CA THR A 48 8.26 1.70 4.71
C THR A 48 9.77 1.59 4.43
N SER A 49 10.59 1.97 5.41
CA SER A 49 12.07 2.02 5.30
C SER A 49 12.57 2.80 4.06
N SER A 50 13.73 2.44 3.50
CA SER A 50 14.45 3.21 2.46
C SER A 50 13.89 3.08 1.04
N GLY A 51 12.82 2.32 0.81
CA GLY A 51 12.26 2.07 -0.53
C GLY A 51 11.32 0.88 -0.68
N ILE A 52 11.10 0.09 0.38
CA ILE A 52 10.13 -1.01 0.37
C ILE A 52 8.70 -0.45 0.31
N VAL A 53 7.92 -0.94 -0.64
CA VAL A 53 6.51 -0.58 -0.82
C VAL A 53 5.67 -1.83 -0.52
N ILE A 54 4.61 -1.67 0.26
CA ILE A 54 3.66 -2.73 0.57
C ILE A 54 2.29 -2.29 0.04
N LEU A 55 1.67 -3.14 -0.78
CA LEU A 55 0.36 -2.89 -1.38
C LEU A 55 -0.67 -3.75 -0.67
N VAL A 56 -1.67 -3.11 -0.05
CA VAL A 56 -2.79 -3.81 0.60
C VAL A 56 -4.13 -3.43 -0.03
N ALA A 57 -5.03 -4.39 -0.19
CA ALA A 57 -6.35 -4.17 -0.75
C ALA A 57 -7.46 -4.91 -0.01
N VAL A 58 -8.64 -4.30 -0.01
CA VAL A 58 -9.82 -4.71 0.78
C VAL A 58 -11.12 -4.59 -0.03
N ARG A 59 -12.10 -5.43 0.31
CA ARG A 59 -13.44 -5.42 -0.30
C ARG A 59 -14.34 -4.29 0.21
N ASP A 60 -14.05 -3.75 1.40
CA ASP A 60 -14.84 -2.69 2.04
C ASP A 60 -13.94 -1.56 2.62
N PRO A 61 -14.33 -0.27 2.48
CA PRO A 61 -13.55 0.87 2.96
C PRO A 61 -13.47 0.95 4.50
N SER A 62 -14.42 0.35 5.21
CA SER A 62 -14.39 0.20 6.68
C SER A 62 -13.15 -0.54 7.16
N GLN A 63 -12.73 -1.60 6.46
CA GLN A 63 -11.52 -2.35 6.81
C GLN A 63 -10.25 -1.51 6.57
N ALA A 64 -10.15 -0.81 5.44
CA ALA A 64 -9.01 0.04 5.14
C ALA A 64 -8.82 1.13 6.20
N ASP A 65 -9.90 1.82 6.59
CA ASP A 65 -9.84 2.87 7.61
C ASP A 65 -9.45 2.33 8.99
N GLN A 66 -10.04 1.20 9.40
CA GLN A 66 -9.70 0.54 10.68
C GLN A 66 -8.26 0.01 10.72
N ILE A 67 -7.78 -0.59 9.62
CA ILE A 67 -6.41 -1.10 9.54
C ILE A 67 -5.42 0.08 9.57
N LEU A 68 -5.72 1.17 8.86
CA LEU A 68 -4.90 2.37 8.81
C LEU A 68 -4.76 3.02 10.19
N LYS A 69 -5.85 3.09 10.97
CA LYS A 69 -5.85 3.64 12.35
C LYS A 69 -4.78 2.97 13.23
N GLU A 70 -4.76 1.65 13.28
CA GLU A 70 -3.77 0.91 14.08
C GLU A 70 -2.37 0.89 13.47
N ALA A 71 -2.27 0.85 12.14
CA ALA A 71 -0.99 0.83 11.44
C ALA A 71 -0.25 2.17 11.58
N LYS A 72 -0.95 3.32 11.53
CA LYS A 72 -0.38 4.64 11.86
C LYS A 72 0.08 4.72 13.32
N LYS A 73 -0.73 4.20 14.26
CA LYS A 73 -0.42 4.23 15.70
C LYS A 73 0.83 3.42 16.04
N GLN A 74 1.00 2.26 15.40
CA GLN A 74 2.18 1.42 15.55
C GLN A 74 3.41 1.97 14.79
N ASN A 75 3.21 2.45 13.56
CA ASN A 75 4.26 2.95 12.66
C ASN A 75 3.85 4.28 12.00
N PRO A 76 4.21 5.45 12.56
CA PRO A 76 3.82 6.75 12.01
C PRO A 76 4.56 7.12 10.71
N SER A 77 5.78 6.58 10.51
CA SER A 77 6.64 6.83 9.35
C SER A 77 6.34 5.95 8.12
N ALA A 78 5.29 5.14 8.17
CA ALA A 78 4.91 4.16 7.14
C ALA A 78 4.12 4.73 5.94
N THR A 79 3.67 5.99 6.04
CA THR A 79 3.04 6.81 4.98
C THR A 79 1.97 6.07 4.16
N PHE A 80 0.72 6.24 4.59
CA PHE A 80 -0.47 5.55 4.05
C PHE A 80 -1.18 6.40 3.00
N VAL A 81 -1.57 5.79 1.87
CA VAL A 81 -2.35 6.47 0.81
C VAL A 81 -3.55 5.63 0.39
N ARG A 82 -4.76 6.10 0.69
CA ARG A 82 -6.03 5.42 0.36
C ARG A 82 -6.45 5.67 -1.09
N LEU A 83 -6.79 4.60 -1.80
CA LEU A 83 -7.15 4.58 -3.21
C LEU A 83 -8.57 4.04 -3.42
N GLU A 84 -9.37 4.82 -4.14
CA GLU A 84 -10.79 4.57 -4.45
C GLU A 84 -11.21 5.25 -5.77
N GLY A 85 -10.86 6.53 -5.94
CA GLY A 85 -11.23 7.34 -7.11
C GLY A 85 -10.39 7.09 -8.39
N VAL A 86 -9.25 6.39 -8.26
CA VAL A 86 -8.39 5.99 -9.38
C VAL A 86 -8.67 4.54 -9.78
N SER A 87 -8.71 4.26 -11.08
CA SER A 87 -8.86 2.92 -11.64
C SER A 87 -7.77 1.94 -11.16
N PRO A 88 -8.07 0.64 -10.99
CA PRO A 88 -7.14 -0.37 -10.49
C PRO A 88 -5.93 -0.61 -11.42
N ASP A 89 -6.07 -0.31 -12.72
CA ASP A 89 -4.94 -0.28 -13.66
C ASP A 89 -4.10 1.02 -13.55
N ASP A 90 -4.72 2.16 -13.25
CA ASP A 90 -4.04 3.46 -13.10
C ASP A 90 -3.28 3.57 -11.77
N LEU A 91 -3.70 2.79 -10.77
CA LEU A 91 -2.98 2.58 -9.50
C LEU A 91 -1.49 2.30 -9.72
N ARG A 92 -1.10 1.66 -10.84
CA ARG A 92 0.31 1.43 -11.21
C ARG A 92 1.14 2.71 -11.20
N ARG A 93 0.60 3.79 -11.75
CA ARG A 93 1.24 5.13 -11.78
C ARG A 93 1.38 5.71 -10.37
N GLN A 94 0.35 5.57 -9.54
CA GLN A 94 0.34 6.06 -8.16
C GLN A 94 1.31 5.28 -7.25
N VAL A 95 1.41 3.96 -7.43
CA VAL A 95 2.34 3.08 -6.70
C VAL A 95 3.78 3.33 -7.15
N GLU A 96 4.02 3.37 -8.46
CA GLU A 96 5.37 3.61 -8.96
C GLU A 96 5.85 5.02 -8.60
N ASP A 97 5.01 6.06 -8.62
CA ASP A 97 5.42 7.41 -8.17
C ASP A 97 5.89 7.43 -6.71
N VAL A 98 5.32 6.58 -5.84
CA VAL A 98 5.81 6.35 -4.47
C VAL A 98 7.15 5.59 -4.48
N TRP A 99 7.33 4.61 -5.36
CA TRP A 99 8.60 3.88 -5.51
C TRP A 99 9.74 4.79 -6.02
N ARG A 100 9.52 5.54 -7.11
CA ARG A 100 10.48 6.50 -7.67
C ARG A 100 10.79 7.62 -6.68
N GLY A 101 9.76 8.10 -5.97
CA GLY A 101 9.85 9.14 -4.94
C GLY A 101 10.72 8.76 -3.74
N SER A 102 10.86 7.47 -3.42
CA SER A 102 11.73 7.00 -2.32
C SER A 102 13.23 7.24 -2.58
N LEU A 103 13.64 7.30 -3.85
CA LEU A 103 15.04 7.40 -4.28
C LEU A 103 15.53 8.86 -4.39
N GLU A 104 14.61 9.81 -4.49
CA GLU A 104 14.87 11.25 -4.68
C GLU A 104 14.65 12.06 -3.39
N HIS A 105 15.45 13.10 -3.16
CA HIS A 105 15.36 13.97 -1.98
C HIS A 105 14.56 15.26 -2.27
N HIS A 106 13.70 15.65 -1.32
CA HIS A 106 12.92 16.89 -1.35
C HIS A 106 12.56 17.38 0.07
N HIS A 107 11.82 18.49 0.17
CA HIS A 107 11.30 19.06 1.41
C HIS A 107 9.75 19.19 1.36
N HIS A 108 9.14 19.67 2.44
CA HIS A 108 7.72 20.05 2.54
C HIS A 108 6.71 18.93 2.19
N HIS A 109 7.01 17.69 2.61
CA HIS A 109 6.15 16.52 2.39
C HIS A 109 4.80 16.62 3.13
N HIS A 110 4.78 17.27 4.31
CA HIS A 110 3.60 17.52 5.15
C HIS A 110 3.57 18.99 5.61
N GLY A 1 10.63 -7.80 10.79
CA GLY A 1 10.80 -6.34 10.91
C GLY A 1 9.50 -5.59 10.71
N ASP A 2 9.59 -4.27 10.54
CA ASP A 2 8.44 -3.35 10.49
C ASP A 2 7.47 -3.69 9.34
N ALA A 3 8.01 -4.00 8.15
CA ALA A 3 7.25 -4.43 6.98
C ALA A 3 6.42 -5.70 7.24
N ASP A 4 7.03 -6.69 7.90
CA ASP A 4 6.39 -7.97 8.22
C ASP A 4 5.30 -7.84 9.28
N LYS A 5 5.44 -6.87 10.20
CA LYS A 5 4.39 -6.54 11.16
C LYS A 5 3.22 -5.85 10.48
N ILE A 6 3.51 -4.86 9.64
CA ILE A 6 2.46 -4.03 9.04
C ILE A 6 1.54 -4.84 8.11
N MET A 7 2.09 -5.84 7.42
CA MET A 7 1.29 -6.68 6.53
C MET A 7 0.31 -7.55 7.33
N GLU A 8 0.74 -8.02 8.50
CA GLU A 8 -0.10 -8.80 9.44
C GLU A 8 -1.17 -7.92 10.10
N GLN A 9 -0.92 -6.63 10.30
CA GLN A 9 -1.92 -5.70 10.88
C GLN A 9 -3.17 -5.56 10.01
N ALA A 10 -3.05 -5.78 8.69
CA ALA A 10 -4.21 -5.89 7.81
C ALA A 10 -4.93 -7.23 7.99
N LYS A 11 -4.18 -8.34 8.02
CA LYS A 11 -4.73 -9.70 8.07
C LYS A 11 -5.32 -10.07 9.43
N ARG A 12 -4.84 -9.47 10.53
CA ARG A 12 -5.37 -9.63 11.89
C ARG A 12 -6.78 -9.03 12.01
N GLN A 13 -7.06 -7.98 11.24
CA GLN A 13 -8.32 -7.24 11.20
C GLN A 13 -9.29 -7.88 10.21
N ASP A 14 -8.81 -8.17 9.01
CA ASP A 14 -9.59 -8.78 7.94
C ASP A 14 -8.69 -9.76 7.14
N PRO A 15 -8.80 -11.09 7.37
CA PRO A 15 -7.89 -12.07 6.79
C PRO A 15 -8.08 -12.26 5.28
N ASN A 16 -9.21 -11.80 4.73
CA ASN A 16 -9.50 -11.75 3.32
C ASN A 16 -8.85 -10.55 2.59
N ALA A 17 -8.36 -9.52 3.32
CA ALA A 17 -7.56 -8.45 2.73
C ALA A 17 -6.31 -9.00 2.05
N GLN A 18 -6.04 -8.55 0.83
CA GLN A 18 -4.87 -8.97 0.07
C GLN A 18 -3.75 -7.96 0.29
N VAL A 19 -2.59 -8.44 0.76
CA VAL A 19 -1.41 -7.61 1.03
C VAL A 19 -0.13 -8.22 0.46
N TYR A 20 0.68 -7.39 -0.21
CA TYR A 20 1.94 -7.79 -0.83
C TYR A 20 3.04 -6.75 -0.60
N LYS A 21 4.30 -7.21 -0.47
CA LYS A 21 5.47 -6.37 -0.25
C LYS A 21 6.46 -6.49 -1.39
N VAL A 22 6.85 -5.36 -1.97
CA VAL A 22 7.77 -5.26 -3.10
C VAL A 22 8.90 -4.26 -2.84
N THR A 23 10.01 -4.48 -3.51
CA THR A 23 11.25 -3.69 -3.40
C THR A 23 11.66 -3.04 -4.73
N THR A 24 11.00 -3.38 -5.84
CA THR A 24 11.35 -2.97 -7.22
C THR A 24 10.11 -2.62 -8.08
N PRO A 25 10.26 -1.85 -9.17
CA PRO A 25 9.16 -1.61 -10.12
C PRO A 25 8.74 -2.89 -10.89
N ASP A 26 9.68 -3.82 -11.10
CA ASP A 26 9.41 -5.09 -11.76
C ASP A 26 8.59 -6.04 -10.85
N GLU A 27 8.71 -5.91 -9.53
CA GLU A 27 7.84 -6.60 -8.57
C GLU A 27 6.46 -5.91 -8.45
N ILE A 28 6.40 -4.58 -8.53
CA ILE A 28 5.15 -3.81 -8.46
C ILE A 28 4.13 -4.28 -9.50
N GLU A 29 4.54 -4.45 -10.76
CA GLU A 29 3.67 -4.93 -11.84
C GLU A 29 3.05 -6.33 -11.59
N GLU A 30 3.56 -7.13 -10.65
CA GLU A 30 2.90 -8.36 -10.19
C GLU A 30 1.90 -8.09 -9.06
N ALA A 31 2.23 -7.22 -8.10
CA ALA A 31 1.37 -6.87 -6.96
C ALA A 31 0.07 -6.20 -7.42
N VAL A 32 0.18 -5.20 -8.30
CA VAL A 32 -0.97 -4.52 -8.93
C VAL A 32 -1.83 -5.45 -9.79
N ARG A 33 -1.21 -6.46 -10.41
CA ARG A 33 -1.87 -7.40 -11.35
C ARG A 33 -2.79 -8.41 -10.66
N ARG A 34 -2.44 -8.85 -9.45
CA ARG A 34 -3.24 -9.73 -8.60
C ARG A 34 -4.21 -8.95 -7.72
N ILE A 35 -3.80 -7.76 -7.27
CA ILE A 35 -4.70 -6.83 -6.58
C ILE A 35 -5.75 -6.27 -7.52
N GLU A 36 -5.49 -6.13 -8.82
CA GLU A 36 -6.42 -5.51 -9.78
C GLU A 36 -7.86 -6.05 -9.65
N LYS A 37 -8.01 -7.34 -9.33
CA LYS A 37 -9.34 -7.96 -9.13
C LYS A 37 -10.05 -7.49 -7.85
N TYR A 38 -9.29 -7.34 -6.76
CA TYR A 38 -9.74 -7.02 -5.40
C TYR A 38 -9.76 -5.51 -5.07
N GLY A 39 -8.66 -4.83 -5.38
CA GLY A 39 -8.47 -3.37 -5.31
C GLY A 39 -9.41 -2.58 -6.24
N ALA A 40 -10.16 -3.28 -7.08
CA ALA A 40 -11.27 -2.71 -7.83
C ALA A 40 -12.31 -2.00 -6.93
N GLN A 41 -12.37 -2.33 -5.62
CA GLN A 41 -13.18 -1.61 -4.63
C GLN A 41 -12.40 -0.55 -3.84
N VAL A 42 -11.40 -0.94 -3.03
CA VAL A 42 -10.64 -0.06 -2.13
C VAL A 42 -9.18 -0.54 -2.02
N VAL A 43 -8.25 0.42 -1.97
CA VAL A 43 -6.79 0.20 -1.97
C VAL A 43 -6.11 1.15 -1.00
N LEU A 44 -4.97 0.72 -0.45
CA LEU A 44 -4.03 1.50 0.33
C LEU A 44 -2.59 1.22 -0.11
N ILE A 45 -1.80 2.28 -0.30
CA ILE A 45 -0.35 2.21 -0.55
C ILE A 45 0.40 2.56 0.74
N ILE A 46 1.30 1.68 1.17
CA ILE A 46 2.16 1.86 2.34
C ILE A 46 3.63 1.96 1.91
N TYR A 47 4.36 2.94 2.45
CA TYR A 47 5.73 3.30 2.07
C TYR A 47 6.65 3.31 3.31
N THR A 48 7.36 2.20 3.52
CA THR A 48 8.17 1.93 4.71
C THR A 48 9.68 1.83 4.42
N SER A 49 10.51 2.28 5.37
CA SER A 49 11.98 2.28 5.29
C SER A 49 12.52 2.97 4.01
N SER A 50 13.69 2.56 3.52
CA SER A 50 14.46 3.23 2.45
C SER A 50 13.90 3.07 1.02
N GLY A 51 12.85 2.27 0.81
CA GLY A 51 12.28 2.01 -0.51
C GLY A 51 11.33 0.81 -0.65
N ILE A 52 11.03 0.10 0.44
CA ILE A 52 10.04 -0.97 0.45
C ILE A 52 8.63 -0.37 0.35
N VAL A 53 7.87 -0.85 -0.63
CA VAL A 53 6.47 -0.48 -0.84
C VAL A 53 5.61 -1.70 -0.53
N ILE A 54 4.59 -1.53 0.30
CA ILE A 54 3.62 -2.57 0.64
C ILE A 54 2.27 -2.13 0.11
N LEU A 55 1.63 -2.99 -0.67
CA LEU A 55 0.36 -2.73 -1.35
C LEU A 55 -0.72 -3.56 -0.68
N VAL A 56 -1.73 -2.91 -0.10
CA VAL A 56 -2.88 -3.58 0.53
C VAL A 56 -4.20 -3.21 -0.14
N ALA A 57 -5.09 -4.18 -0.30
CA ALA A 57 -6.42 -3.95 -0.87
C ALA A 57 -7.52 -4.71 -0.12
N VAL A 58 -8.72 -4.13 -0.16
CA VAL A 58 -9.90 -4.52 0.62
C VAL A 58 -11.20 -4.35 -0.17
N ARG A 59 -12.22 -5.16 0.16
CA ARG A 59 -13.57 -5.08 -0.42
C ARG A 59 -14.51 -4.07 0.27
N ASP A 60 -14.08 -3.46 1.39
CA ASP A 60 -14.84 -2.42 2.11
C ASP A 60 -13.93 -1.25 2.57
N PRO A 61 -14.43 0.00 2.61
CA PRO A 61 -13.67 1.17 3.06
C PRO A 61 -13.48 1.20 4.59
N SER A 62 -14.40 0.61 5.35
CA SER A 62 -14.31 0.46 6.81
C SER A 62 -13.11 -0.39 7.24
N GLN A 63 -12.80 -1.44 6.47
CA GLN A 63 -11.63 -2.30 6.68
C GLN A 63 -10.33 -1.51 6.50
N ALA A 64 -10.19 -0.77 5.41
CA ALA A 64 -9.01 0.07 5.15
C ALA A 64 -8.81 1.11 6.26
N ASP A 65 -9.88 1.82 6.64
CA ASP A 65 -9.82 2.86 7.68
C ASP A 65 -9.38 2.28 9.03
N GLN A 66 -10.01 1.17 9.46
CA GLN A 66 -9.69 0.52 10.72
C GLN A 66 -8.27 -0.08 10.74
N ILE A 67 -7.81 -0.66 9.62
CA ILE A 67 -6.47 -1.22 9.54
C ILE A 67 -5.42 -0.10 9.65
N LEU A 68 -5.64 1.01 8.94
CA LEU A 68 -4.70 2.15 8.92
C LEU A 68 -4.62 2.81 10.29
N LYS A 69 -5.75 2.92 10.99
CA LYS A 69 -5.84 3.45 12.36
C LYS A 69 -4.96 2.72 13.37
N GLU A 70 -4.73 1.40 13.21
CA GLU A 70 -3.72 0.68 14.00
C GLU A 70 -2.32 0.74 13.39
N ALA A 71 -2.21 0.64 12.07
CA ALA A 71 -0.90 0.59 11.41
C ALA A 71 -0.11 1.89 11.56
N LYS A 72 -0.77 3.06 11.50
CA LYS A 72 -0.23 4.38 11.78
C LYS A 72 0.15 4.55 13.25
N LYS A 73 -0.69 4.01 14.15
CA LYS A 73 -0.48 4.07 15.60
C LYS A 73 0.79 3.33 16.00
N GLN A 74 0.98 2.14 15.40
CA GLN A 74 2.15 1.29 15.62
C GLN A 74 3.41 1.80 14.88
N ASN A 75 3.25 2.25 13.63
CA ASN A 75 4.33 2.67 12.74
C ASN A 75 4.02 4.04 12.10
N PRO A 76 4.41 5.17 12.71
CA PRO A 76 4.07 6.51 12.22
C PRO A 76 4.84 6.89 10.93
N SER A 77 6.02 6.32 10.72
CA SER A 77 6.90 6.59 9.56
C SER A 77 6.58 5.76 8.30
N ALA A 78 5.49 4.97 8.32
CA ALA A 78 5.11 4.03 7.27
C ALA A 78 4.26 4.63 6.13
N THR A 79 3.79 5.87 6.29
CA THR A 79 3.14 6.73 5.27
C THR A 79 2.06 6.03 4.42
N PHE A 80 0.82 6.19 4.84
CA PHE A 80 -0.37 5.53 4.29
C PHE A 80 -1.06 6.43 3.26
N VAL A 81 -1.41 5.88 2.09
CA VAL A 81 -2.09 6.62 1.01
C VAL A 81 -3.30 5.84 0.53
N ARG A 82 -4.49 6.27 0.97
CA ARG A 82 -5.78 5.68 0.58
C ARG A 82 -6.11 6.03 -0.87
N LEU A 83 -6.64 5.04 -1.60
CA LEU A 83 -7.04 5.18 -3.00
C LEU A 83 -8.55 5.34 -3.16
N GLU A 84 -8.96 6.26 -4.02
CA GLU A 84 -10.37 6.58 -4.31
C GLU A 84 -10.51 7.14 -5.74
N GLY A 85 -11.31 6.46 -6.57
CA GLY A 85 -11.73 6.92 -7.90
C GLY A 85 -10.73 6.65 -9.04
N VAL A 86 -9.51 6.22 -8.71
CA VAL A 86 -8.50 5.76 -9.68
C VAL A 86 -8.77 4.29 -10.03
N SER A 87 -8.75 3.96 -11.32
CA SER A 87 -8.92 2.59 -11.82
C SER A 87 -7.83 1.63 -11.30
N PRO A 88 -8.12 0.32 -11.16
CA PRO A 88 -7.18 -0.67 -10.64
C PRO A 88 -5.94 -0.86 -11.53
N ASP A 89 -6.05 -0.57 -12.84
CA ASP A 89 -4.90 -0.50 -13.76
C ASP A 89 -4.13 0.84 -13.67
N ASP A 90 -4.81 1.95 -13.35
CA ASP A 90 -4.22 3.28 -13.20
C ASP A 90 -3.46 3.42 -11.87
N LEU A 91 -3.83 2.64 -10.85
CA LEU A 91 -3.12 2.46 -9.58
C LEU A 91 -1.60 2.23 -9.78
N ARG A 92 -1.19 1.60 -10.90
CA ARG A 92 0.23 1.41 -11.25
C ARG A 92 1.01 2.73 -11.23
N ARG A 93 0.41 3.80 -11.75
CA ARG A 93 1.00 5.15 -11.79
C ARG A 93 1.21 5.70 -10.37
N GLN A 94 0.22 5.54 -9.49
CA GLN A 94 0.29 5.96 -8.09
C GLN A 94 1.34 5.16 -7.29
N VAL A 95 1.42 3.85 -7.50
CA VAL A 95 2.38 2.97 -6.80
C VAL A 95 3.81 3.22 -7.28
N GLU A 96 4.02 3.29 -8.59
CA GLU A 96 5.35 3.51 -9.15
C GLU A 96 5.86 4.93 -8.84
N ASP A 97 5.03 5.97 -8.87
CA ASP A 97 5.42 7.32 -8.43
C ASP A 97 5.87 7.37 -6.95
N VAL A 98 5.31 6.52 -6.09
CA VAL A 98 5.76 6.32 -4.70
C VAL A 98 7.09 5.56 -4.65
N TRP A 99 7.29 4.56 -5.52
CA TRP A 99 8.56 3.85 -5.63
C TRP A 99 9.70 4.78 -6.11
N ARG A 100 9.45 5.59 -7.13
CA ARG A 100 10.39 6.62 -7.64
C ARG A 100 10.63 7.72 -6.61
N GLY A 101 9.57 8.13 -5.89
CA GLY A 101 9.62 9.05 -4.75
C GLY A 101 10.42 8.54 -3.54
N SER A 102 10.72 7.24 -3.46
CA SER A 102 11.65 6.67 -2.49
C SER A 102 13.12 7.01 -2.80
N LEU A 103 13.46 7.12 -4.09
CA LEU A 103 14.82 7.36 -4.57
C LEU A 103 15.10 8.85 -4.83
N GLU A 104 14.13 9.56 -5.43
CA GLU A 104 14.25 10.96 -5.82
C GLU A 104 13.55 11.92 -4.83
N HIS A 105 14.12 13.10 -4.62
CA HIS A 105 13.64 14.13 -3.68
C HIS A 105 12.49 15.01 -4.23
N HIS A 106 11.87 14.61 -5.35
CA HIS A 106 10.91 15.41 -6.11
C HIS A 106 9.58 15.65 -5.36
N HIS A 107 8.97 16.83 -5.57
CA HIS A 107 7.73 17.24 -4.93
C HIS A 107 6.53 16.37 -5.35
N HIS A 108 5.65 16.06 -4.40
CA HIS A 108 4.44 15.26 -4.64
C HIS A 108 3.26 16.13 -5.09
N HIS A 109 2.39 15.59 -5.96
CA HIS A 109 1.27 16.33 -6.57
C HIS A 109 0.04 16.47 -5.65
N HIS A 110 -0.12 15.56 -4.68
CA HIS A 110 -1.23 15.49 -3.72
C HIS A 110 -0.83 14.80 -2.40
N GLY A 1 10.44 -8.03 10.86
CA GLY A 1 10.67 -6.58 10.96
C GLY A 1 9.38 -5.79 10.77
N ASP A 2 9.50 -4.46 10.62
CA ASP A 2 8.36 -3.53 10.57
C ASP A 2 7.44 -3.80 9.37
N ALA A 3 8.00 -4.11 8.20
CA ALA A 3 7.27 -4.49 6.99
C ALA A 3 6.38 -5.74 7.22
N ASP A 4 6.91 -6.74 7.92
CA ASP A 4 6.19 -7.99 8.23
C ASP A 4 5.05 -7.77 9.25
N LYS A 5 5.26 -6.86 10.21
CA LYS A 5 4.23 -6.45 11.18
C LYS A 5 3.09 -5.73 10.47
N ILE A 6 3.42 -4.76 9.62
CA ILE A 6 2.43 -3.91 8.95
C ILE A 6 1.53 -4.72 8.00
N MET A 7 2.09 -5.72 7.32
CA MET A 7 1.30 -6.54 6.40
C MET A 7 0.34 -7.45 7.16
N GLU A 8 0.76 -7.95 8.33
CA GLU A 8 -0.07 -8.77 9.20
C GLU A 8 -1.13 -7.94 9.94
N GLN A 9 -0.90 -6.65 10.22
CA GLN A 9 -1.92 -5.76 10.81
C GLN A 9 -3.18 -5.64 9.94
N ALA A 10 -3.03 -5.73 8.62
CA ALA A 10 -4.19 -5.81 7.73
C ALA A 10 -4.92 -7.15 7.87
N LYS A 11 -4.18 -8.26 7.89
CA LYS A 11 -4.72 -9.62 7.98
C LYS A 11 -5.32 -9.95 9.34
N ARG A 12 -4.86 -9.31 10.42
CA ARG A 12 -5.42 -9.46 11.79
C ARG A 12 -6.84 -8.90 11.87
N GLN A 13 -7.12 -7.85 11.07
CA GLN A 13 -8.38 -7.11 11.04
C GLN A 13 -9.34 -7.71 9.99
N ASP A 14 -8.82 -8.05 8.82
CA ASP A 14 -9.54 -8.71 7.73
C ASP A 14 -8.62 -9.74 7.04
N PRO A 15 -8.75 -11.06 7.35
CA PRO A 15 -7.82 -12.08 6.84
C PRO A 15 -7.96 -12.31 5.33
N ASN A 16 -9.07 -11.87 4.72
CA ASN A 16 -9.28 -11.86 3.28
C ASN A 16 -8.61 -10.68 2.56
N ALA A 17 -8.11 -9.66 3.27
CA ALA A 17 -7.32 -8.57 2.69
C ALA A 17 -6.09 -9.12 1.97
N GLN A 18 -5.86 -8.65 0.75
CA GLN A 18 -4.73 -9.06 -0.07
C GLN A 18 -3.58 -8.08 0.15
N VAL A 19 -2.43 -8.59 0.59
CA VAL A 19 -1.24 -7.76 0.88
C VAL A 19 0.04 -8.36 0.29
N TYR A 20 0.86 -7.51 -0.35
CA TYR A 20 2.11 -7.89 -1.00
C TYR A 20 3.21 -6.85 -0.76
N LYS A 21 4.46 -7.31 -0.67
CA LYS A 21 5.65 -6.47 -0.44
C LYS A 21 6.61 -6.57 -1.63
N VAL A 22 6.98 -5.41 -2.17
CA VAL A 22 7.83 -5.27 -3.36
C VAL A 22 8.97 -4.28 -3.14
N THR A 23 10.09 -4.53 -3.81
CA THR A 23 11.30 -3.71 -3.72
C THR A 23 11.68 -3.04 -5.04
N THR A 24 10.96 -3.33 -6.14
CA THR A 24 11.26 -2.92 -7.52
C THR A 24 10.00 -2.56 -8.32
N PRO A 25 10.10 -1.77 -9.42
CA PRO A 25 8.97 -1.47 -10.30
C PRO A 25 8.47 -2.70 -11.08
N ASP A 26 9.37 -3.65 -11.37
CA ASP A 26 8.99 -4.90 -12.03
C ASP A 26 8.21 -5.83 -11.08
N GLU A 27 8.55 -5.84 -9.79
CA GLU A 27 7.81 -6.56 -8.75
C GLU A 27 6.44 -5.89 -8.47
N ILE A 28 6.36 -4.55 -8.54
CA ILE A 28 5.09 -3.80 -8.43
C ILE A 28 4.06 -4.34 -9.43
N GLU A 29 4.45 -4.54 -10.70
CA GLU A 29 3.57 -5.06 -11.75
C GLU A 29 2.91 -6.41 -11.39
N GLU A 30 3.51 -7.25 -10.53
CA GLU A 30 2.84 -8.46 -10.04
C GLU A 30 1.80 -8.14 -8.95
N ALA A 31 2.14 -7.27 -7.98
CA ALA A 31 1.27 -6.92 -6.86
C ALA A 31 -0.02 -6.25 -7.34
N VAL A 32 0.10 -5.23 -8.19
CA VAL A 32 -1.03 -4.52 -8.79
C VAL A 32 -1.92 -5.41 -9.66
N ARG A 33 -1.32 -6.42 -10.31
CA ARG A 33 -1.98 -7.33 -11.27
C ARG A 33 -2.88 -8.38 -10.61
N ARG A 34 -2.51 -8.84 -9.42
CA ARG A 34 -3.31 -9.75 -8.59
C ARG A 34 -4.25 -9.01 -7.65
N ILE A 35 -3.81 -7.83 -7.18
CA ILE A 35 -4.69 -6.91 -6.45
C ILE A 35 -5.75 -6.33 -7.36
N GLU A 36 -5.51 -6.17 -8.66
CA GLU A 36 -6.43 -5.54 -9.63
C GLU A 36 -7.88 -5.97 -9.40
N LYS A 37 -8.09 -7.27 -9.16
CA LYS A 37 -9.43 -7.85 -8.99
C LYS A 37 -10.12 -7.39 -7.69
N TYR A 38 -9.34 -7.31 -6.61
CA TYR A 38 -9.75 -6.96 -5.25
C TYR A 38 -9.75 -5.45 -4.95
N GLY A 39 -8.63 -4.79 -5.26
CA GLY A 39 -8.39 -3.34 -5.20
C GLY A 39 -9.31 -2.54 -6.11
N ALA A 40 -10.05 -3.21 -7.00
CA ALA A 40 -11.16 -2.61 -7.74
C ALA A 40 -12.19 -1.92 -6.80
N GLN A 41 -12.27 -2.33 -5.53
CA GLN A 41 -13.04 -1.62 -4.50
C GLN A 41 -12.20 -0.55 -3.77
N VAL A 42 -11.20 -0.95 -2.97
CA VAL A 42 -10.43 -0.06 -2.07
C VAL A 42 -8.99 -0.55 -1.92
N VAL A 43 -8.02 0.36 -1.92
CA VAL A 43 -6.57 0.10 -1.87
C VAL A 43 -5.87 1.05 -0.89
N LEU A 44 -4.75 0.60 -0.31
CA LEU A 44 -3.81 1.38 0.47
C LEU A 44 -2.37 1.07 0.02
N ILE A 45 -1.57 2.12 -0.17
CA ILE A 45 -0.14 2.05 -0.51
C ILE A 45 0.66 2.41 0.74
N ILE A 46 1.57 1.54 1.18
CA ILE A 46 2.41 1.73 2.36
C ILE A 46 3.89 1.82 1.96
N TYR A 47 4.60 2.85 2.43
CA TYR A 47 5.99 3.14 2.06
C TYR A 47 6.92 3.16 3.30
N THR A 48 7.61 2.04 3.51
CA THR A 48 8.47 1.78 4.68
C THR A 48 9.96 1.66 4.33
N SER A 49 10.83 2.12 5.23
CA SER A 49 12.30 2.16 5.05
C SER A 49 12.72 2.89 3.75
N SER A 50 13.91 2.62 3.23
CA SER A 50 14.57 3.35 2.12
C SER A 50 14.00 3.11 0.72
N GLY A 51 12.99 2.25 0.56
CA GLY A 51 12.42 1.93 -0.76
C GLY A 51 11.44 0.74 -0.84
N ILE A 52 11.20 0.03 0.27
CA ILE A 52 10.22 -1.06 0.30
C ILE A 52 8.80 -0.49 0.26
N VAL A 53 8.02 -0.94 -0.72
CA VAL A 53 6.61 -0.58 -0.88
C VAL A 53 5.77 -1.82 -0.59
N ILE A 54 4.73 -1.66 0.22
CA ILE A 54 3.77 -2.72 0.54
C ILE A 54 2.41 -2.27 0.00
N LEU A 55 1.79 -3.10 -0.83
CA LEU A 55 0.47 -2.84 -1.42
C LEU A 55 -0.56 -3.68 -0.67
N VAL A 56 -1.55 -3.03 -0.08
CA VAL A 56 -2.69 -3.72 0.58
C VAL A 56 -4.02 -3.32 -0.05
N ALA A 57 -4.93 -4.28 -0.22
CA ALA A 57 -6.27 -4.02 -0.75
C ALA A 57 -7.37 -4.77 0.00
N VAL A 58 -8.56 -4.17 -0.01
CA VAL A 58 -9.72 -4.55 0.80
C VAL A 58 -11.04 -4.44 0.02
N ARG A 59 -12.03 -5.25 0.41
CA ARG A 59 -13.39 -5.26 -0.15
C ARG A 59 -14.35 -4.24 0.46
N ASP A 60 -13.95 -3.55 1.53
CA ASP A 60 -14.76 -2.53 2.21
C ASP A 60 -13.94 -1.25 2.50
N PRO A 61 -14.55 -0.04 2.43
CA PRO A 61 -13.89 1.20 2.80
C PRO A 61 -13.63 1.32 4.31
N SER A 62 -14.48 0.68 5.12
CA SER A 62 -14.37 0.59 6.58
C SER A 62 -13.17 -0.25 7.02
N GLN A 63 -12.85 -1.34 6.30
CA GLN A 63 -11.66 -2.15 6.53
C GLN A 63 -10.37 -1.34 6.34
N ALA A 64 -10.27 -0.55 5.26
CA ALA A 64 -9.11 0.30 5.04
C ALA A 64 -8.99 1.37 6.14
N ASP A 65 -10.09 2.00 6.53
CA ASP A 65 -10.11 2.98 7.63
C ASP A 65 -9.64 2.36 8.96
N GLN A 66 -10.18 1.19 9.32
CA GLN A 66 -9.83 0.50 10.55
C GLN A 66 -8.39 -0.02 10.56
N ILE A 67 -7.93 -0.61 9.44
CA ILE A 67 -6.57 -1.14 9.34
C ILE A 67 -5.56 0.02 9.39
N LEU A 68 -5.84 1.13 8.70
CA LEU A 68 -5.03 2.36 8.75
C LEU A 68 -4.92 2.89 10.18
N LYS A 69 -6.06 2.99 10.88
CA LYS A 69 -6.16 3.55 12.22
C LYS A 69 -5.23 2.86 13.21
N GLU A 70 -5.16 1.52 13.19
CA GLU A 70 -4.21 0.78 14.00
C GLU A 70 -2.76 0.83 13.46
N ALA A 71 -2.58 0.76 12.14
CA ALA A 71 -1.26 0.67 11.53
C ALA A 71 -0.46 1.98 11.64
N LYS A 72 -1.11 3.15 11.55
CA LYS A 72 -0.53 4.46 11.76
C LYS A 72 -0.17 4.70 13.22
N LYS A 73 -1.04 4.26 14.14
CA LYS A 73 -0.81 4.41 15.59
C LYS A 73 0.35 3.53 16.08
N GLN A 74 0.50 2.33 15.52
CA GLN A 74 1.64 1.43 15.79
C GLN A 74 2.92 1.88 15.06
N ASN A 75 2.81 2.42 13.83
CA ASN A 75 3.95 2.77 12.97
C ASN A 75 3.75 4.18 12.35
N PRO A 76 4.16 5.27 13.04
CA PRO A 76 3.82 6.64 12.63
C PRO A 76 4.61 7.15 11.40
N SER A 77 5.79 6.59 11.12
CA SER A 77 6.67 6.97 10.00
C SER A 77 6.44 6.14 8.72
N ALA A 78 5.53 5.15 8.76
CA ALA A 78 5.35 4.14 7.72
C ALA A 78 4.62 4.60 6.44
N THR A 79 4.08 5.83 6.44
CA THR A 79 3.50 6.55 5.28
C THR A 79 2.47 5.75 4.47
N PHE A 80 1.19 6.02 4.78
CA PHE A 80 0.03 5.36 4.20
C PHE A 80 -0.69 6.28 3.19
N VAL A 81 -1.09 5.75 2.03
CA VAL A 81 -1.81 6.49 0.98
C VAL A 81 -3.02 5.74 0.49
N ARG A 82 -4.21 6.32 0.71
CA ARG A 82 -5.51 5.69 0.49
C ARG A 82 -6.03 5.90 -0.94
N LEU A 83 -6.48 4.82 -1.57
CA LEU A 83 -6.98 4.78 -2.95
C LEU A 83 -8.43 4.23 -2.98
N GLU A 84 -9.28 4.91 -3.74
CA GLU A 84 -10.69 4.53 -3.92
C GLU A 84 -11.30 5.13 -5.20
N GLY A 85 -10.96 6.39 -5.53
CA GLY A 85 -11.44 7.10 -6.73
C GLY A 85 -10.69 6.81 -8.03
N VAL A 86 -9.58 6.04 -7.98
CA VAL A 86 -8.73 5.70 -9.13
C VAL A 86 -8.93 4.22 -9.52
N SER A 87 -8.96 3.95 -10.83
CA SER A 87 -9.06 2.60 -11.40
C SER A 87 -7.90 1.68 -10.98
N PRO A 88 -8.12 0.36 -10.89
CA PRO A 88 -7.12 -0.61 -10.43
C PRO A 88 -5.92 -0.77 -11.38
N ASP A 89 -6.09 -0.47 -12.67
CA ASP A 89 -4.99 -0.36 -13.64
C ASP A 89 -4.24 0.99 -13.57
N ASP A 90 -4.94 2.07 -13.19
CA ASP A 90 -4.35 3.42 -13.04
C ASP A 90 -3.52 3.54 -11.76
N LEU A 91 -3.90 2.78 -10.72
CA LEU A 91 -3.14 2.58 -9.48
C LEU A 91 -1.66 2.26 -9.73
N ARG A 92 -1.30 1.61 -10.85
CA ARG A 92 0.10 1.30 -11.21
C ARG A 92 0.98 2.55 -11.23
N ARG A 93 0.48 3.65 -11.79
CA ARG A 93 1.18 4.94 -11.83
C ARG A 93 1.33 5.55 -10.44
N GLN A 94 0.28 5.47 -9.62
CA GLN A 94 0.28 5.97 -8.23
C GLN A 94 1.26 5.20 -7.33
N VAL A 95 1.34 3.87 -7.50
CA VAL A 95 2.29 3.00 -6.79
C VAL A 95 3.72 3.26 -7.25
N GLU A 96 3.95 3.30 -8.56
CA GLU A 96 5.28 3.57 -9.08
C GLU A 96 5.76 4.98 -8.71
N ASP A 97 4.91 6.01 -8.70
CA ASP A 97 5.29 7.36 -8.24
C ASP A 97 5.76 7.37 -6.78
N VAL A 98 5.19 6.52 -5.91
CA VAL A 98 5.68 6.29 -4.54
C VAL A 98 7.02 5.55 -4.56
N TRP A 99 7.24 4.60 -5.47
CA TRP A 99 8.52 3.91 -5.65
C TRP A 99 9.64 4.85 -6.12
N ARG A 100 9.42 5.63 -7.18
CA ARG A 100 10.37 6.65 -7.69
C ARG A 100 10.65 7.73 -6.64
N GLY A 101 9.63 8.13 -5.89
CA GLY A 101 9.70 9.06 -4.75
C GLY A 101 10.55 8.58 -3.57
N SER A 102 10.86 7.28 -3.46
CA SER A 102 11.83 6.77 -2.49
C SER A 102 13.29 7.08 -2.88
N LEU A 103 13.57 7.19 -4.18
CA LEU A 103 14.92 7.41 -4.73
C LEU A 103 15.22 8.91 -4.94
N GLU A 104 14.26 9.66 -5.50
CA GLU A 104 14.36 11.09 -5.76
C GLU A 104 13.58 11.92 -4.72
N HIS A 105 14.16 13.03 -4.26
CA HIS A 105 13.65 13.87 -3.17
C HIS A 105 12.69 14.98 -3.64
N HIS A 106 12.10 14.83 -4.83
CA HIS A 106 11.13 15.76 -5.41
C HIS A 106 9.79 15.77 -4.65
N HIS A 107 9.08 16.91 -4.70
CA HIS A 107 7.78 17.13 -4.06
C HIS A 107 6.74 17.68 -5.05
N HIS A 108 5.47 17.25 -4.92
CA HIS A 108 4.37 17.68 -5.78
C HIS A 108 3.01 17.64 -5.05
N HIS A 109 2.13 18.61 -5.35
CA HIS A 109 0.81 18.72 -4.74
C HIS A 109 -0.16 17.62 -5.24
N HIS A 110 -0.99 17.10 -4.33
CA HIS A 110 -1.87 15.94 -4.54
C HIS A 110 -3.13 15.99 -3.65
N GLY A 1 10.54 -7.98 10.88
CA GLY A 1 10.82 -6.53 10.76
C GLY A 1 9.55 -5.71 10.61
N ASP A 2 9.71 -4.41 10.38
CA ASP A 2 8.61 -3.44 10.27
C ASP A 2 7.61 -3.74 9.13
N ALA A 3 8.11 -4.05 7.94
CA ALA A 3 7.32 -4.49 6.79
C ALA A 3 6.45 -5.72 7.10
N ASP A 4 7.00 -6.72 7.81
CA ASP A 4 6.28 -7.96 8.18
C ASP A 4 5.17 -7.70 9.20
N LYS A 5 5.41 -6.78 10.14
CA LYS A 5 4.42 -6.35 11.14
C LYS A 5 3.28 -5.61 10.45
N ILE A 6 3.60 -4.64 9.59
CA ILE A 6 2.60 -3.79 8.93
C ILE A 6 1.69 -4.61 8.00
N MET A 7 2.23 -5.62 7.31
CA MET A 7 1.41 -6.44 6.42
C MET A 7 0.45 -7.34 7.20
N GLU A 8 0.89 -7.84 8.36
CA GLU A 8 0.06 -8.65 9.25
C GLU A 8 -0.99 -7.82 9.99
N GLN A 9 -0.74 -6.53 10.25
CA GLN A 9 -1.76 -5.62 10.81
C GLN A 9 -3.03 -5.52 9.94
N ALA A 10 -2.91 -5.69 8.63
CA ALA A 10 -4.07 -5.83 7.77
C ALA A 10 -4.78 -7.19 7.96
N LYS A 11 -4.02 -8.29 7.94
CA LYS A 11 -4.54 -9.66 8.05
C LYS A 11 -5.16 -9.96 9.42
N ARG A 12 -4.67 -9.33 10.49
CA ARG A 12 -5.17 -9.51 11.87
C ARG A 12 -6.57 -8.88 12.07
N GLN A 13 -6.86 -7.83 11.30
CA GLN A 13 -8.13 -7.10 11.28
C GLN A 13 -9.11 -7.73 10.27
N ASP A 14 -8.61 -8.07 9.07
CA ASP A 14 -9.35 -8.71 8.00
C ASP A 14 -8.46 -9.71 7.23
N PRO A 15 -8.55 -11.03 7.53
CA PRO A 15 -7.73 -12.08 6.91
C PRO A 15 -7.93 -12.20 5.40
N ASN A 16 -9.06 -11.71 4.88
CA ASN A 16 -9.39 -11.71 3.46
C ASN A 16 -8.74 -10.54 2.68
N ALA A 17 -8.18 -9.53 3.36
CA ALA A 17 -7.39 -8.48 2.71
C ALA A 17 -6.18 -9.09 1.99
N GLN A 18 -5.94 -8.65 0.75
CA GLN A 18 -4.78 -9.08 -0.03
C GLN A 18 -3.62 -8.10 0.20
N VAL A 19 -2.46 -8.61 0.63
CA VAL A 19 -1.27 -7.79 0.90
C VAL A 19 -0.01 -8.37 0.27
N TYR A 20 0.77 -7.52 -0.39
CA TYR A 20 2.04 -7.86 -1.06
C TYR A 20 3.11 -6.80 -0.82
N LYS A 21 4.37 -7.23 -0.72
CA LYS A 21 5.54 -6.39 -0.49
C LYS A 21 6.51 -6.51 -1.66
N VAL A 22 6.88 -5.38 -2.25
CA VAL A 22 7.76 -5.29 -3.42
C VAL A 22 8.95 -4.38 -3.15
N THR A 23 10.09 -4.74 -3.73
CA THR A 23 11.39 -4.08 -3.54
C THR A 23 11.93 -3.43 -4.82
N THR A 24 11.29 -3.69 -5.96
CA THR A 24 11.71 -3.30 -7.32
C THR A 24 10.53 -2.69 -8.11
N PRO A 25 10.78 -1.95 -9.21
CA PRO A 25 9.71 -1.43 -10.05
C PRO A 25 8.99 -2.53 -10.85
N ASP A 26 9.68 -3.62 -11.17
CA ASP A 26 9.13 -4.74 -11.94
C ASP A 26 8.23 -5.64 -11.07
N GLU A 27 8.53 -5.76 -9.77
CA GLU A 27 7.72 -6.54 -8.82
C GLU A 27 6.34 -5.90 -8.55
N ILE A 28 6.22 -4.57 -8.64
CA ILE A 28 4.95 -3.84 -8.51
C ILE A 28 3.89 -4.37 -9.48
N GLU A 29 4.25 -4.67 -10.74
CA GLU A 29 3.35 -5.16 -11.80
C GLU A 29 2.61 -6.43 -11.39
N GLU A 30 3.30 -7.34 -10.71
CA GLU A 30 2.65 -8.55 -10.18
C GLU A 30 1.65 -8.22 -9.08
N ALA A 31 1.99 -7.31 -8.16
CA ALA A 31 1.12 -6.96 -7.04
C ALA A 31 -0.17 -6.27 -7.52
N VAL A 32 -0.04 -5.26 -8.38
CA VAL A 32 -1.17 -4.57 -9.03
C VAL A 32 -1.99 -5.51 -9.92
N ARG A 33 -1.36 -6.51 -10.55
CA ARG A 33 -2.04 -7.46 -11.47
C ARG A 33 -3.04 -8.37 -10.76
N ARG A 34 -2.70 -8.85 -9.56
CA ARG A 34 -3.56 -9.72 -8.72
C ARG A 34 -4.47 -8.92 -7.79
N ILE A 35 -4.00 -7.77 -7.32
CA ILE A 35 -4.85 -6.83 -6.58
C ILE A 35 -5.90 -6.21 -7.48
N GLU A 36 -5.64 -6.01 -8.77
CA GLU A 36 -6.57 -5.35 -9.71
C GLU A 36 -8.02 -5.82 -9.52
N LYS A 37 -8.20 -7.13 -9.31
CA LYS A 37 -9.52 -7.75 -9.18
C LYS A 37 -10.26 -7.31 -7.90
N TYR A 38 -9.51 -7.20 -6.79
CA TYR A 38 -9.95 -6.87 -5.42
C TYR A 38 -9.92 -5.37 -5.09
N GLY A 39 -8.79 -4.73 -5.38
CA GLY A 39 -8.54 -3.30 -5.31
C GLY A 39 -9.47 -2.45 -6.18
N ALA A 40 -10.20 -3.10 -7.09
CA ALA A 40 -11.32 -2.50 -7.81
C ALA A 40 -12.35 -1.86 -6.85
N GLN A 41 -12.43 -2.33 -5.60
CA GLN A 41 -13.18 -1.70 -4.50
C GLN A 41 -12.33 -0.63 -3.80
N VAL A 42 -11.32 -1.04 -3.01
CA VAL A 42 -10.53 -0.17 -2.12
C VAL A 42 -9.08 -0.67 -2.00
N VAL A 43 -8.13 0.26 -2.01
CA VAL A 43 -6.67 -0.01 -1.94
C VAL A 43 -6.01 0.92 -0.93
N LEU A 44 -4.89 0.48 -0.37
CA LEU A 44 -3.97 1.27 0.44
C LEU A 44 -2.53 1.03 -0.02
N ILE A 45 -1.79 2.10 -0.23
CA ILE A 45 -0.34 2.08 -0.52
C ILE A 45 0.40 2.41 0.78
N ILE A 46 1.34 1.57 1.19
CA ILE A 46 2.18 1.77 2.38
C ILE A 46 3.66 1.89 2.00
N TYR A 47 4.34 2.90 2.55
CA TYR A 47 5.71 3.32 2.20
C TYR A 47 6.65 3.19 3.41
N THR A 48 6.78 1.96 3.92
CA THR A 48 7.63 1.63 5.08
C THR A 48 9.10 1.39 4.67
N SER A 49 10.04 1.58 5.61
CA SER A 49 11.50 1.55 5.36
C SER A 49 11.94 2.56 4.25
N SER A 50 13.15 2.41 3.71
CA SER A 50 13.78 3.38 2.81
C SER A 50 13.23 3.39 1.37
N GLY A 51 12.91 2.21 0.81
CA GLY A 51 12.40 2.07 -0.56
C GLY A 51 11.48 0.86 -0.80
N ILE A 52 11.20 0.06 0.22
CA ILE A 52 10.23 -1.02 0.16
C ILE A 52 8.83 -0.40 0.06
N VAL A 53 7.98 -0.97 -0.80
CA VAL A 53 6.58 -0.55 -0.95
C VAL A 53 5.69 -1.76 -0.69
N ILE A 54 4.63 -1.58 0.10
CA ILE A 54 3.66 -2.63 0.43
C ILE A 54 2.29 -2.19 -0.10
N LEU A 55 1.66 -3.06 -0.89
CA LEU A 55 0.33 -2.84 -1.47
C LEU A 55 -0.67 -3.70 -0.71
N VAL A 56 -1.68 -3.07 -0.09
CA VAL A 56 -2.79 -3.78 0.55
C VAL A 56 -4.13 -3.40 -0.08
N ALA A 57 -5.04 -4.37 -0.24
CA ALA A 57 -6.37 -4.12 -0.79
C ALA A 57 -7.47 -4.88 -0.05
N VAL A 58 -8.68 -4.29 -0.10
CA VAL A 58 -9.87 -4.70 0.64
C VAL A 58 -11.14 -4.54 -0.21
N ARG A 59 -12.14 -5.38 0.08
CA ARG A 59 -13.48 -5.29 -0.53
C ARG A 59 -14.32 -4.14 0.06
N ASP A 60 -14.07 -3.73 1.30
CA ASP A 60 -14.88 -2.73 2.01
C ASP A 60 -14.03 -1.58 2.57
N PRO A 61 -14.51 -0.31 2.54
CA PRO A 61 -13.74 0.87 2.94
C PRO A 61 -13.48 0.98 4.45
N SER A 62 -14.39 0.47 5.28
CA SER A 62 -14.24 0.50 6.75
C SER A 62 -13.03 -0.32 7.21
N GLN A 63 -12.75 -1.45 6.56
CA GLN A 63 -11.62 -2.32 6.81
C GLN A 63 -10.29 -1.60 6.54
N ALA A 64 -10.17 -0.90 5.40
CA ALA A 64 -9.00 -0.09 5.08
C ALA A 64 -8.75 1.01 6.12
N ASP A 65 -9.78 1.80 6.46
CA ASP A 65 -9.61 2.90 7.41
C ASP A 65 -9.26 2.39 8.82
N GLN A 66 -9.91 1.31 9.28
CA GLN A 66 -9.59 0.68 10.56
C GLN A 66 -8.15 0.14 10.58
N ILE A 67 -7.74 -0.60 9.54
CA ILE A 67 -6.38 -1.15 9.45
C ILE A 67 -5.35 -0.02 9.47
N LEU A 68 -5.59 1.06 8.71
CA LEU A 68 -4.65 2.18 8.63
C LEU A 68 -4.55 2.93 9.96
N LYS A 69 -5.64 3.04 10.73
CA LYS A 69 -5.62 3.66 12.07
C LYS A 69 -4.72 2.87 13.04
N GLU A 70 -4.85 1.55 13.08
CA GLU A 70 -3.96 0.68 13.89
C GLU A 70 -2.51 0.78 13.40
N ALA A 71 -2.31 0.80 12.08
CA ALA A 71 -0.98 0.84 11.48
C ALA A 71 -0.30 2.20 11.70
N LYS A 72 -1.04 3.32 11.70
CA LYS A 72 -0.56 4.65 12.10
C LYS A 72 -0.14 4.70 13.58
N LYS A 73 -0.94 4.09 14.47
CA LYS A 73 -0.66 4.04 15.92
C LYS A 73 0.66 3.31 16.21
N GLN A 74 0.91 2.22 15.50
CA GLN A 74 2.12 1.41 15.64
C GLN A 74 3.34 1.99 14.90
N ASN A 75 3.13 2.51 13.67
CA ASN A 75 4.17 3.05 12.78
C ASN A 75 3.70 4.39 12.16
N PRO A 76 3.95 5.55 12.80
CA PRO A 76 3.39 6.83 12.34
C PRO A 76 4.01 7.36 11.04
N SER A 77 5.28 7.04 10.77
CA SER A 77 6.05 7.53 9.60
C SER A 77 5.90 6.64 8.35
N ALA A 78 5.14 5.54 8.43
CA ALA A 78 4.99 4.55 7.35
C ALA A 78 4.21 5.03 6.11
N THR A 79 3.51 6.18 6.22
CA THR A 79 2.78 6.89 5.15
C THR A 79 1.78 6.01 4.38
N PHE A 80 0.51 6.13 4.78
CA PHE A 80 -0.62 5.38 4.23
C PHE A 80 -1.39 6.23 3.22
N VAL A 81 -1.67 5.67 2.03
CA VAL A 81 -2.39 6.38 0.96
C VAL A 81 -3.62 5.59 0.54
N ARG A 82 -4.82 6.05 0.92
CA ARG A 82 -6.12 5.42 0.61
C ARG A 82 -6.49 5.70 -0.85
N LEU A 83 -6.77 4.64 -1.62
CA LEU A 83 -7.14 4.65 -3.03
C LEU A 83 -8.58 4.16 -3.22
N GLU A 84 -9.37 5.00 -3.88
CA GLU A 84 -10.82 4.81 -4.09
C GLU A 84 -11.30 5.45 -5.40
N GLY A 85 -10.85 6.69 -5.69
CA GLY A 85 -11.25 7.47 -6.87
C GLY A 85 -10.45 7.18 -8.16
N VAL A 86 -9.43 6.30 -8.10
CA VAL A 86 -8.56 5.93 -9.22
C VAL A 86 -8.80 4.48 -9.63
N SER A 87 -8.81 4.23 -10.94
CA SER A 87 -8.95 2.89 -11.52
C SER A 87 -7.83 1.92 -11.08
N PRO A 88 -8.11 0.61 -10.97
CA PRO A 88 -7.14 -0.39 -10.46
C PRO A 88 -5.93 -0.61 -11.36
N ASP A 89 -6.04 -0.31 -12.66
CA ASP A 89 -4.91 -0.29 -13.60
C ASP A 89 -4.18 1.08 -13.66
N ASP A 90 -4.82 2.17 -13.24
CA ASP A 90 -4.17 3.48 -13.07
C ASP A 90 -3.35 3.58 -11.76
N LEU A 91 -3.77 2.84 -10.72
CA LEU A 91 -3.06 2.66 -9.45
C LEU A 91 -1.56 2.38 -9.62
N ARG A 92 -1.15 1.70 -10.71
CA ARG A 92 0.27 1.43 -11.02
C ARG A 92 1.11 2.69 -11.01
N ARG A 93 0.59 3.80 -11.55
CA ARG A 93 1.25 5.12 -11.59
C ARG A 93 1.43 5.70 -10.19
N GLN A 94 0.41 5.59 -9.34
CA GLN A 94 0.43 6.05 -7.94
C GLN A 94 1.38 5.21 -7.07
N VAL A 95 1.43 3.90 -7.29
CA VAL A 95 2.34 2.98 -6.60
C VAL A 95 3.78 3.19 -7.02
N GLU A 96 4.04 3.24 -8.33
CA GLU A 96 5.39 3.48 -8.82
C GLU A 96 5.91 4.86 -8.41
N ASP A 97 5.09 5.91 -8.38
CA ASP A 97 5.53 7.25 -7.92
C ASP A 97 6.04 7.23 -6.46
N VAL A 98 5.48 6.37 -5.61
CA VAL A 98 5.98 6.13 -4.25
C VAL A 98 7.32 5.37 -4.27
N TRP A 99 7.50 4.40 -5.19
CA TRP A 99 8.77 3.68 -5.37
C TRP A 99 9.89 4.59 -5.91
N ARG A 100 9.63 5.34 -6.99
CA ARG A 100 10.57 6.30 -7.59
C ARG A 100 10.93 7.43 -6.61
N GLY A 101 9.97 7.82 -5.75
CA GLY A 101 10.15 8.80 -4.67
C GLY A 101 11.22 8.45 -3.63
N SER A 102 11.59 7.17 -3.50
CA SER A 102 12.74 6.74 -2.69
C SER A 102 14.08 7.17 -3.28
N LEU A 103 14.19 7.17 -4.62
CA LEU A 103 15.45 7.35 -5.35
C LEU A 103 15.63 8.78 -5.88
N GLU A 104 14.54 9.44 -6.28
CA GLU A 104 14.53 10.81 -6.80
C GLU A 104 14.42 11.86 -5.68
N HIS A 105 15.15 12.97 -5.81
CA HIS A 105 15.20 14.05 -4.82
C HIS A 105 14.22 15.19 -5.13
N HIS A 106 13.57 15.72 -4.08
CA HIS A 106 12.60 16.82 -4.15
C HIS A 106 12.76 17.79 -2.97
N HIS A 107 12.47 19.08 -3.19
CA HIS A 107 12.48 20.10 -2.14
C HIS A 107 11.21 20.02 -1.26
N HIS A 108 11.33 20.33 0.04
CA HIS A 108 10.21 20.28 0.99
C HIS A 108 9.27 21.50 0.85
N HIS A 109 7.97 21.26 1.01
CA HIS A 109 6.90 22.27 0.94
C HIS A 109 5.68 21.88 1.79
N HIS A 110 4.86 22.87 2.16
CA HIS A 110 3.62 22.75 2.97
C HIS A 110 3.83 21.99 4.30
N GLY A 1 10.60 -7.92 11.17
CA GLY A 1 10.84 -6.57 10.61
C GLY A 1 9.55 -5.76 10.57
N ASP A 2 9.68 -4.43 10.42
CA ASP A 2 8.54 -3.50 10.43
C ASP A 2 7.55 -3.75 9.27
N ALA A 3 8.08 -4.08 8.08
CA ALA A 3 7.29 -4.48 6.92
C ALA A 3 6.42 -5.72 7.20
N ASP A 4 6.98 -6.74 7.87
CA ASP A 4 6.28 -7.99 8.20
C ASP A 4 5.17 -7.76 9.24
N LYS A 5 5.39 -6.84 10.17
CA LYS A 5 4.40 -6.43 11.17
C LYS A 5 3.26 -5.68 10.52
N ILE A 6 3.55 -4.73 9.64
CA ILE A 6 2.54 -3.90 8.98
C ILE A 6 1.62 -4.72 8.07
N MET A 7 2.17 -5.72 7.37
CA MET A 7 1.36 -6.54 6.48
C MET A 7 0.40 -7.43 7.28
N GLU A 8 0.84 -7.92 8.44
CA GLU A 8 0.02 -8.71 9.36
C GLU A 8 -1.01 -7.84 10.11
N GLN A 9 -0.75 -6.56 10.36
CA GLN A 9 -1.76 -5.63 10.91
C GLN A 9 -3.01 -5.52 10.02
N ALA A 10 -2.88 -5.71 8.71
CA ALA A 10 -4.03 -5.82 7.83
C ALA A 10 -4.76 -7.16 7.98
N LYS A 11 -4.01 -8.27 7.99
CA LYS A 11 -4.55 -9.64 8.06
C LYS A 11 -5.19 -9.97 9.41
N ARG A 12 -4.70 -9.36 10.51
CA ARG A 12 -5.23 -9.56 11.87
C ARG A 12 -6.62 -8.95 12.04
N GLN A 13 -6.90 -7.90 11.25
CA GLN A 13 -8.16 -7.15 11.23
C GLN A 13 -9.13 -7.76 10.20
N ASP A 14 -8.63 -8.05 9.00
CA ASP A 14 -9.37 -8.73 7.93
C ASP A 14 -8.48 -9.76 7.22
N PRO A 15 -8.61 -11.07 7.50
CA PRO A 15 -7.74 -12.11 6.94
C PRO A 15 -7.98 -12.33 5.43
N ASN A 16 -9.11 -11.84 4.91
CA ASN A 16 -9.45 -11.86 3.50
C ASN A 16 -8.66 -10.84 2.67
N ALA A 17 -8.17 -9.76 3.29
CA ALA A 17 -7.42 -8.69 2.62
C ALA A 17 -6.17 -9.23 1.93
N GLN A 18 -5.90 -8.76 0.73
CA GLN A 18 -4.71 -9.16 -0.03
C GLN A 18 -3.60 -8.13 0.20
N VAL A 19 -2.43 -8.59 0.66
CA VAL A 19 -1.26 -7.76 0.93
C VAL A 19 0.01 -8.33 0.30
N TYR A 20 0.78 -7.47 -0.37
CA TYR A 20 2.04 -7.82 -1.02
C TYR A 20 3.12 -6.78 -0.76
N LYS A 21 4.37 -7.22 -0.65
CA LYS A 21 5.54 -6.38 -0.41
C LYS A 21 6.52 -6.47 -1.58
N VAL A 22 6.87 -5.32 -2.15
CA VAL A 22 7.74 -5.21 -3.32
C VAL A 22 8.91 -4.27 -3.04
N THR A 23 10.06 -4.60 -3.63
CA THR A 23 11.32 -3.85 -3.50
C THR A 23 11.78 -3.21 -4.81
N THR A 24 11.07 -3.46 -5.91
CA THR A 24 11.46 -3.09 -7.30
C THR A 24 10.24 -2.67 -8.14
N PRO A 25 10.43 -1.93 -9.26
CA PRO A 25 9.35 -1.60 -10.19
C PRO A 25 8.83 -2.83 -10.95
N ASP A 26 9.70 -3.81 -11.20
CA ASP A 26 9.33 -5.07 -11.87
C ASP A 26 8.47 -5.99 -10.97
N GLU A 27 8.63 -5.87 -9.65
CA GLU A 27 7.78 -6.56 -8.66
C GLU A 27 6.43 -5.86 -8.49
N ILE A 28 6.34 -4.54 -8.65
CA ILE A 28 5.07 -3.78 -8.56
C ILE A 28 4.03 -4.30 -9.57
N GLU A 29 4.41 -4.51 -10.83
CA GLU A 29 3.50 -5.04 -11.86
C GLU A 29 2.92 -6.44 -11.56
N GLU A 30 3.48 -7.21 -10.62
CA GLU A 30 2.84 -8.43 -10.10
C GLU A 30 1.73 -8.07 -9.10
N ALA A 31 2.03 -7.20 -8.14
CA ALA A 31 1.12 -6.86 -7.04
C ALA A 31 -0.12 -6.14 -7.54
N VAL A 32 0.05 -5.11 -8.38
CA VAL A 32 -1.06 -4.33 -8.94
C VAL A 32 -1.97 -5.15 -9.84
N ARG A 33 -1.41 -6.15 -10.54
CA ARG A 33 -2.18 -6.98 -11.49
C ARG A 33 -3.11 -7.94 -10.77
N ARG A 34 -2.64 -8.59 -9.71
CA ARG A 34 -3.46 -9.52 -8.92
C ARG A 34 -4.39 -8.77 -7.99
N ILE A 35 -3.95 -7.62 -7.46
CA ILE A 35 -4.82 -6.73 -6.69
C ILE A 35 -5.90 -6.11 -7.56
N GLU A 36 -5.66 -5.84 -8.85
CA GLU A 36 -6.64 -5.15 -9.70
C GLU A 36 -8.04 -5.79 -9.67
N LYS A 37 -8.12 -7.12 -9.48
CA LYS A 37 -9.39 -7.84 -9.31
C LYS A 37 -10.09 -7.55 -7.97
N TYR A 38 -9.31 -7.53 -6.88
CA TYR A 38 -9.76 -7.39 -5.49
C TYR A 38 -9.91 -5.94 -5.01
N GLY A 39 -8.87 -5.13 -5.24
CA GLY A 39 -8.77 -3.69 -4.99
C GLY A 39 -9.67 -2.84 -5.88
N ALA A 40 -10.38 -3.48 -6.82
CA ALA A 40 -11.46 -2.86 -7.60
C ALA A 40 -12.48 -2.12 -6.70
N GLN A 41 -12.61 -2.50 -5.41
CA GLN A 41 -13.39 -1.74 -4.42
C GLN A 41 -12.55 -0.68 -3.69
N VAL A 42 -11.50 -1.08 -2.93
CA VAL A 42 -10.68 -0.20 -2.07
C VAL A 42 -9.22 -0.70 -2.00
N VAL A 43 -8.27 0.23 -2.02
CA VAL A 43 -6.81 -0.01 -1.99
C VAL A 43 -6.13 0.94 -1.00
N LEU A 44 -5.00 0.50 -0.44
CA LEU A 44 -4.08 1.29 0.36
C LEU A 44 -2.63 1.05 -0.09
N ILE A 45 -1.87 2.13 -0.27
CA ILE A 45 -0.42 2.11 -0.52
C ILE A 45 0.31 2.44 0.78
N ILE A 46 1.28 1.61 1.17
CA ILE A 46 2.14 1.79 2.33
C ILE A 46 3.61 1.88 1.88
N TYR A 47 4.35 2.86 2.41
CA TYR A 47 5.76 3.13 2.06
C TYR A 47 6.63 3.15 3.32
N THR A 48 7.38 2.07 3.53
CA THR A 48 8.23 1.83 4.70
C THR A 48 9.72 1.77 4.37
N SER A 49 10.56 2.21 5.33
CA SER A 49 12.03 2.13 5.27
C SER A 49 12.63 2.78 4.01
N SER A 50 13.79 2.29 3.52
CA SER A 50 14.61 2.92 2.47
C SER A 50 14.05 2.86 1.03
N GLY A 51 12.88 2.24 0.81
CA GLY A 51 12.31 2.04 -0.53
C GLY A 51 11.34 0.87 -0.69
N ILE A 52 11.08 0.11 0.38
CA ILE A 52 10.10 -0.98 0.38
C ILE A 52 8.68 -0.42 0.31
N VAL A 53 7.92 -0.87 -0.67
CA VAL A 53 6.52 -0.51 -0.86
C VAL A 53 5.66 -1.74 -0.56
N ILE A 54 4.61 -1.57 0.22
CA ILE A 54 3.65 -2.62 0.56
C ILE A 54 2.28 -2.19 0.04
N LEU A 55 1.64 -3.04 -0.74
CA LEU A 55 0.36 -2.79 -1.39
C LEU A 55 -0.70 -3.67 -0.72
N VAL A 56 -1.73 -3.05 -0.13
CA VAL A 56 -2.84 -3.76 0.52
C VAL A 56 -4.20 -3.41 -0.10
N ALA A 57 -5.09 -4.39 -0.23
CA ALA A 57 -6.43 -4.19 -0.79
C ALA A 57 -7.54 -4.94 -0.04
N VAL A 58 -8.73 -4.35 -0.08
CA VAL A 58 -9.90 -4.70 0.75
C VAL A 58 -11.24 -4.56 -0.01
N ARG A 59 -12.28 -5.23 0.49
CA ARG A 59 -13.64 -5.25 -0.08
C ARG A 59 -14.61 -4.27 0.58
N ASP A 60 -14.21 -3.61 1.68
CA ASP A 60 -14.96 -2.52 2.32
C ASP A 60 -14.02 -1.37 2.73
N PRO A 61 -14.49 -0.10 2.68
CA PRO A 61 -13.73 1.05 3.18
C PRO A 61 -13.53 0.98 4.71
N SER A 62 -14.45 0.33 5.43
CA SER A 62 -14.36 0.08 6.87
C SER A 62 -13.15 -0.79 7.24
N GLN A 63 -12.77 -1.75 6.40
CA GLN A 63 -11.57 -2.58 6.59
C GLN A 63 -10.31 -1.72 6.44
N ALA A 64 -10.19 -0.94 5.35
CA ALA A 64 -9.06 -0.03 5.14
C ALA A 64 -8.93 0.99 6.27
N ASP A 65 -10.03 1.62 6.68
CA ASP A 65 -10.05 2.63 7.74
C ASP A 65 -9.63 2.04 9.09
N GLN A 66 -10.19 0.91 9.50
CA GLN A 66 -9.81 0.23 10.75
C GLN A 66 -8.36 -0.24 10.74
N ILE A 67 -7.86 -0.78 9.62
CA ILE A 67 -6.46 -1.22 9.50
C ILE A 67 -5.52 -0.01 9.56
N LEU A 68 -5.86 1.07 8.88
CA LEU A 68 -5.07 2.31 8.83
C LEU A 68 -4.97 2.99 10.20
N LYS A 69 -6.09 3.03 10.94
CA LYS A 69 -6.18 3.55 12.32
C LYS A 69 -5.16 2.91 13.26
N GLU A 70 -5.04 1.59 13.27
CA GLU A 70 -4.00 0.90 14.06
C GLU A 70 -2.60 0.99 13.46
N ALA A 71 -2.47 0.91 12.13
CA ALA A 71 -1.17 0.88 11.47
C ALA A 71 -0.44 2.22 11.55
N LYS A 72 -1.15 3.36 11.46
CA LYS A 72 -0.61 4.70 11.69
C LYS A 72 -0.20 4.89 13.15
N LYS A 73 -1.03 4.39 14.10
CA LYS A 73 -0.76 4.48 15.54
C LYS A 73 0.52 3.75 15.92
N GLN A 74 0.72 2.56 15.35
CA GLN A 74 1.88 1.70 15.60
C GLN A 74 3.13 2.10 14.80
N ASN A 75 2.97 2.71 13.61
CA ASN A 75 4.06 3.05 12.69
C ASN A 75 3.87 4.47 12.10
N PRO A 76 4.52 5.52 12.64
CA PRO A 76 4.28 6.90 12.20
C PRO A 76 4.92 7.26 10.85
N SER A 77 6.03 6.61 10.49
CA SER A 77 6.81 6.88 9.25
C SER A 77 6.36 6.07 8.03
N ALA A 78 5.37 5.19 8.19
CA ALA A 78 4.94 4.19 7.21
C ALA A 78 4.14 4.73 6.00
N THR A 79 3.72 6.00 6.04
CA THR A 79 3.13 6.79 4.94
C THR A 79 2.02 6.06 4.16
N PHE A 80 0.78 6.29 4.58
CA PHE A 80 -0.42 5.62 4.08
C PHE A 80 -1.15 6.46 3.04
N VAL A 81 -1.60 5.83 1.94
CA VAL A 81 -2.42 6.49 0.91
C VAL A 81 -3.61 5.62 0.54
N ARG A 82 -4.84 6.04 0.90
CA ARG A 82 -6.09 5.37 0.48
C ARG A 82 -6.41 5.71 -0.97
N LEU A 83 -6.84 4.71 -1.72
CA LEU A 83 -7.21 4.81 -3.14
C LEU A 83 -8.72 4.60 -3.33
N GLU A 84 -9.33 5.46 -4.15
CA GLU A 84 -10.79 5.55 -4.35
C GLU A 84 -11.14 6.20 -5.70
N GLY A 85 -10.51 7.34 -6.02
CA GLY A 85 -10.75 8.11 -7.25
C GLY A 85 -9.97 7.66 -8.49
N VAL A 86 -9.05 6.69 -8.35
CA VAL A 86 -8.20 6.17 -9.44
C VAL A 86 -8.56 4.72 -9.76
N SER A 87 -8.62 4.38 -11.05
CA SER A 87 -8.88 3.02 -11.54
C SER A 87 -7.81 2.00 -11.09
N PRO A 88 -8.15 0.70 -10.98
CA PRO A 88 -7.25 -0.33 -10.44
C PRO A 88 -6.02 -0.61 -11.33
N ASP A 89 -6.10 -0.35 -12.63
CA ASP A 89 -4.91 -0.34 -13.50
C ASP A 89 -4.12 1.00 -13.46
N ASP A 90 -4.80 2.12 -13.21
CA ASP A 90 -4.18 3.45 -13.10
C ASP A 90 -3.40 3.62 -11.80
N LEU A 91 -3.78 2.86 -10.76
CA LEU A 91 -3.06 2.67 -9.49
C LEU A 91 -1.55 2.43 -9.69
N ARG A 92 -1.14 1.81 -10.81
CA ARG A 92 0.28 1.61 -11.17
C ARG A 92 1.08 2.90 -11.12
N ARG A 93 0.53 4.00 -11.64
CA ARG A 93 1.15 5.33 -11.64
C ARG A 93 1.41 5.82 -10.22
N GLN A 94 0.43 5.65 -9.33
CA GLN A 94 0.49 6.08 -7.92
C GLN A 94 1.48 5.23 -7.11
N VAL A 95 1.56 3.93 -7.37
CA VAL A 95 2.49 3.01 -6.70
C VAL A 95 3.92 3.23 -7.19
N GLU A 96 4.12 3.33 -8.51
CA GLU A 96 5.46 3.48 -9.08
C GLU A 96 6.05 4.86 -8.80
N ASP A 97 5.26 5.94 -8.81
CA ASP A 97 5.73 7.29 -8.43
C ASP A 97 6.23 7.35 -6.97
N VAL A 98 5.64 6.53 -6.08
CA VAL A 98 6.10 6.37 -4.69
C VAL A 98 7.41 5.56 -4.64
N TRP A 99 7.55 4.52 -5.47
CA TRP A 99 8.80 3.77 -5.59
C TRP A 99 9.96 4.64 -6.10
N ARG A 100 9.74 5.41 -7.18
CA ARG A 100 10.71 6.35 -7.76
C ARG A 100 11.07 7.48 -6.79
N GLY A 101 10.08 8.03 -6.08
CA GLY A 101 10.27 9.09 -5.09
C GLY A 101 11.14 8.66 -3.90
N SER A 102 11.04 7.39 -3.47
CA SER A 102 11.75 6.88 -2.29
C SER A 102 13.28 6.92 -2.38
N LEU A 103 13.84 6.75 -3.59
CA LEU A 103 15.29 6.67 -3.83
C LEU A 103 15.98 8.05 -3.76
N GLU A 104 15.23 9.11 -4.05
CA GLU A 104 15.74 10.47 -4.24
C GLU A 104 15.73 11.33 -2.96
N HIS A 105 16.45 12.45 -3.01
CA HIS A 105 16.78 13.35 -1.89
C HIS A 105 15.61 14.22 -1.38
N HIS A 106 14.40 13.66 -1.36
CA HIS A 106 13.16 14.28 -0.88
C HIS A 106 13.03 14.35 0.65
N HIS A 107 14.09 13.97 1.39
CA HIS A 107 14.25 14.13 2.85
C HIS A 107 13.02 13.67 3.67
N HIS A 108 12.56 12.44 3.41
CA HIS A 108 11.37 11.82 3.99
C HIS A 108 11.37 11.79 5.53
N HIS A 109 12.55 11.62 6.13
CA HIS A 109 12.80 11.70 7.58
C HIS A 109 14.25 12.18 7.86
N HIS A 110 14.47 12.79 9.03
CA HIS A 110 15.79 13.22 9.51
C HIS A 110 15.91 13.04 11.04
N GLY A 1 10.21 -8.14 12.06
CA GLY A 1 10.48 -7.25 10.90
C GLY A 1 9.39 -6.20 10.74
N ASP A 2 9.76 -4.96 10.43
CA ASP A 2 8.85 -3.81 10.31
C ASP A 2 7.81 -3.98 9.19
N ALA A 3 8.24 -4.43 8.00
CA ALA A 3 7.36 -4.76 6.88
C ALA A 3 6.39 -5.92 7.23
N ASP A 4 6.91 -6.96 7.89
CA ASP A 4 6.15 -8.17 8.24
C ASP A 4 5.05 -7.89 9.29
N LYS A 5 5.34 -6.99 10.23
CA LYS A 5 4.37 -6.50 11.22
C LYS A 5 3.25 -5.74 10.54
N ILE A 6 3.60 -4.80 9.66
CA ILE A 6 2.62 -3.94 9.00
C ILE A 6 1.68 -4.74 8.07
N MET A 7 2.19 -5.76 7.39
CA MET A 7 1.34 -6.57 6.50
C MET A 7 0.38 -7.45 7.30
N GLU A 8 0.83 -7.93 8.47
CA GLU A 8 -0.01 -8.71 9.38
C GLU A 8 -1.04 -7.83 10.12
N GLN A 9 -0.76 -6.54 10.35
CA GLN A 9 -1.75 -5.61 10.89
C GLN A 9 -2.99 -5.46 10.02
N ALA A 10 -2.88 -5.66 8.70
CA ALA A 10 -4.03 -5.75 7.82
C ALA A 10 -4.77 -7.09 8.01
N LYS A 11 -4.02 -8.19 8.02
CA LYS A 11 -4.54 -9.57 8.08
C LYS A 11 -5.20 -9.92 9.42
N ARG A 12 -4.73 -9.29 10.50
CA ARG A 12 -5.27 -9.46 11.87
C ARG A 12 -6.65 -8.82 12.04
N GLN A 13 -6.90 -7.77 11.26
CA GLN A 13 -8.16 -7.01 11.22
C GLN A 13 -9.13 -7.64 10.23
N ASP A 14 -8.65 -8.01 9.04
CA ASP A 14 -9.44 -8.65 8.00
C ASP A 14 -8.58 -9.68 7.24
N PRO A 15 -8.79 -10.99 7.46
CA PRO A 15 -7.97 -12.05 6.87
C PRO A 15 -8.26 -12.26 5.38
N ASN A 16 -9.37 -11.73 4.87
CA ASN A 16 -9.73 -11.74 3.45
C ASN A 16 -9.02 -10.64 2.63
N ALA A 17 -8.45 -9.61 3.27
CA ALA A 17 -7.61 -8.60 2.63
C ALA A 17 -6.40 -9.25 1.93
N GLN A 18 -6.00 -8.69 0.78
CA GLN A 18 -4.81 -9.13 0.07
C GLN A 18 -3.66 -8.14 0.33
N VAL A 19 -2.49 -8.63 0.72
CA VAL A 19 -1.30 -7.80 0.98
C VAL A 19 -0.03 -8.40 0.38
N TYR A 20 0.77 -7.57 -0.29
CA TYR A 20 2.03 -7.94 -0.92
C TYR A 20 3.12 -6.89 -0.71
N LYS A 21 4.38 -7.33 -0.60
CA LYS A 21 5.56 -6.48 -0.38
C LYS A 21 6.53 -6.59 -1.54
N VAL A 22 6.91 -5.44 -2.10
CA VAL A 22 7.84 -5.32 -3.23
C VAL A 22 8.95 -4.31 -2.94
N THR A 23 10.11 -4.53 -3.55
CA THR A 23 11.29 -3.66 -3.43
C THR A 23 11.71 -3.01 -4.75
N THR A 24 11.06 -3.36 -5.87
CA THR A 24 11.39 -2.90 -7.24
C THR A 24 10.13 -2.52 -8.05
N PRO A 25 10.26 -1.70 -9.12
CA PRO A 25 9.16 -1.40 -10.04
C PRO A 25 8.75 -2.61 -10.89
N ASP A 26 9.68 -3.52 -11.17
CA ASP A 26 9.41 -4.75 -11.91
C ASP A 26 8.61 -5.77 -11.07
N GLU A 27 8.72 -5.71 -9.74
CA GLU A 27 7.86 -6.47 -8.83
C GLU A 27 6.47 -5.83 -8.67
N ILE A 28 6.36 -4.49 -8.71
CA ILE A 28 5.08 -3.77 -8.58
C ILE A 28 4.07 -4.23 -9.63
N GLU A 29 4.46 -4.33 -10.90
CA GLU A 29 3.59 -4.77 -12.00
C GLU A 29 3.00 -6.19 -11.82
N GLU A 30 3.60 -7.03 -10.96
CA GLU A 30 3.03 -8.32 -10.54
C GLU A 30 1.99 -8.17 -9.40
N ALA A 31 2.27 -7.33 -8.39
CA ALA A 31 1.39 -7.09 -7.24
C ALA A 31 0.06 -6.42 -7.65
N VAL A 32 0.15 -5.35 -8.44
CA VAL A 32 -1.01 -4.63 -8.99
C VAL A 32 -1.91 -5.52 -9.85
N ARG A 33 -1.32 -6.51 -10.54
CA ARG A 33 -2.02 -7.41 -11.46
C ARG A 33 -2.96 -8.40 -10.76
N ARG A 34 -2.57 -8.90 -9.58
CA ARG A 34 -3.40 -9.77 -8.74
C ARG A 34 -4.32 -8.97 -7.82
N ILE A 35 -3.87 -7.80 -7.36
CA ILE A 35 -4.72 -6.85 -6.64
C ILE A 35 -5.79 -6.25 -7.55
N GLU A 36 -5.56 -6.08 -8.85
CA GLU A 36 -6.50 -5.44 -9.78
C GLU A 36 -7.95 -5.92 -9.57
N LYS A 37 -8.10 -7.23 -9.34
CA LYS A 37 -9.42 -7.86 -9.19
C LYS A 37 -10.12 -7.45 -7.88
N TYR A 38 -9.36 -7.37 -6.79
CA TYR A 38 -9.81 -7.08 -5.42
C TYR A 38 -9.81 -5.57 -5.06
N GLY A 39 -8.70 -4.90 -5.35
CA GLY A 39 -8.49 -3.45 -5.28
C GLY A 39 -9.46 -2.63 -6.12
N ALA A 40 -10.18 -3.30 -7.02
CA ALA A 40 -11.33 -2.72 -7.73
C ALA A 40 -12.37 -2.08 -6.76
N GLN A 41 -12.42 -2.54 -5.49
CA GLN A 41 -13.17 -1.89 -4.41
C GLN A 41 -12.33 -0.78 -3.75
N VAL A 42 -11.30 -1.14 -2.97
CA VAL A 42 -10.50 -0.24 -2.13
C VAL A 42 -9.06 -0.74 -2.01
N VAL A 43 -8.09 0.19 -2.02
CA VAL A 43 -6.65 -0.08 -1.98
C VAL A 43 -5.99 0.87 -0.97
N LEU A 44 -4.86 0.44 -0.41
CA LEU A 44 -3.96 1.25 0.40
C LEU A 44 -2.51 1.02 -0.05
N ILE A 45 -1.78 2.12 -0.22
CA ILE A 45 -0.34 2.11 -0.50
C ILE A 45 0.41 2.44 0.79
N ILE A 46 1.35 1.58 1.18
CA ILE A 46 2.21 1.74 2.36
C ILE A 46 3.68 1.83 1.94
N TYR A 47 4.41 2.82 2.46
CA TYR A 47 5.81 3.10 2.13
C TYR A 47 6.67 3.08 3.40
N THR A 48 7.39 1.98 3.60
CA THR A 48 8.17 1.70 4.81
C THR A 48 9.69 1.61 4.55
N SER A 49 10.48 2.03 5.55
CA SER A 49 11.95 1.97 5.57
C SER A 49 12.62 2.55 4.30
N SER A 50 13.72 1.96 3.80
CA SER A 50 14.62 2.51 2.77
C SER A 50 14.10 2.53 1.32
N GLY A 51 12.88 2.09 1.06
CA GLY A 51 12.34 1.94 -0.32
C GLY A 51 11.35 0.79 -0.50
N ILE A 52 11.03 0.04 0.55
CA ILE A 52 10.07 -1.06 0.52
C ILE A 52 8.65 -0.48 0.41
N VAL A 53 7.92 -0.94 -0.60
CA VAL A 53 6.52 -0.56 -0.83
C VAL A 53 5.65 -1.80 -0.58
N ILE A 54 4.67 -1.66 0.29
CA ILE A 54 3.71 -2.71 0.61
C ILE A 54 2.34 -2.27 0.08
N LEU A 55 1.70 -3.12 -0.70
CA LEU A 55 0.44 -2.86 -1.38
C LEU A 55 -0.63 -3.73 -0.72
N VAL A 56 -1.64 -3.10 -0.12
CA VAL A 56 -2.76 -3.78 0.52
C VAL A 56 -4.10 -3.44 -0.15
N ALA A 57 -5.01 -4.39 -0.28
CA ALA A 57 -6.34 -4.17 -0.84
C ALA A 57 -7.45 -4.90 -0.07
N VAL A 58 -8.63 -4.28 -0.08
CA VAL A 58 -9.80 -4.62 0.73
C VAL A 58 -11.11 -4.45 -0.04
N ARG A 59 -12.14 -5.23 0.35
CA ARG A 59 -13.47 -5.20 -0.27
C ARG A 59 -14.40 -4.10 0.29
N ASP A 60 -14.03 -3.45 1.38
CA ASP A 60 -14.77 -2.35 2.01
C ASP A 60 -13.84 -1.19 2.45
N PRO A 61 -14.31 0.08 2.43
CA PRO A 61 -13.53 1.23 2.88
C PRO A 61 -13.32 1.27 4.40
N SER A 62 -14.25 0.72 5.18
CA SER A 62 -14.14 0.64 6.65
C SER A 62 -12.95 -0.22 7.09
N GLN A 63 -12.68 -1.32 6.39
CA GLN A 63 -11.52 -2.18 6.61
C GLN A 63 -10.22 -1.41 6.42
N ALA A 64 -10.07 -0.69 5.29
CA ALA A 64 -8.89 0.12 5.02
C ALA A 64 -8.66 1.18 6.09
N ASP A 65 -9.69 1.96 6.43
CA ASP A 65 -9.57 3.06 7.37
C ASP A 65 -9.26 2.58 8.80
N GLN A 66 -9.85 1.45 9.22
CA GLN A 66 -9.52 0.80 10.49
C GLN A 66 -8.08 0.26 10.49
N ILE A 67 -7.67 -0.48 9.46
CA ILE A 67 -6.32 -1.05 9.37
C ILE A 67 -5.27 0.07 9.40
N LEU A 68 -5.49 1.14 8.64
CA LEU A 68 -4.54 2.26 8.55
C LEU A 68 -4.44 3.01 9.88
N LYS A 69 -5.54 3.15 10.64
CA LYS A 69 -5.52 3.74 11.98
C LYS A 69 -4.66 2.94 12.95
N GLU A 70 -4.77 1.61 12.99
CA GLU A 70 -3.88 0.76 13.80
C GLU A 70 -2.42 0.84 13.33
N ALA A 71 -2.22 0.84 12.01
CA ALA A 71 -0.89 0.81 11.40
C ALA A 71 -0.13 2.13 11.61
N LYS A 72 -0.81 3.28 11.57
CA LYS A 72 -0.28 4.59 11.89
C LYS A 72 0.10 4.71 13.37
N LYS A 73 -0.74 4.17 14.26
CA LYS A 73 -0.51 4.21 15.71
C LYS A 73 0.79 3.48 16.08
N GLN A 74 1.04 2.34 15.43
CA GLN A 74 2.26 1.54 15.59
C GLN A 74 3.47 2.13 14.83
N ASN A 75 3.26 2.59 13.59
CA ASN A 75 4.29 3.11 12.69
C ASN A 75 3.83 4.43 12.01
N PRO A 76 4.13 5.61 12.59
CA PRO A 76 3.65 6.90 12.04
C PRO A 76 4.38 7.34 10.75
N SER A 77 5.58 6.81 10.50
CA SER A 77 6.41 7.10 9.32
C SER A 77 6.06 6.25 8.08
N ALA A 78 5.20 5.25 8.21
CA ALA A 78 4.87 4.26 7.18
C ALA A 78 4.04 4.79 5.99
N THR A 79 3.53 6.03 6.09
CA THR A 79 2.88 6.82 5.02
C THR A 79 1.81 6.07 4.21
N PHE A 80 0.57 6.24 4.66
CA PHE A 80 -0.61 5.52 4.14
C PHE A 80 -1.34 6.37 3.08
N VAL A 81 -1.73 5.75 1.96
CA VAL A 81 -2.51 6.42 0.89
C VAL A 81 -3.72 5.58 0.50
N ARG A 82 -4.92 6.00 0.89
CA ARG A 82 -6.19 5.35 0.53
C ARG A 82 -6.55 5.62 -0.94
N LEU A 83 -6.84 4.56 -1.68
CA LEU A 83 -7.21 4.57 -3.09
C LEU A 83 -8.63 4.05 -3.29
N GLU A 84 -9.44 4.87 -3.96
CA GLU A 84 -10.89 4.68 -4.20
C GLU A 84 -11.35 5.40 -5.48
N GLY A 85 -10.91 6.64 -5.68
CA GLY A 85 -11.26 7.47 -6.85
C GLY A 85 -10.46 7.19 -8.13
N VAL A 86 -9.48 6.29 -8.09
CA VAL A 86 -8.61 5.90 -9.21
C VAL A 86 -8.88 4.44 -9.60
N SER A 87 -8.88 4.16 -10.91
CA SER A 87 -9.06 2.81 -11.46
C SER A 87 -7.93 1.84 -11.04
N PRO A 88 -8.19 0.52 -10.95
CA PRO A 88 -7.22 -0.48 -10.48
C PRO A 88 -6.02 -0.65 -11.44
N ASP A 89 -6.18 -0.33 -12.72
CA ASP A 89 -5.07 -0.23 -13.69
C ASP A 89 -4.29 1.10 -13.60
N ASP A 90 -4.96 2.19 -13.22
CA ASP A 90 -4.34 3.52 -13.04
C ASP A 90 -3.53 3.62 -11.74
N LEU A 91 -3.92 2.85 -10.72
CA LEU A 91 -3.18 2.62 -9.47
C LEU A 91 -1.69 2.32 -9.71
N ARG A 92 -1.32 1.69 -10.83
CA ARG A 92 0.09 1.39 -11.18
C ARG A 92 0.97 2.64 -11.16
N ARG A 93 0.46 3.75 -11.69
CA ARG A 93 1.14 5.06 -11.70
C ARG A 93 1.30 5.63 -10.29
N GLN A 94 0.27 5.49 -9.46
CA GLN A 94 0.26 5.96 -8.06
C GLN A 94 1.22 5.16 -7.17
N VAL A 95 1.29 3.84 -7.36
CA VAL A 95 2.22 2.95 -6.65
C VAL A 95 3.66 3.21 -7.08
N GLU A 96 3.91 3.27 -8.39
CA GLU A 96 5.25 3.53 -8.89
C GLU A 96 5.75 4.93 -8.52
N ASP A 97 4.91 5.98 -8.53
CA ASP A 97 5.31 7.32 -8.09
C ASP A 97 5.80 7.35 -6.62
N VAL A 98 5.18 6.53 -5.75
CA VAL A 98 5.66 6.31 -4.37
C VAL A 98 6.99 5.55 -4.36
N TRP A 99 7.21 4.59 -5.27
CA TRP A 99 8.50 3.90 -5.41
C TRP A 99 9.62 4.85 -5.88
N ARG A 100 9.40 5.62 -6.95
CA ARG A 100 10.37 6.61 -7.48
C ARG A 100 10.67 7.72 -6.44
N GLY A 101 9.65 8.14 -5.68
CA GLY A 101 9.77 9.10 -4.58
C GLY A 101 10.72 8.67 -3.46
N SER A 102 10.92 7.37 -3.24
CA SER A 102 11.91 6.86 -2.27
C SER A 102 13.37 7.14 -2.69
N LEU A 103 13.63 7.31 -4.00
CA LEU A 103 14.96 7.56 -4.57
C LEU A 103 15.19 9.05 -4.89
N GLU A 104 14.16 9.75 -5.38
CA GLU A 104 14.25 11.14 -5.85
C GLU A 104 14.11 12.16 -4.71
N HIS A 105 15.08 13.09 -4.62
CA HIS A 105 15.08 14.16 -3.60
C HIS A 105 13.94 15.17 -3.83
N HIS A 106 13.32 15.63 -2.73
CA HIS A 106 12.24 16.61 -2.70
C HIS A 106 11.07 16.29 -3.67
N HIS A 107 10.62 15.02 -3.69
CA HIS A 107 9.42 14.61 -4.42
C HIS A 107 8.14 15.25 -3.82
N HIS A 108 7.09 15.38 -4.64
CA HIS A 108 5.82 16.03 -4.28
C HIS A 108 4.63 15.06 -4.40
N HIS A 109 3.70 15.13 -3.43
CA HIS A 109 2.42 14.40 -3.47
C HIS A 109 1.32 15.16 -4.25
N HIS A 110 1.48 16.48 -4.42
CA HIS A 110 0.59 17.41 -5.15
C HIS A 110 -0.90 17.27 -4.79
#